data_8TZ2
#
_entry.id   8TZ2
#
_cell.length_a   1.00
_cell.length_b   1.00
_cell.length_c   1.00
_cell.angle_alpha   90.00
_cell.angle_beta   90.00
_cell.angle_gamma   90.00
#
_symmetry.space_group_name_H-M   'P 1'
#
loop_
_entity.id
_entity.type
_entity.pdbx_description
1 polymer 'Sodium/nucleoside cotransporter'
2 non-polymer 'SODIUM ION'
3 non-polymer 1-palmitoyl-2-oleoyl-sn-glycero-3-phosphocholine
4 water water
#
_entity_poly.entity_id   1
_entity_poly.type   'polypeptide(L)'
_entity_poly.pdbx_seq_one_letter_code
;MDYKDDDDKLEATMAMSSKISVELQRVAALPAQGCSNTGFQNDEDGFENQNPSGNDHSLRNRVVQNREHENGKQVEEHIT
IGQDSLRKDEEEEDDQETHRKGCLERMCGRMSDFCREHKTTLRYIIWGILIAGYLALVIAACVMNFHRALPLFVITVVAI
FFVVWDHLMAKYESQIARFLSPGQRLLDSHWFWLKWVIWGCLILGVILWLVFDTAKLGQQQLVSFGGLIIYTSLTFLFSK
HPTKVYWRPVFWGIGLQFLLGLLILRTEPGFMAFDWLGKQVQTFLGYSDAGASFVFGEKYTDHFFAFKVLPIVIFFSTVM
SMLYYLGLMQWIIRKVGWVMLVTMGTSPVESVVASGNIFIGQTESPLLVRPYLPYVTKSELHAIMTAGFSTIAGSVLGAY
ISFGVSSSHLLTASVMSAPAALAISKLFWPETETPKINLKNAMKMESGDSRNLLEAATQGASSSISLVANIAVNLIAFLA
LLSFMNSALSWLGNMFDYPQLSFEVICSYVFMPFAFMMGVDWQDSFMVAKLIGYKTFFNEFVAYQQLSKLISLRQVGGPK
FVDGVQQYMSMRSEAISTYALCGFANFGSLGIVIGGLTSMAPSRKRDITAGAMRALIAGTIACFLTACIAGMLTNTPVDI
NCHHILENAFNSGLVRNTTNVVSCCQGLLSSAVVKGPGEVIPTGNHSLYSLKNCCNLLNTPTLNCSWIPNVLSNS
;
_entity_poly.pdbx_strand_id   A,C,B
#
loop_
_chem_comp.id
_chem_comp.type
_chem_comp.name
_chem_comp.formula
LBN non-polymer 1-palmitoyl-2-oleoyl-sn-glycero-3-phosphocholine 'C42 H82 N O8 P'
NA non-polymer 'SODIUM ION' 'Na 1'
#
# COMPACT_ATOMS: atom_id res chain seq x y z
N GLU A 105 45.71 7.17 -26.93
CA GLU A 105 44.77 6.06 -26.78
C GLU A 105 44.56 5.35 -28.11
N ARG A 106 45.67 5.12 -28.83
CA ARG A 106 45.58 4.45 -30.13
C ARG A 106 45.03 3.03 -29.98
N MET A 107 45.45 2.33 -28.92
CA MET A 107 44.97 0.96 -28.72
C MET A 107 43.45 0.94 -28.51
N CYS A 108 42.92 1.91 -27.78
CA CYS A 108 41.48 1.96 -27.58
C CYS A 108 40.74 2.21 -28.89
N GLY A 109 41.27 3.10 -29.71
CA GLY A 109 40.67 3.31 -31.03
C GLY A 109 40.73 2.08 -31.89
N ARG A 110 41.85 1.35 -31.84
CA ARG A 110 41.95 0.10 -32.58
C ARG A 110 40.94 -0.92 -32.08
N MET A 111 40.77 -1.00 -30.76
CA MET A 111 39.80 -1.93 -30.19
C MET A 111 38.37 -1.55 -30.59
N SER A 112 38.05 -0.26 -30.57
CA SER A 112 36.74 0.20 -30.98
C SER A 112 36.49 -0.10 -32.46
N ASP A 113 37.49 0.12 -33.30
CA ASP A 113 37.35 -0.18 -34.73
C ASP A 113 37.15 -1.67 -34.95
N PHE A 114 37.93 -2.50 -34.25
CA PHE A 114 37.76 -3.95 -34.36
C PHE A 114 36.36 -4.38 -33.91
N CYS A 115 35.88 -3.80 -32.81
CA CYS A 115 34.55 -4.15 -32.33
C CYS A 115 33.47 -3.73 -33.33
N ARG A 116 33.61 -2.54 -33.91
CA ARG A 116 32.60 -2.05 -34.85
C ARG A 116 32.62 -2.87 -36.14
N GLU A 117 33.81 -3.23 -36.63
CA GLU A 117 33.92 -3.84 -37.95
C GLU A 117 33.21 -5.19 -38.01
N HIS A 118 33.36 -6.01 -36.97
CA HIS A 118 32.88 -7.38 -36.96
C HIS A 118 32.02 -7.65 -35.74
N LYS A 119 31.08 -6.73 -35.47
CA LYS A 119 30.21 -6.88 -34.32
C LYS A 119 29.33 -8.12 -34.43
N THR A 120 28.79 -8.38 -35.63
CA THR A 120 27.86 -9.49 -35.80
C THR A 120 28.55 -10.83 -35.56
N THR A 121 29.78 -11.00 -36.06
CA THR A 121 30.46 -12.28 -35.93
C THR A 121 30.93 -12.54 -34.50
N LEU A 122 31.29 -11.49 -33.77
CA LEU A 122 31.84 -11.67 -32.43
C LEU A 122 30.79 -12.22 -31.48
N ARG A 123 29.61 -11.61 -31.46
CA ARG A 123 28.54 -12.05 -30.56
C ARG A 123 27.97 -13.40 -30.99
N TYR A 124 27.88 -13.65 -32.30
CA TYR A 124 27.45 -14.96 -32.78
C TYR A 124 28.42 -16.04 -32.34
N ILE A 125 29.72 -15.77 -32.41
CA ILE A 125 30.71 -16.73 -31.97
C ILE A 125 30.59 -16.97 -30.47
N ILE A 126 30.37 -15.91 -29.69
CA ILE A 126 30.22 -16.07 -28.24
C ILE A 126 29.02 -16.94 -27.92
N TRP A 127 27.89 -16.67 -28.57
CA TRP A 127 26.69 -17.47 -28.35
C TRP A 127 26.92 -18.93 -28.76
N GLY A 128 27.61 -19.14 -29.88
CA GLY A 128 27.93 -20.50 -30.29
C GLY A 128 28.77 -21.23 -29.27
N ILE A 129 29.74 -20.52 -28.68
CA ILE A 129 30.59 -21.14 -27.65
C ILE A 129 29.74 -21.53 -26.45
N LEU A 130 28.83 -20.66 -26.02
CA LEU A 130 27.96 -20.99 -24.90
C LEU A 130 27.11 -22.22 -25.21
N ILE A 131 26.55 -22.28 -26.42
CA ILE A 131 25.73 -23.43 -26.81
C ILE A 131 26.57 -24.70 -26.79
N ALA A 132 27.80 -24.62 -27.30
CA ALA A 132 28.68 -25.78 -27.32
C ALA A 132 28.98 -26.24 -25.90
N GLY A 133 29.19 -25.30 -24.98
CA GLY A 133 29.40 -25.69 -23.59
C GLY A 133 28.20 -26.41 -23.00
N TYR A 134 27.00 -25.89 -23.24
CA TYR A 134 25.80 -26.56 -22.73
C TYR A 134 25.68 -27.96 -23.29
N LEU A 135 25.91 -28.11 -24.60
CA LEU A 135 25.82 -29.43 -25.22
C LEU A 135 26.87 -30.37 -24.66
N ALA A 136 28.08 -29.86 -24.40
CA ALA A 136 29.12 -30.69 -23.81
C ALA A 136 28.69 -31.19 -22.43
N LEU A 137 28.10 -30.30 -21.62
CA LEU A 137 27.63 -30.73 -20.31
C LEU A 137 26.58 -31.83 -20.45
N VAL A 138 25.64 -31.65 -21.38
CA VAL A 138 24.56 -32.63 -21.54
C VAL A 138 25.13 -33.98 -21.96
N ILE A 139 26.00 -33.97 -22.97
CA ILE A 139 26.53 -35.23 -23.49
C ILE A 139 27.38 -35.93 -22.44
N ALA A 140 28.19 -35.17 -21.69
CA ALA A 140 28.97 -35.77 -20.62
C ALA A 140 28.06 -36.38 -19.55
N ALA A 141 26.99 -35.69 -19.19
CA ALA A 141 26.06 -36.22 -18.21
C ALA A 141 25.44 -37.52 -18.69
N CYS A 142 25.07 -37.58 -19.97
CA CYS A 142 24.51 -38.81 -20.52
C CYS A 142 25.55 -39.92 -20.52
N VAL A 143 26.80 -39.59 -20.84
CA VAL A 143 27.85 -40.61 -20.89
C VAL A 143 28.09 -41.20 -19.51
N MET A 144 28.20 -40.35 -18.49
CA MET A 144 28.44 -40.85 -17.14
C MET A 144 27.29 -41.74 -16.68
N ASN A 145 26.05 -41.33 -16.95
CA ASN A 145 24.88 -42.13 -16.63
C ASN A 145 23.69 -41.60 -17.42
N PHE A 146 23.00 -42.49 -18.14
CA PHE A 146 21.93 -42.07 -19.04
C PHE A 146 20.58 -41.99 -18.34
N HIS A 147 20.24 -43.01 -17.55
CA HIS A 147 18.95 -43.03 -16.88
C HIS A 147 18.82 -41.84 -15.93
N ARG A 148 19.93 -41.44 -15.31
CA ARG A 148 19.90 -40.31 -14.39
C ARG A 148 19.79 -38.98 -15.13
N ALA A 149 20.32 -38.91 -16.35
CA ALA A 149 20.35 -37.68 -17.14
C ALA A 149 19.25 -37.61 -18.18
N LEU A 150 18.27 -38.51 -18.13
CA LEU A 150 17.25 -38.56 -19.17
C LEU A 150 16.44 -37.28 -19.28
N PRO A 151 15.89 -36.71 -18.21
CA PRO A 151 15.06 -35.50 -18.37
C PRO A 151 15.80 -34.34 -19.02
N LEU A 152 17.07 -34.16 -18.69
CA LEU A 152 17.85 -33.08 -19.32
C LEU A 152 17.95 -33.31 -20.83
N PHE A 153 18.20 -34.56 -21.22
CA PHE A 153 18.26 -34.88 -22.64
C PHE A 153 16.93 -34.63 -23.33
N VAL A 154 15.81 -34.99 -22.68
CA VAL A 154 14.50 -34.76 -23.27
C VAL A 154 14.26 -33.27 -23.47
N ILE A 155 14.57 -32.48 -22.45
CA ILE A 155 14.37 -31.04 -22.53
C ILE A 155 15.20 -30.46 -23.67
N THR A 156 16.47 -30.86 -23.76
CA THR A 156 17.33 -30.36 -24.83
C THR A 156 16.78 -30.74 -26.19
N VAL A 157 16.33 -31.98 -26.34
CA VAL A 157 15.82 -32.45 -27.63
C VAL A 157 14.60 -31.63 -28.05
N VAL A 158 13.66 -31.42 -27.13
CA VAL A 158 12.45 -30.70 -27.50
C VAL A 158 12.77 -29.24 -27.82
N ALA A 159 13.68 -28.63 -27.05
CA ALA A 159 14.06 -27.25 -27.35
C ALA A 159 14.69 -27.14 -28.72
N ILE A 160 15.59 -28.06 -29.07
CA ILE A 160 16.21 -28.05 -30.38
C ILE A 160 15.16 -28.22 -31.48
N PHE A 161 14.24 -29.16 -31.28
CA PHE A 161 13.20 -29.40 -32.28
C PHE A 161 12.39 -28.14 -32.51
N PHE A 162 11.96 -27.47 -31.44
CA PHE A 162 11.14 -26.29 -31.61
C PHE A 162 11.92 -25.15 -32.26
N VAL A 163 13.20 -24.99 -31.90
CA VAL A 163 13.99 -23.93 -32.54
C VAL A 163 14.10 -24.17 -34.03
N VAL A 164 14.44 -25.40 -34.42
CA VAL A 164 14.60 -25.70 -35.84
C VAL A 164 13.26 -25.53 -36.56
N TRP A 165 12.19 -25.99 -35.94
CA TRP A 165 10.86 -25.86 -36.54
C TRP A 165 10.51 -24.40 -36.79
N ASP A 166 10.69 -23.54 -35.79
CA ASP A 166 10.35 -22.13 -35.96
C ASP A 166 11.21 -21.49 -37.04
N HIS A 167 12.51 -21.82 -37.07
CA HIS A 167 13.36 -21.25 -38.11
C HIS A 167 12.88 -21.67 -39.49
N LEU A 168 12.55 -22.95 -39.66
CA LEU A 168 12.09 -23.42 -40.96
C LEU A 168 10.78 -22.76 -41.37
N MET A 169 9.83 -22.67 -40.44
CA MET A 169 8.56 -22.04 -40.78
C MET A 169 8.75 -20.58 -41.17
N ALA A 170 9.61 -19.87 -40.43
CA ALA A 170 9.87 -18.47 -40.76
C ALA A 170 10.54 -18.34 -42.13
N LYS A 171 11.47 -19.23 -42.45
CA LYS A 171 12.22 -19.09 -43.69
C LYS A 171 11.44 -19.57 -44.91
N TYR A 172 10.76 -20.70 -44.80
CA TYR A 172 10.12 -21.36 -45.94
C TYR A 172 8.60 -21.21 -45.93
N GLU A 173 8.08 -20.11 -45.39
CA GLU A 173 6.64 -19.95 -45.30
C GLU A 173 5.98 -19.89 -46.67
N SER A 174 6.56 -19.12 -47.59
CA SER A 174 5.96 -18.97 -48.92
C SER A 174 5.93 -20.29 -49.67
N GLN A 175 7.05 -21.04 -49.63
CA GLN A 175 7.09 -22.30 -50.35
C GLN A 175 6.07 -23.28 -49.80
N ILE A 176 5.94 -23.33 -48.47
CA ILE A 176 4.98 -24.26 -47.86
C ILE A 176 3.55 -23.86 -48.22
N ALA A 177 3.25 -22.56 -48.19
CA ALA A 177 1.92 -22.11 -48.56
C ALA A 177 1.61 -22.45 -50.02
N ARG A 178 2.57 -22.21 -50.91
CA ARG A 178 2.37 -22.55 -52.31
C ARG A 178 2.18 -24.04 -52.49
N PHE A 179 2.95 -24.85 -51.75
CA PHE A 179 2.83 -26.30 -51.83
C PHE A 179 1.46 -26.77 -51.36
N LEU A 180 0.92 -26.13 -50.31
CA LEU A 180 -0.39 -26.51 -49.79
C LEU A 180 -1.53 -26.00 -50.66
N SER A 181 -1.30 -24.95 -51.46
CA SER A 181 -2.40 -24.33 -52.18
C SER A 181 -3.20 -25.30 -53.03
N PRO A 182 -2.59 -26.17 -53.84
CA PRO A 182 -3.39 -27.06 -54.71
C PRO A 182 -4.40 -27.90 -53.96
N GLY A 183 -4.01 -28.50 -52.83
CA GLY A 183 -4.95 -29.33 -52.10
C GLY A 183 -6.12 -28.52 -51.57
N GLN A 184 -5.86 -27.29 -51.14
CA GLN A 184 -6.95 -26.42 -50.71
C GLN A 184 -7.90 -26.12 -51.85
N ARG A 185 -7.36 -25.89 -53.05
CA ARG A 185 -8.23 -25.65 -54.20
C ARG A 185 -9.09 -26.86 -54.52
N LEU A 186 -8.49 -28.06 -54.49
CA LEU A 186 -9.25 -29.27 -54.76
C LEU A 186 -10.35 -29.48 -53.72
N LEU A 187 -10.02 -29.27 -52.44
CA LEU A 187 -11.00 -29.40 -51.38
C LEU A 187 -12.11 -28.37 -51.55
N ASP A 188 -11.76 -27.14 -51.93
CA ASP A 188 -12.79 -26.14 -52.17
C ASP A 188 -13.70 -26.57 -53.32
N SER A 189 -13.13 -27.19 -54.34
CA SER A 189 -13.93 -27.63 -55.49
C SER A 189 -14.92 -28.71 -55.09
N HIS A 190 -14.48 -29.68 -54.29
CA HIS A 190 -15.34 -30.82 -53.94
C HIS A 190 -16.12 -30.62 -52.64
N TRP A 191 -15.97 -29.48 -51.97
CA TRP A 191 -16.58 -29.27 -50.67
C TRP A 191 -18.10 -29.22 -50.72
N PHE A 192 -18.70 -28.74 -51.81
CA PHE A 192 -20.13 -28.57 -51.86
C PHE A 192 -20.85 -29.89 -51.59
N TRP A 193 -20.25 -31.00 -51.98
CA TRP A 193 -20.80 -32.32 -51.70
C TRP A 193 -20.09 -33.04 -50.57
N LEU A 194 -18.81 -32.72 -50.30
CA LEU A 194 -18.09 -33.41 -49.24
C LEU A 194 -18.47 -32.94 -47.84
N LYS A 195 -19.08 -31.75 -47.73
CA LYS A 195 -19.43 -31.23 -46.40
C LYS A 195 -20.47 -32.12 -45.73
N TRP A 196 -21.44 -32.60 -46.50
CA TRP A 196 -22.47 -33.46 -45.93
C TRP A 196 -21.87 -34.76 -45.42
N VAL A 197 -20.93 -35.34 -46.16
CA VAL A 197 -20.31 -36.58 -45.73
C VAL A 197 -19.56 -36.37 -44.43
N ILE A 198 -18.77 -35.29 -44.36
CA ILE A 198 -17.98 -35.05 -43.15
C ILE A 198 -18.90 -34.81 -41.95
N TRP A 199 -19.94 -33.99 -42.13
CA TRP A 199 -20.85 -33.70 -41.03
C TRP A 199 -21.57 -34.95 -40.56
N GLY A 200 -22.02 -35.79 -41.51
CA GLY A 200 -22.69 -37.03 -41.12
C GLY A 200 -21.77 -37.96 -40.36
N CYS A 201 -20.51 -38.05 -40.79
CA CYS A 201 -19.56 -38.88 -40.05
C CYS A 201 -19.36 -38.38 -38.63
N LEU A 202 -19.26 -37.05 -38.47
CA LEU A 202 -19.10 -36.50 -37.13
C LEU A 202 -20.32 -36.79 -36.26
N ILE A 203 -21.52 -36.60 -36.82
CA ILE A 203 -22.74 -36.86 -36.04
C ILE A 203 -22.83 -38.33 -35.65
N LEU A 204 -22.50 -39.22 -36.58
CA LEU A 204 -22.51 -40.65 -36.29
C LEU A 204 -21.52 -40.98 -35.18
N GLY A 205 -20.32 -40.39 -35.23
CA GLY A 205 -19.36 -40.62 -34.18
C GLY A 205 -19.86 -40.16 -32.82
N VAL A 206 -20.52 -39.00 -32.78
CA VAL A 206 -21.07 -38.52 -31.51
C VAL A 206 -22.11 -39.49 -30.98
N ILE A 207 -23.01 -39.95 -31.85
CA ILE A 207 -24.06 -40.87 -31.42
C ILE A 207 -23.45 -42.16 -30.88
N LEU A 208 -22.45 -42.69 -31.60
CA LEU A 208 -21.81 -43.93 -31.16
C LEU A 208 -21.11 -43.74 -29.82
N TRP A 209 -20.41 -42.62 -29.65
CA TRP A 209 -19.74 -42.38 -28.38
C TRP A 209 -20.75 -42.35 -27.26
N LEU A 210 -21.86 -41.62 -27.45
CA LEU A 210 -22.88 -41.60 -26.41
C LEU A 210 -23.35 -43.00 -26.09
N VAL A 211 -23.78 -43.75 -27.11
CA VAL A 211 -24.42 -45.04 -26.87
C VAL A 211 -23.48 -46.00 -26.16
N PHE A 212 -22.21 -46.04 -26.58
CA PHE A 212 -21.33 -47.10 -26.12
C PHE A 212 -20.42 -46.71 -24.95
N ASP A 213 -20.31 -45.43 -24.60
CA ASP A 213 -19.59 -45.03 -23.41
C ASP A 213 -20.46 -44.29 -22.41
N THR A 214 -21.17 -43.24 -22.84
CA THR A 214 -21.86 -42.38 -21.89
C THR A 214 -23.01 -43.12 -21.23
N ALA A 215 -23.76 -43.89 -22.02
CA ALA A 215 -24.83 -44.70 -21.46
C ALA A 215 -24.28 -45.76 -20.51
N LYS A 216 -23.14 -46.34 -20.84
CA LYS A 216 -22.51 -47.31 -19.96
C LYS A 216 -22.12 -46.68 -18.63
N LEU A 217 -21.60 -45.45 -18.67
CA LEU A 217 -21.17 -44.79 -17.44
C LEU A 217 -22.36 -44.54 -16.51
N GLY A 218 -23.47 -44.05 -17.04
CA GLY A 218 -24.66 -43.91 -16.24
C GLY A 218 -25.51 -42.73 -16.70
N GLN A 219 -26.56 -42.49 -15.91
CA GLN A 219 -27.54 -41.45 -16.22
C GLN A 219 -26.93 -40.05 -16.07
N GLN A 220 -26.09 -39.85 -15.06
CA GLN A 220 -25.59 -38.51 -14.77
C GLN A 220 -24.76 -37.96 -15.92
N GLN A 221 -24.03 -38.83 -16.63
CA GLN A 221 -23.23 -38.37 -17.75
C GLN A 221 -24.11 -37.93 -18.91
N LEU A 222 -25.19 -38.67 -19.15
CA LEU A 222 -26.16 -38.25 -20.16
C LEU A 222 -26.80 -36.92 -19.77
N VAL A 223 -27.05 -36.72 -18.48
CA VAL A 223 -27.58 -35.44 -18.02
C VAL A 223 -26.56 -34.33 -18.26
N SER A 224 -25.27 -34.65 -18.11
CA SER A 224 -24.24 -33.66 -18.41
C SER A 224 -24.28 -33.26 -19.89
N PHE A 225 -24.43 -34.24 -20.77
CA PHE A 225 -24.56 -33.91 -22.20
C PHE A 225 -25.80 -33.07 -22.48
N GLY A 226 -26.93 -33.44 -21.87
CA GLY A 226 -28.13 -32.65 -22.02
C GLY A 226 -27.96 -31.23 -21.52
N GLY A 227 -27.25 -31.07 -20.42
CA GLY A 227 -26.98 -29.73 -19.90
C GLY A 227 -26.10 -28.92 -20.83
N LEU A 228 -25.13 -29.58 -21.46
CA LEU A 228 -24.35 -28.91 -22.49
C LEU A 228 -25.27 -28.35 -23.57
N ILE A 229 -26.17 -29.20 -24.08
CA ILE A 229 -27.09 -28.75 -25.11
C ILE A 229 -27.95 -27.59 -24.62
N ILE A 230 -28.45 -27.71 -23.38
CA ILE A 230 -29.39 -26.71 -22.88
C ILE A 230 -28.71 -25.37 -22.66
N TYR A 231 -27.49 -25.37 -22.13
CA TYR A 231 -26.78 -24.11 -21.97
C TYR A 231 -26.51 -23.46 -23.33
N THR A 232 -26.13 -24.27 -24.33
CA THR A 232 -25.90 -23.68 -25.64
C THR A 232 -27.21 -23.09 -26.21
N SER A 233 -28.31 -23.81 -26.05
CA SER A 233 -29.59 -23.32 -26.57
C SER A 233 -30.00 -22.03 -25.87
N LEU A 234 -29.84 -21.97 -24.55
CA LEU A 234 -30.17 -20.74 -23.83
C LEU A 234 -29.29 -19.58 -24.28
N THR A 235 -28.01 -19.86 -24.55
CA THR A 235 -27.15 -18.81 -25.07
C THR A 235 -27.67 -18.31 -26.41
N PHE A 236 -28.13 -19.22 -27.27
CA PHE A 236 -28.62 -18.80 -28.57
C PHE A 236 -29.90 -17.98 -28.46
N LEU A 237 -30.84 -18.44 -27.63
CA LEU A 237 -32.14 -17.79 -27.57
C LEU A 237 -32.03 -16.35 -27.10
N PHE A 238 -31.17 -16.10 -26.10
CA PHE A 238 -30.97 -14.76 -25.55
C PHE A 238 -29.81 -14.03 -26.22
N SER A 239 -29.52 -14.37 -27.48
CA SER A 239 -28.38 -13.77 -28.17
C SER A 239 -28.68 -12.34 -28.59
N LYS A 240 -27.61 -11.53 -28.69
CA LYS A 240 -27.77 -10.15 -29.14
C LYS A 240 -28.28 -10.09 -30.57
N HIS A 241 -27.74 -10.94 -31.45
CA HIS A 241 -28.11 -10.97 -32.86
C HIS A 241 -28.37 -12.42 -33.25
N PRO A 242 -29.52 -12.97 -32.89
CA PRO A 242 -29.78 -14.39 -33.16
C PRO A 242 -29.74 -14.74 -34.64
N THR A 243 -29.99 -13.78 -35.53
CA THR A 243 -30.00 -14.04 -36.96
C THR A 243 -28.65 -13.88 -37.63
N LYS A 244 -27.64 -13.39 -36.90
CA LYS A 244 -26.31 -13.13 -37.45
C LYS A 244 -25.28 -14.14 -36.96
N VAL A 245 -25.71 -15.32 -36.51
CA VAL A 245 -24.82 -16.25 -35.85
C VAL A 245 -23.97 -17.00 -36.87
N TYR A 246 -22.66 -17.00 -36.65
CA TYR A 246 -21.71 -17.79 -37.42
C TYR A 246 -21.37 -19.04 -36.60
N TRP A 247 -21.83 -20.19 -37.07
CA TRP A 247 -21.86 -21.40 -36.26
C TRP A 247 -20.54 -22.18 -36.25
N ARG A 248 -19.58 -21.82 -37.11
CA ARG A 248 -18.31 -22.54 -37.13
C ARG A 248 -17.57 -22.45 -35.80
N PRO A 249 -17.32 -21.28 -35.23
CA PRO A 249 -16.59 -21.21 -33.96
C PRO A 249 -17.27 -21.94 -32.83
N VAL A 250 -18.61 -21.95 -32.80
CA VAL A 250 -19.31 -22.60 -31.69
C VAL A 250 -19.00 -24.09 -31.66
N PHE A 251 -19.22 -24.76 -32.79
CA PHE A 251 -18.99 -26.20 -32.86
C PHE A 251 -17.52 -26.51 -32.74
N TRP A 252 -16.65 -25.69 -33.32
CA TRP A 252 -15.22 -25.99 -33.23
C TRP A 252 -14.73 -25.85 -31.79
N GLY A 253 -15.23 -24.86 -31.04
CA GLY A 253 -14.83 -24.74 -29.65
C GLY A 253 -15.33 -25.89 -28.80
N ILE A 254 -16.58 -26.29 -29.00
CA ILE A 254 -17.10 -27.42 -28.24
C ILE A 254 -16.31 -28.68 -28.57
N GLY A 255 -15.99 -28.87 -29.86
CA GLY A 255 -15.21 -30.02 -30.25
C GLY A 255 -13.80 -30.01 -29.68
N LEU A 256 -13.17 -28.84 -29.65
CA LEU A 256 -11.83 -28.75 -29.06
C LEU A 256 -11.86 -29.07 -27.58
N GLN A 257 -12.88 -28.58 -26.87
CA GLN A 257 -13.03 -28.95 -25.47
C GLN A 257 -13.19 -30.45 -25.31
N PHE A 258 -14.03 -31.06 -26.14
CA PHE A 258 -14.24 -32.50 -26.05
C PHE A 258 -12.95 -33.27 -26.33
N LEU A 259 -12.19 -32.84 -27.34
CA LEU A 259 -10.94 -33.52 -27.68
C LEU A 259 -9.92 -33.40 -26.54
N LEU A 260 -9.77 -32.20 -25.97
CA LEU A 260 -8.88 -32.04 -24.82
C LEU A 260 -9.32 -32.93 -23.68
N GLY A 261 -10.62 -32.98 -23.41
CA GLY A 261 -11.12 -33.83 -22.34
C GLY A 261 -10.82 -35.30 -22.58
N LEU A 262 -11.03 -35.78 -23.82
CA LEU A 262 -10.69 -37.16 -24.13
C LEU A 262 -9.20 -37.41 -23.93
N LEU A 263 -8.37 -36.49 -24.40
CA LEU A 263 -6.92 -36.68 -24.32
C LEU A 263 -6.43 -36.73 -22.88
N ILE A 264 -6.96 -35.85 -22.03
CA ILE A 264 -6.41 -35.68 -20.69
C ILE A 264 -7.09 -36.60 -19.67
N LEU A 265 -8.39 -36.80 -19.79
CA LEU A 265 -9.16 -37.54 -18.79
C LEU A 265 -9.37 -39.01 -19.17
N ARG A 266 -9.11 -39.40 -20.42
CA ARG A 266 -9.49 -40.71 -20.91
C ARG A 266 -8.34 -41.43 -21.59
N THR A 267 -7.12 -40.95 -21.44
CA THR A 267 -5.95 -41.61 -22.00
C THR A 267 -4.83 -41.59 -20.96
N GLU A 268 -4.09 -42.70 -20.88
CA GLU A 268 -2.99 -42.77 -19.93
C GLU A 268 -1.92 -41.72 -20.22
N PRO A 269 -1.49 -41.50 -21.46
CA PRO A 269 -0.46 -40.46 -21.69
C PRO A 269 -0.85 -39.10 -21.16
N GLY A 270 -2.03 -38.59 -21.52
CA GLY A 270 -2.41 -37.25 -21.09
C GLY A 270 -2.64 -37.17 -19.59
N PHE A 271 -3.28 -38.19 -19.02
CA PHE A 271 -3.50 -38.24 -17.58
C PHE A 271 -2.18 -38.18 -16.83
N MET A 272 -1.21 -38.98 -17.26
CA MET A 272 0.10 -38.95 -16.63
C MET A 272 0.78 -37.60 -16.83
N ALA A 273 0.71 -37.04 -18.04
CA ALA A 273 1.36 -35.77 -18.31
C ALA A 273 0.84 -34.68 -17.40
N PHE A 274 -0.49 -34.58 -17.26
CA PHE A 274 -1.04 -33.52 -16.44
C PHE A 274 -0.93 -33.80 -14.95
N ASP A 275 -0.91 -35.06 -14.52
CA ASP A 275 -0.62 -35.35 -13.12
C ASP A 275 0.81 -34.92 -12.77
N TRP A 276 1.76 -35.23 -13.65
CA TRP A 276 3.13 -34.79 -13.46
C TRP A 276 3.23 -33.27 -13.44
N LEU A 277 2.54 -32.61 -14.38
CA LEU A 277 2.56 -31.15 -14.44
C LEU A 277 1.98 -30.55 -13.16
N GLY A 278 0.90 -31.12 -12.64
CA GLY A 278 0.35 -30.65 -11.38
C GLY A 278 1.31 -30.86 -10.22
N LYS A 279 2.00 -32.00 -10.20
CA LYS A 279 2.93 -32.28 -9.11
C LYS A 279 4.12 -31.33 -9.13
N GLN A 280 4.57 -30.92 -10.31
CA GLN A 280 5.69 -29.97 -10.37
C GLN A 280 5.29 -28.64 -9.74
N VAL A 281 4.06 -28.20 -9.94
CA VAL A 281 3.61 -26.93 -9.39
C VAL A 281 3.60 -26.99 -7.86
N GLN A 282 3.19 -28.12 -7.29
CA GLN A 282 3.20 -28.28 -5.85
C GLN A 282 4.62 -28.17 -5.30
N THR A 283 5.58 -28.78 -5.97
CA THR A 283 6.98 -28.60 -5.57
C THR A 283 7.41 -27.15 -5.72
N PHE A 284 6.97 -26.49 -6.79
CA PHE A 284 7.39 -25.12 -7.04
C PHE A 284 6.89 -24.17 -5.97
N LEU A 285 5.67 -24.35 -5.48
CA LEU A 285 5.12 -23.41 -4.52
C LEU A 285 5.76 -23.53 -3.13
N GLY A 286 6.58 -24.55 -2.90
CA GLY A 286 7.23 -24.71 -1.61
C GLY A 286 8.45 -23.83 -1.41
N TYR A 287 9.01 -23.30 -2.49
CA TYR A 287 10.20 -22.45 -2.39
C TYR A 287 9.92 -21.13 -1.72
N SER A 288 8.67 -20.64 -1.75
CA SER A 288 8.35 -19.37 -1.11
C SER A 288 8.52 -19.43 0.40
N ASP A 289 8.54 -20.63 0.97
CA ASP A 289 8.68 -20.77 2.42
C ASP A 289 10.02 -20.24 2.90
N ALA A 290 11.04 -20.27 2.04
CA ALA A 290 12.35 -19.76 2.43
C ALA A 290 12.29 -18.27 2.76
N GLY A 291 11.63 -17.49 1.91
CA GLY A 291 11.47 -16.07 2.21
C GLY A 291 10.47 -15.82 3.32
N ALA A 292 9.38 -16.58 3.34
CA ALA A 292 8.36 -16.36 4.37
C ALA A 292 8.93 -16.65 5.76
N SER A 293 9.82 -17.65 5.87
CA SER A 293 10.39 -17.99 7.16
C SER A 293 11.33 -16.91 7.68
N PHE A 294 11.99 -16.17 6.79
CA PHE A 294 12.85 -15.08 7.24
C PHE A 294 12.04 -13.85 7.56
N VAL A 295 11.19 -13.40 6.63
CA VAL A 295 10.46 -12.16 6.85
C VAL A 295 9.55 -12.29 8.07
N PHE A 296 8.89 -13.44 8.22
CA PHE A 296 7.89 -13.63 9.26
C PHE A 296 8.30 -14.64 10.32
N GLY A 297 9.51 -15.19 10.23
CA GLY A 297 10.03 -16.05 11.27
C GLY A 297 9.60 -17.49 11.13
N GLU A 298 10.13 -18.32 12.03
CA GLU A 298 9.78 -19.73 12.07
C GLU A 298 8.36 -19.96 12.56
N LYS A 299 7.71 -18.93 13.10
CA LYS A 299 6.32 -19.00 13.53
C LYS A 299 5.37 -18.48 12.45
N TYR A 300 5.84 -18.37 11.21
CA TYR A 300 4.99 -17.89 10.12
C TYR A 300 3.80 -18.82 9.89
N THR A 301 3.88 -20.05 10.37
CA THR A 301 2.76 -20.98 10.26
C THR A 301 1.68 -20.74 11.29
N ASP A 302 1.92 -19.88 12.28
CA ASP A 302 0.86 -19.48 13.20
C ASP A 302 -0.24 -18.71 12.49
N HIS A 303 0.08 -18.08 11.36
CA HIS A 303 -0.87 -17.33 10.56
C HIS A 303 -0.73 -17.88 9.15
N PHE A 304 -1.49 -18.94 8.85
CA PHE A 304 -1.22 -19.73 7.66
C PHE A 304 -1.46 -18.93 6.39
N PHE A 305 -2.65 -18.36 6.24
CA PHE A 305 -2.98 -17.69 4.99
C PHE A 305 -2.05 -16.50 4.75
N ALA A 306 -1.97 -15.59 5.73
CA ALA A 306 -1.31 -14.32 5.49
C ALA A 306 0.19 -14.49 5.27
N PHE A 307 0.82 -15.37 6.05
CA PHE A 307 2.27 -15.50 6.04
C PHE A 307 2.78 -16.72 5.31
N LYS A 308 1.91 -17.53 4.71
CA LYS A 308 2.37 -18.65 3.90
C LYS A 308 1.74 -18.70 2.52
N VAL A 309 0.48 -18.28 2.39
CA VAL A 309 -0.22 -18.42 1.11
C VAL A 309 0.03 -17.22 0.21
N LEU A 310 -0.07 -16.01 0.74
CA LEU A 310 0.19 -14.83 -0.07
C LEU A 310 1.62 -14.78 -0.60
N PRO A 311 2.65 -15.16 0.17
CA PRO A 311 3.99 -15.24 -0.41
C PRO A 311 4.06 -16.12 -1.64
N ILE A 312 3.22 -17.16 -1.72
CA ILE A 312 3.16 -17.96 -2.94
C ILE A 312 2.71 -17.10 -4.11
N VAL A 313 1.70 -16.25 -3.88
CA VAL A 313 1.24 -15.34 -4.93
C VAL A 313 2.38 -14.41 -5.35
N ILE A 314 3.12 -13.89 -4.38
CA ILE A 314 4.22 -12.98 -4.69
C ILE A 314 5.25 -13.68 -5.58
N PHE A 315 5.64 -14.89 -5.19
CA PHE A 315 6.65 -15.64 -5.92
C PHE A 315 6.17 -15.98 -7.32
N PHE A 316 4.91 -16.40 -7.45
CA PHE A 316 4.40 -16.74 -8.77
C PHE A 316 4.33 -15.53 -9.68
N SER A 317 3.93 -14.37 -9.15
CA SER A 317 3.95 -13.15 -9.95
C SER A 317 5.36 -12.81 -10.39
N THR A 318 6.34 -12.95 -9.50
CA THR A 318 7.73 -12.70 -9.87
C THR A 318 8.15 -13.61 -11.02
N VAL A 319 7.85 -14.90 -10.92
CA VAL A 319 8.26 -15.84 -11.95
C VAL A 319 7.58 -15.53 -13.28
N MET A 320 6.28 -15.16 -13.23
CA MET A 320 5.58 -14.84 -14.47
C MET A 320 6.19 -13.59 -15.12
N SER A 321 6.58 -12.60 -14.33
CA SER A 321 7.23 -11.42 -14.91
C SER A 321 8.57 -11.81 -15.54
N MET A 322 9.33 -12.68 -14.90
CA MET A 322 10.59 -13.11 -15.48
C MET A 322 10.35 -13.83 -16.81
N LEU A 323 9.37 -14.72 -16.86
CA LEU A 323 9.07 -15.45 -18.09
C LEU A 323 8.59 -14.51 -19.18
N TYR A 324 7.80 -13.50 -18.84
CA TYR A 324 7.38 -12.53 -19.83
C TYR A 324 8.58 -11.77 -20.38
N TYR A 325 9.55 -11.45 -19.52
CA TYR A 325 10.78 -10.82 -20.02
C TYR A 325 11.51 -11.74 -20.99
N LEU A 326 11.63 -13.03 -20.66
CA LEU A 326 12.38 -13.94 -21.50
C LEU A 326 11.67 -14.25 -22.82
N GLY A 327 10.37 -14.01 -22.90
CA GLY A 327 9.63 -14.24 -24.14
C GLY A 327 9.09 -15.64 -24.35
N LEU A 328 9.09 -16.48 -23.32
CA LEU A 328 8.54 -17.82 -23.45
C LEU A 328 7.02 -17.80 -23.46
N MET A 329 6.43 -16.96 -22.60
CA MET A 329 4.99 -16.92 -22.45
C MET A 329 4.33 -16.48 -23.75
N GLN A 330 4.90 -15.48 -24.42
CA GLN A 330 4.37 -15.04 -25.70
C GLN A 330 4.47 -16.15 -26.74
N TRP A 331 5.53 -16.95 -26.69
CA TRP A 331 5.68 -18.07 -27.63
C TRP A 331 4.56 -19.08 -27.48
N ILE A 332 4.29 -19.51 -26.23
CA ILE A 332 3.21 -20.46 -26.00
C ILE A 332 1.88 -19.86 -26.41
N ILE A 333 1.68 -18.59 -26.07
CA ILE A 333 0.44 -17.89 -26.39
C ILE A 333 0.22 -17.87 -27.90
N ARG A 334 1.28 -17.56 -28.66
CA ARG A 334 1.15 -17.50 -30.10
C ARG A 334 0.78 -18.86 -30.68
N LYS A 335 1.39 -19.92 -30.16
CA LYS A 335 1.05 -21.25 -30.67
C LYS A 335 -0.42 -21.58 -30.45
N VAL A 336 -0.89 -21.40 -29.21
CA VAL A 336 -2.27 -21.78 -28.90
C VAL A 336 -3.25 -20.88 -29.66
N GLY A 337 -2.96 -19.58 -29.73
CA GLY A 337 -3.81 -18.68 -30.47
C GLY A 337 -3.85 -19.00 -31.95
N TRP A 338 -2.73 -19.45 -32.51
CA TRP A 338 -2.76 -19.84 -33.91
C TRP A 338 -3.65 -21.05 -34.12
N VAL A 339 -3.58 -22.03 -33.23
CA VAL A 339 -4.46 -23.19 -33.37
C VAL A 339 -5.91 -22.75 -33.36
N MET A 340 -6.29 -21.97 -32.35
CA MET A 340 -7.69 -21.55 -32.23
C MET A 340 -8.11 -20.68 -33.41
N LEU A 341 -7.20 -19.83 -33.90
CA LEU A 341 -7.52 -18.98 -35.05
C LEU A 341 -7.76 -19.81 -36.30
N VAL A 342 -6.94 -20.83 -36.52
CA VAL A 342 -7.06 -21.57 -37.77
C VAL A 342 -8.25 -22.52 -37.74
N THR A 343 -8.64 -23.01 -36.56
CA THR A 343 -9.78 -23.92 -36.53
C THR A 343 -11.11 -23.18 -36.44
N MET A 344 -11.26 -22.29 -35.46
CA MET A 344 -12.53 -21.64 -35.18
C MET A 344 -12.78 -20.43 -36.06
N GLY A 345 -11.78 -19.94 -36.78
CA GLY A 345 -11.97 -18.78 -37.63
C GLY A 345 -12.17 -17.48 -36.88
N THR A 346 -11.71 -17.41 -35.63
CA THR A 346 -11.86 -16.22 -34.84
C THR A 346 -10.82 -15.17 -35.23
N SER A 347 -11.10 -13.92 -34.85
CA SER A 347 -10.20 -12.83 -35.19
C SER A 347 -8.88 -12.96 -34.43
N PRO A 348 -7.79 -12.46 -35.01
CA PRO A 348 -6.48 -12.59 -34.33
C PRO A 348 -6.43 -12.00 -32.94
N VAL A 349 -7.06 -10.84 -32.74
CA VAL A 349 -6.94 -10.15 -31.46
C VAL A 349 -7.61 -10.94 -30.35
N GLU A 350 -8.84 -11.40 -30.59
CA GLU A 350 -9.55 -12.14 -29.56
C GLU A 350 -8.94 -13.51 -29.34
N SER A 351 -8.39 -14.13 -30.38
CA SER A 351 -7.67 -15.40 -30.20
C SER A 351 -6.44 -15.20 -29.32
N VAL A 352 -5.69 -14.14 -29.57
CA VAL A 352 -4.49 -13.88 -28.78
C VAL A 352 -4.86 -13.61 -27.33
N VAL A 353 -5.91 -12.81 -27.11
CA VAL A 353 -6.29 -12.48 -25.74
C VAL A 353 -6.86 -13.70 -25.03
N ALA A 354 -7.60 -14.55 -25.74
CA ALA A 354 -8.14 -15.77 -25.14
C ALA A 354 -7.03 -16.72 -24.75
N SER A 355 -6.05 -16.91 -25.63
CA SER A 355 -4.91 -17.75 -25.28
C SER A 355 -4.10 -17.16 -24.14
N GLY A 356 -3.93 -15.83 -24.13
CA GLY A 356 -3.19 -15.19 -23.05
C GLY A 356 -3.88 -15.31 -21.71
N ASN A 357 -5.21 -15.27 -21.70
CA ASN A 357 -5.94 -15.31 -20.44
C ASN A 357 -5.79 -16.65 -19.72
N ILE A 358 -5.30 -17.68 -20.40
CA ILE A 358 -5.02 -18.94 -19.72
C ILE A 358 -4.01 -18.73 -18.61
N PHE A 359 -3.03 -17.85 -18.83
CA PHE A 359 -1.94 -17.62 -17.89
C PHE A 359 -2.03 -16.30 -17.16
N ILE A 360 -2.70 -15.30 -17.74
CA ILE A 360 -2.65 -13.92 -17.28
C ILE A 360 -4.03 -13.49 -16.82
N GLY A 361 -4.06 -12.57 -15.84
CA GLY A 361 -5.32 -12.09 -15.32
C GLY A 361 -6.09 -11.22 -16.29
N GLN A 362 -7.40 -11.11 -16.05
CA GLN A 362 -8.26 -10.33 -16.93
C GLN A 362 -7.78 -8.89 -17.09
N THR A 363 -7.29 -8.29 -16.01
CA THR A 363 -6.90 -6.89 -16.03
C THR A 363 -5.57 -6.64 -16.73
N GLU A 364 -4.78 -7.68 -17.01
CA GLU A 364 -3.48 -7.52 -17.63
C GLU A 364 -3.36 -8.17 -19.00
N SER A 365 -4.30 -9.02 -19.38
CA SER A 365 -4.24 -9.72 -20.65
C SER A 365 -4.48 -8.78 -21.83
N PRO A 366 -5.39 -7.80 -21.71
CA PRO A 366 -5.57 -6.85 -22.82
C PRO A 366 -4.34 -6.03 -23.14
N LEU A 367 -3.40 -5.90 -22.20
CA LEU A 367 -2.16 -5.19 -22.48
C LEU A 367 -1.36 -5.84 -23.61
N LEU A 368 -1.64 -7.10 -23.92
CA LEU A 368 -0.98 -7.76 -25.03
C LEU A 368 -1.32 -7.10 -26.36
N VAL A 369 -2.48 -6.45 -26.45
CA VAL A 369 -2.94 -5.82 -27.69
C VAL A 369 -3.30 -4.37 -27.42
N ARG A 370 -2.63 -3.75 -26.45
CA ARG A 370 -3.03 -2.41 -26.02
C ARG A 370 -3.10 -1.42 -27.16
N PRO A 371 -2.14 -1.36 -28.08
CA PRO A 371 -2.20 -0.34 -29.14
C PRO A 371 -3.45 -0.44 -30.00
N TYR A 372 -3.97 -1.65 -30.21
CA TYR A 372 -5.03 -1.89 -31.18
C TYR A 372 -6.42 -1.91 -30.58
N LEU A 373 -6.55 -1.65 -29.28
CA LEU A 373 -7.83 -1.71 -28.60
C LEU A 373 -8.83 -0.70 -29.14
N PRO A 374 -8.42 0.55 -29.43
CA PRO A 374 -9.40 1.54 -29.90
C PRO A 374 -10.10 1.15 -31.18
N TYR A 375 -9.51 0.25 -31.98
CA TYR A 375 -10.05 -0.09 -33.29
C TYR A 375 -10.75 -1.44 -33.33
N VAL A 376 -10.90 -2.12 -32.19
CA VAL A 376 -11.59 -3.40 -32.18
C VAL A 376 -13.10 -3.17 -32.27
N THR A 377 -13.80 -4.19 -32.74
CA THR A 377 -15.24 -4.14 -32.87
C THR A 377 -15.91 -4.39 -31.52
N LYS A 378 -17.24 -4.30 -31.50
CA LYS A 378 -17.98 -4.60 -30.28
C LYS A 378 -17.87 -6.07 -29.91
N SER A 379 -17.94 -6.95 -30.91
CA SER A 379 -17.87 -8.39 -30.63
C SER A 379 -16.52 -8.80 -30.07
N GLU A 380 -15.44 -8.24 -30.63
CA GLU A 380 -14.12 -8.56 -30.12
C GLU A 380 -13.94 -8.07 -28.69
N LEU A 381 -14.46 -6.88 -28.38
CA LEU A 381 -14.40 -6.37 -27.02
C LEU A 381 -15.17 -7.28 -26.06
N HIS A 382 -16.37 -7.71 -26.48
CA HIS A 382 -17.15 -8.65 -25.67
C HIS A 382 -16.39 -9.95 -25.46
N ALA A 383 -15.73 -10.45 -26.51
CA ALA A 383 -14.94 -11.67 -26.39
C ALA A 383 -13.77 -11.47 -25.44
N ILE A 384 -13.15 -10.29 -25.47
CA ILE A 384 -12.03 -10.02 -24.57
C ILE A 384 -12.50 -10.07 -23.13
N MET A 385 -13.60 -9.39 -22.83
CA MET A 385 -14.09 -9.38 -21.46
C MET A 385 -14.56 -10.77 -21.02
N THR A 386 -15.20 -11.50 -21.93
CA THR A 386 -15.65 -12.86 -21.61
C THR A 386 -14.47 -13.77 -21.32
N ALA A 387 -13.43 -13.72 -22.15
CA ALA A 387 -12.22 -14.48 -21.88
C ALA A 387 -11.60 -14.08 -20.54
N GLY A 388 -11.63 -12.79 -20.23
CA GLY A 388 -11.17 -12.35 -18.93
C GLY A 388 -11.96 -12.98 -17.79
N PHE A 389 -13.27 -13.12 -17.97
CA PHE A 389 -14.13 -13.59 -16.90
C PHE A 389 -14.14 -15.11 -16.76
N SER A 390 -13.75 -15.84 -17.80
CA SER A 390 -13.87 -17.29 -17.81
C SER A 390 -12.61 -18.01 -17.38
N THR A 391 -11.59 -17.29 -16.90
CA THR A 391 -10.31 -17.92 -16.60
C THR A 391 -9.76 -17.33 -15.31
N ILE A 392 -8.65 -17.91 -14.86
CA ILE A 392 -7.92 -17.42 -13.69
C ILE A 392 -6.52 -17.05 -14.15
N ALA A 393 -5.68 -16.62 -13.22
CA ALA A 393 -4.30 -16.20 -13.51
C ALA A 393 -3.35 -17.17 -12.84
N GLY A 394 -2.13 -17.25 -13.38
CA GLY A 394 -1.11 -18.13 -12.84
C GLY A 394 -0.53 -17.67 -11.51
N SER A 395 -0.85 -16.46 -11.08
CA SER A 395 -0.38 -15.97 -9.79
C SER A 395 -1.18 -16.53 -8.63
N VAL A 396 -2.46 -16.83 -8.84
CA VAL A 396 -3.33 -17.30 -7.79
C VAL A 396 -3.58 -18.80 -7.85
N LEU A 397 -2.95 -19.50 -8.78
CA LEU A 397 -3.09 -20.95 -8.86
C LEU A 397 -2.53 -21.64 -7.62
N GLY A 398 -1.36 -21.19 -7.15
CA GLY A 398 -0.73 -21.83 -6.02
C GLY A 398 -1.54 -21.73 -4.75
N ALA A 399 -2.28 -20.64 -4.57
CA ALA A 399 -3.14 -20.51 -3.40
C ALA A 399 -4.24 -21.56 -3.40
N TYR A 400 -4.92 -21.72 -4.53
CA TYR A 400 -5.96 -22.73 -4.63
C TYR A 400 -5.40 -24.12 -4.42
N ILE A 401 -4.21 -24.39 -4.95
CA ILE A 401 -3.57 -25.69 -4.72
C ILE A 401 -3.22 -25.86 -3.25
N SER A 402 -2.80 -24.77 -2.60
CA SER A 402 -2.49 -24.81 -1.17
C SER A 402 -3.71 -25.13 -0.33
N PHE A 403 -4.88 -24.67 -0.77
CA PHE A 403 -6.10 -25.02 -0.06
C PHE A 403 -6.32 -26.54 -0.08
N GLY A 404 -6.06 -27.17 -1.22
CA GLY A 404 -6.26 -28.60 -1.37
C GLY A 404 -6.97 -28.97 -2.65
N VAL A 405 -7.16 -27.99 -3.53
CA VAL A 405 -7.85 -28.22 -4.79
C VAL A 405 -6.90 -28.89 -5.77
N SER A 406 -7.43 -29.81 -6.57
CA SER A 406 -6.59 -30.58 -7.48
C SER A 406 -5.90 -29.68 -8.49
N SER A 407 -4.60 -29.88 -8.65
CA SER A 407 -3.82 -29.08 -9.60
C SER A 407 -4.13 -29.47 -11.04
N SER A 408 -4.23 -30.78 -11.29
CA SER A 408 -4.50 -31.26 -12.64
C SER A 408 -5.84 -30.74 -13.16
N HIS A 409 -6.87 -30.77 -12.31
CA HIS A 409 -8.17 -30.27 -12.71
C HIS A 409 -8.12 -28.77 -12.98
N LEU A 410 -7.40 -28.02 -12.16
CA LEU A 410 -7.28 -26.59 -12.38
C LEU A 410 -6.60 -26.29 -13.71
N LEU A 411 -5.50 -26.99 -14.01
CA LEU A 411 -4.81 -26.76 -15.27
C LEU A 411 -5.68 -27.15 -16.45
N THR A 412 -6.38 -28.28 -16.35
CA THR A 412 -7.23 -28.73 -17.44
C THR A 412 -8.37 -27.75 -17.68
N ALA A 413 -8.99 -27.26 -16.61
CA ALA A 413 -10.07 -26.28 -16.77
C ALA A 413 -9.55 -24.97 -17.36
N SER A 414 -8.38 -24.52 -16.92
CA SER A 414 -7.82 -23.30 -17.47
C SER A 414 -7.56 -23.43 -18.96
N VAL A 415 -7.06 -24.60 -19.39
CA VAL A 415 -6.84 -24.80 -20.82
C VAL A 415 -8.16 -24.87 -21.57
N MET A 416 -9.15 -25.60 -21.03
CA MET A 416 -10.41 -25.81 -21.72
C MET A 416 -11.26 -24.55 -21.78
N SER A 417 -10.98 -23.56 -20.93
CA SER A 417 -11.87 -22.41 -20.83
C SER A 417 -11.80 -21.51 -22.06
N ALA A 418 -10.64 -21.41 -22.71
CA ALA A 418 -10.49 -20.46 -23.81
C ALA A 418 -11.41 -20.76 -24.99
N PRO A 419 -11.38 -21.95 -25.59
CA PRO A 419 -12.32 -22.22 -26.69
C PRO A 419 -13.77 -22.10 -26.26
N ALA A 420 -14.09 -22.48 -25.03
CA ALA A 420 -15.44 -22.29 -24.50
C ALA A 420 -15.80 -20.81 -24.45
N ALA A 421 -14.87 -19.99 -23.96
CA ALA A 421 -15.12 -18.56 -23.89
C ALA A 421 -15.38 -17.98 -25.26
N LEU A 422 -14.57 -18.36 -26.25
CA LEU A 422 -14.72 -17.81 -27.59
C LEU A 422 -16.02 -18.29 -28.23
N ALA A 423 -16.38 -19.57 -28.07
CA ALA A 423 -17.62 -20.07 -28.63
C ALA A 423 -18.83 -19.36 -28.02
N ILE A 424 -18.86 -19.25 -26.70
CA ILE A 424 -20.00 -18.61 -26.04
C ILE A 424 -20.05 -17.14 -26.39
N SER A 425 -18.90 -16.48 -26.53
CA SER A 425 -18.89 -15.07 -26.92
C SER A 425 -19.45 -14.88 -28.33
N LYS A 426 -19.02 -15.72 -29.28
CA LYS A 426 -19.49 -15.57 -30.64
C LYS A 426 -20.97 -15.92 -30.76
N LEU A 427 -21.47 -16.83 -29.93
CA LEU A 427 -22.89 -17.16 -29.96
C LEU A 427 -23.74 -16.09 -29.28
N PHE A 428 -23.23 -15.54 -28.18
CA PHE A 428 -23.96 -14.53 -27.41
C PHE A 428 -23.95 -13.18 -28.11
N TRP A 429 -22.82 -12.84 -28.73
CA TRP A 429 -22.64 -11.55 -29.40
C TRP A 429 -21.86 -11.78 -30.69
N PRO A 430 -22.53 -12.19 -31.75
CA PRO A 430 -21.83 -12.47 -33.00
C PRO A 430 -21.39 -11.20 -33.72
N GLU A 431 -20.52 -11.39 -34.71
CA GLU A 431 -19.87 -10.28 -35.38
C GLU A 431 -20.72 -9.76 -36.52
N THR A 432 -20.97 -8.44 -36.52
CA THR A 432 -21.73 -7.78 -37.57
C THR A 432 -20.95 -6.66 -38.24
N GLU A 433 -19.64 -6.56 -37.99
CA GLU A 433 -18.80 -5.53 -38.55
C GLU A 433 -17.60 -6.18 -39.24
N THR A 434 -16.70 -5.34 -39.75
CA THR A 434 -15.51 -5.82 -40.43
C THR A 434 -14.30 -5.60 -39.55
N PRO A 435 -13.59 -6.64 -39.13
CA PRO A 435 -12.40 -6.42 -38.28
C PRO A 435 -11.31 -5.71 -39.05
N LYS A 436 -10.57 -4.85 -38.35
CA LYS A 436 -9.51 -4.05 -38.96
C LYS A 436 -8.12 -4.62 -38.71
N ILE A 437 -7.86 -5.14 -37.53
CA ILE A 437 -6.52 -5.58 -37.14
C ILE A 437 -6.22 -6.91 -37.80
N ASN A 438 -4.95 -7.11 -38.15
CA ASN A 438 -4.49 -8.29 -38.86
C ASN A 438 -3.62 -9.14 -37.96
N LEU A 439 -3.21 -10.30 -38.49
CA LEU A 439 -2.53 -11.30 -37.68
C LEU A 439 -1.18 -10.81 -37.17
N LYS A 440 -0.38 -10.18 -38.04
CA LYS A 440 0.95 -9.76 -37.65
C LYS A 440 0.90 -8.75 -36.52
N ASN A 441 -0.02 -7.80 -36.59
CA ASN A 441 -0.14 -6.79 -35.55
C ASN A 441 -0.59 -7.41 -34.22
N ALA A 442 -1.55 -8.34 -34.29
CA ALA A 442 -2.04 -8.96 -33.06
C ALA A 442 -0.97 -9.82 -32.39
N MET A 443 -0.21 -10.57 -33.20
CA MET A 443 0.74 -11.52 -32.62
C MET A 443 1.95 -10.82 -32.00
N LYS A 444 2.30 -9.63 -32.46
CA LYS A 444 3.39 -8.90 -31.84
C LYS A 444 2.93 -8.34 -30.50
N MET A 445 3.66 -8.67 -29.44
CA MET A 445 3.31 -8.28 -28.08
C MET A 445 4.44 -7.41 -27.55
N GLU A 446 4.20 -6.10 -27.45
CA GLU A 446 5.19 -5.18 -26.94
C GLU A 446 5.60 -5.59 -25.53
N SER A 447 6.84 -6.03 -25.36
CA SER A 447 7.33 -6.46 -24.07
C SER A 447 7.54 -5.25 -23.15
N GLY A 448 7.68 -5.54 -21.87
CA GLY A 448 7.82 -4.49 -20.88
C GLY A 448 9.18 -3.83 -20.91
N ASP A 449 9.33 -2.81 -20.05
CA ASP A 449 10.56 -2.04 -19.98
C ASP A 449 11.41 -2.55 -18.82
N SER A 450 12.04 -3.70 -19.06
CA SER A 450 12.98 -4.30 -18.12
C SER A 450 14.29 -4.53 -18.83
N ARG A 451 15.37 -3.97 -18.27
CA ARG A 451 16.68 -4.08 -18.90
C ARG A 451 17.31 -5.45 -18.69
N ASN A 452 16.96 -6.14 -17.61
CA ASN A 452 17.53 -7.45 -17.33
C ASN A 452 16.54 -8.28 -16.52
N LEU A 453 16.94 -9.53 -16.25
CA LEU A 453 16.06 -10.49 -15.61
C LEU A 453 15.75 -10.10 -14.17
N LEU A 454 16.76 -9.58 -13.45
CA LEU A 454 16.56 -9.26 -12.05
C LEU A 454 15.66 -8.04 -11.87
N GLU A 455 15.74 -7.09 -12.81
CA GLU A 455 14.80 -5.98 -12.81
C GLU A 455 13.38 -6.47 -13.05
N ALA A 456 13.21 -7.46 -13.93
CA ALA A 456 11.90 -8.06 -14.12
C ALA A 456 11.41 -8.73 -12.85
N ALA A 457 12.31 -9.40 -12.13
CA ALA A 457 11.91 -10.01 -10.86
C ALA A 457 11.45 -8.96 -9.85
N THR A 458 12.18 -7.84 -9.75
CA THR A 458 11.77 -6.80 -8.82
C THR A 458 10.46 -6.15 -9.22
N GLN A 459 10.25 -5.92 -10.52
CA GLN A 459 8.99 -5.36 -11.00
C GLN A 459 7.83 -6.31 -10.74
N GLY A 460 8.05 -7.62 -10.94
CA GLY A 460 7.02 -8.58 -10.63
C GLY A 460 6.68 -8.62 -9.15
N ALA A 461 7.70 -8.51 -8.30
CA ALA A 461 7.46 -8.50 -6.87
C ALA A 461 6.67 -7.25 -6.44
N SER A 462 7.08 -6.08 -6.93
CA SER A 462 6.43 -4.85 -6.49
C SER A 462 4.95 -4.83 -6.88
N SER A 463 4.63 -5.32 -8.07
CA SER A 463 3.24 -5.33 -8.52
C SER A 463 2.36 -6.20 -7.63
N SER A 464 2.93 -7.20 -6.97
CA SER A 464 2.16 -8.13 -6.18
C SER A 464 1.66 -7.55 -4.86
N ILE A 465 2.13 -6.36 -4.49
CA ILE A 465 1.77 -5.77 -3.20
C ILE A 465 0.27 -5.48 -3.15
N SER A 466 -0.22 -4.78 -4.17
CA SER A 466 -1.63 -4.41 -4.21
C SER A 466 -2.52 -5.62 -4.39
N LEU A 467 -2.04 -6.61 -5.15
CA LEU A 467 -2.83 -7.83 -5.37
C LEU A 467 -3.13 -8.53 -4.05
N VAL A 468 -2.10 -8.79 -3.25
CA VAL A 468 -2.31 -9.49 -1.99
C VAL A 468 -3.06 -8.60 -1.01
N ALA A 469 -2.79 -7.30 -1.00
CA ALA A 469 -3.52 -6.41 -0.11
C ALA A 469 -5.03 -6.45 -0.40
N ASN A 470 -5.41 -6.33 -1.67
CA ASN A 470 -6.81 -6.38 -2.03
C ASN A 470 -7.41 -7.75 -1.75
N ILE A 471 -6.67 -8.82 -2.00
CA ILE A 471 -7.19 -10.16 -1.70
C ILE A 471 -7.56 -10.25 -0.23
N ALA A 472 -6.63 -9.84 0.65
CA ALA A 472 -6.85 -9.97 2.08
C ALA A 472 -8.02 -9.12 2.55
N VAL A 473 -8.07 -7.86 2.12
CA VAL A 473 -9.12 -6.97 2.59
C VAL A 473 -10.48 -7.42 2.08
N ASN A 474 -10.54 -7.84 0.80
CA ASN A 474 -11.79 -8.31 0.25
C ASN A 474 -12.28 -9.55 0.99
N LEU A 475 -11.39 -10.47 1.33
CA LEU A 475 -11.81 -11.65 2.07
C LEU A 475 -12.35 -11.26 3.44
N ILE A 476 -11.66 -10.35 4.14
CA ILE A 476 -12.14 -9.93 5.45
C ILE A 476 -13.55 -9.37 5.34
N ALA A 477 -13.75 -8.44 4.40
CA ALA A 477 -15.05 -7.78 4.29
C ALA A 477 -16.14 -8.77 3.91
N PHE A 478 -15.87 -9.63 2.93
CA PHE A 478 -16.88 -10.58 2.47
C PHE A 478 -17.28 -11.55 3.57
N LEU A 479 -16.31 -12.05 4.35
CA LEU A 479 -16.67 -13.01 5.38
C LEU A 479 -17.40 -12.34 6.54
N ALA A 480 -17.05 -11.10 6.87
CA ALA A 480 -17.82 -10.39 7.90
C ALA A 480 -19.26 -10.14 7.42
N LEU A 481 -19.42 -9.76 6.16
CA LEU A 481 -20.77 -9.58 5.62
C LEU A 481 -21.55 -10.87 5.64
N LEU A 482 -20.89 -11.98 5.32
CA LEU A 482 -21.56 -13.28 5.37
C LEU A 482 -22.05 -13.59 6.77
N SER A 483 -21.21 -13.35 7.78
CA SER A 483 -21.64 -13.59 9.15
C SER A 483 -22.84 -12.72 9.52
N PHE A 484 -22.78 -11.44 9.15
CA PHE A 484 -23.88 -10.54 9.49
C PHE A 484 -25.18 -10.97 8.79
N MET A 485 -25.09 -11.34 7.52
CA MET A 485 -26.27 -11.75 6.78
C MET A 485 -26.87 -13.02 7.37
N ASN A 486 -26.04 -13.98 7.75
CA ASN A 486 -26.55 -15.21 8.35
C ASN A 486 -27.23 -14.92 9.69
N SER A 487 -26.63 -14.04 10.50
CA SER A 487 -27.26 -13.70 11.77
C SER A 487 -28.61 -13.02 11.55
N ALA A 488 -28.68 -12.09 10.60
CA ALA A 488 -29.93 -11.41 10.31
C ALA A 488 -31.00 -12.39 9.82
N LEU A 489 -30.61 -13.32 8.94
CA LEU A 489 -31.58 -14.27 8.42
C LEU A 489 -32.08 -15.23 9.49
N SER A 490 -31.19 -15.64 10.41
CA SER A 490 -31.65 -16.43 11.54
C SER A 490 -32.59 -15.63 12.43
N TRP A 491 -32.31 -14.35 12.61
CA TRP A 491 -33.21 -13.49 13.38
C TRP A 491 -34.58 -13.40 12.73
N LEU A 492 -34.62 -13.26 11.40
CA LEU A 492 -35.91 -13.23 10.71
C LEU A 492 -36.57 -14.60 10.70
N GLY A 493 -35.80 -15.66 10.47
CA GLY A 493 -36.39 -16.98 10.38
C GLY A 493 -37.00 -17.45 11.67
N ASN A 494 -36.43 -17.05 12.81
CA ASN A 494 -36.96 -17.49 14.09
C ASN A 494 -38.39 -17.00 14.31
N MET A 495 -38.82 -15.98 13.58
CA MET A 495 -40.19 -15.50 13.67
C MET A 495 -41.17 -16.47 13.04
N PHE A 496 -40.70 -17.46 12.28
CA PHE A 496 -41.53 -18.50 11.70
C PHE A 496 -41.12 -19.88 12.19
N ASP A 497 -40.45 -19.95 13.35
CA ASP A 497 -39.97 -21.21 13.90
C ASP A 497 -38.98 -21.90 12.97
N TYR A 498 -38.23 -21.13 12.20
CA TYR A 498 -37.20 -21.65 11.30
C TYR A 498 -35.92 -20.84 11.48
N PRO A 499 -35.25 -20.98 12.63
CA PRO A 499 -33.98 -20.26 12.84
C PRO A 499 -32.81 -20.82 12.06
N GLN A 500 -33.01 -21.86 11.24
CA GLN A 500 -31.94 -22.40 10.41
C GLN A 500 -31.78 -21.64 9.10
N LEU A 501 -32.64 -20.66 8.83
CA LEU A 501 -32.54 -19.90 7.59
C LEU A 501 -31.15 -19.28 7.45
N SER A 502 -30.57 -19.40 6.26
CA SER A 502 -29.23 -18.89 6.03
C SER A 502 -29.03 -18.63 4.55
N PHE A 503 -27.94 -17.94 4.25
CA PHE A 503 -27.53 -17.74 2.86
C PHE A 503 -27.29 -19.07 2.16
N GLU A 504 -26.65 -20.01 2.85
CA GLU A 504 -26.38 -21.32 2.27
C GLU A 504 -27.67 -22.05 1.94
N VAL A 505 -28.66 -22.00 2.83
CA VAL A 505 -29.92 -22.70 2.59
C VAL A 505 -30.61 -22.15 1.34
N ILE A 506 -30.66 -20.83 1.21
CA ILE A 506 -31.32 -20.22 0.06
C ILE A 506 -30.58 -20.57 -1.23
N CYS A 507 -29.25 -20.49 -1.21
CA CYS A 507 -28.50 -20.79 -2.41
C CYS A 507 -28.58 -22.27 -2.77
N SER A 508 -28.78 -23.14 -1.79
CA SER A 508 -28.89 -24.56 -2.08
C SER A 508 -30.10 -24.86 -2.96
N TYR A 509 -31.11 -24.00 -2.93
CA TYR A 509 -32.30 -24.16 -3.76
C TYR A 509 -32.27 -23.29 -5.00
N VAL A 510 -31.72 -22.08 -4.91
CA VAL A 510 -31.73 -21.18 -6.07
C VAL A 510 -30.87 -21.75 -7.21
N PHE A 511 -29.66 -22.19 -6.90
CA PHE A 511 -28.71 -22.62 -7.92
C PHE A 511 -28.70 -24.12 -8.16
N MET A 512 -29.56 -24.87 -7.50
CA MET A 512 -29.55 -26.32 -7.68
C MET A 512 -29.79 -26.75 -9.12
N PRO A 513 -30.72 -26.16 -9.87
CA PRO A 513 -30.91 -26.61 -11.26
C PRO A 513 -29.67 -26.51 -12.12
N PHE A 514 -28.87 -25.45 -11.93
CA PHE A 514 -27.64 -25.32 -12.71
C PHE A 514 -26.70 -26.48 -12.43
N ALA A 515 -26.55 -26.85 -11.16
CA ALA A 515 -25.69 -27.97 -10.80
C ALA A 515 -26.23 -29.29 -11.33
N PHE A 516 -27.55 -29.47 -11.28
CA PHE A 516 -28.14 -30.71 -11.77
C PHE A 516 -27.87 -30.91 -13.26
N MET A 517 -28.01 -29.84 -14.05
CA MET A 517 -27.74 -29.94 -15.47
C MET A 517 -26.28 -30.22 -15.78
N MET A 518 -25.36 -29.88 -14.87
CA MET A 518 -23.97 -30.22 -15.06
C MET A 518 -23.67 -31.69 -14.79
N GLY A 519 -24.67 -32.46 -14.36
CA GLY A 519 -24.51 -33.87 -14.13
C GLY A 519 -24.26 -34.28 -12.70
N VAL A 520 -24.37 -33.37 -11.75
CA VAL A 520 -24.23 -33.69 -10.34
C VAL A 520 -25.50 -34.38 -9.86
N ASP A 521 -25.33 -35.46 -9.10
CA ASP A 521 -26.48 -36.23 -8.65
C ASP A 521 -27.38 -35.38 -7.75
N TRP A 522 -28.56 -35.92 -7.47
CA TRP A 522 -29.59 -35.15 -6.77
C TRP A 522 -29.10 -34.68 -5.40
N GLN A 523 -28.48 -35.58 -4.64
CA GLN A 523 -28.06 -35.23 -3.28
C GLN A 523 -26.99 -34.15 -3.28
N ASP A 524 -25.96 -34.31 -4.12
CA ASP A 524 -24.82 -33.41 -4.11
C ASP A 524 -25.08 -32.11 -4.86
N SER A 525 -26.16 -32.04 -5.64
CA SER A 525 -26.46 -30.79 -6.34
C SER A 525 -26.74 -29.65 -5.38
N PHE A 526 -27.39 -29.94 -4.26
CA PHE A 526 -27.68 -28.91 -3.28
C PHE A 526 -26.41 -28.38 -2.62
N MET A 527 -25.40 -29.24 -2.48
CA MET A 527 -24.13 -28.80 -1.93
C MET A 527 -23.32 -27.99 -2.93
N VAL A 528 -23.37 -28.38 -4.21
CA VAL A 528 -22.67 -27.63 -5.24
C VAL A 528 -23.30 -26.25 -5.43
N ALA A 529 -24.62 -26.17 -5.26
CA ALA A 529 -25.30 -24.88 -5.40
C ALA A 529 -24.77 -23.84 -4.42
N LYS A 530 -24.41 -24.26 -3.21
CA LYS A 530 -23.86 -23.34 -2.23
C LYS A 530 -22.53 -22.77 -2.72
N LEU A 531 -21.69 -23.61 -3.32
CA LEU A 531 -20.43 -23.13 -3.87
C LEU A 531 -20.67 -22.16 -5.02
N ILE A 532 -21.65 -22.47 -5.87
CA ILE A 532 -21.99 -21.55 -6.94
C ILE A 532 -22.41 -20.20 -6.37
N GLY A 533 -23.20 -20.22 -5.31
CA GLY A 533 -23.60 -18.97 -4.68
C GLY A 533 -22.43 -18.19 -4.11
N TYR A 534 -21.54 -18.89 -3.41
CA TYR A 534 -20.34 -18.24 -2.88
C TYR A 534 -19.56 -17.57 -3.99
N LYS A 535 -19.34 -18.28 -5.10
CA LYS A 535 -18.58 -17.70 -6.21
C LYS A 535 -19.31 -16.52 -6.81
N THR A 536 -20.62 -16.66 -7.04
CA THR A 536 -21.37 -15.61 -7.71
C THR A 536 -21.38 -14.32 -6.90
N PHE A 537 -21.58 -14.43 -5.59
CA PHE A 537 -21.84 -13.24 -4.79
C PHE A 537 -20.60 -12.64 -4.15
N PHE A 538 -19.59 -13.45 -3.81
CA PHE A 538 -18.39 -12.90 -3.19
C PHE A 538 -17.17 -13.05 -4.09
N ASN A 539 -16.72 -14.28 -4.38
CA ASN A 539 -15.60 -14.53 -5.29
C ASN A 539 -15.23 -16.01 -5.25
N GLU A 540 -14.21 -16.39 -6.03
CA GLU A 540 -13.80 -17.78 -6.13
C GLU A 540 -12.83 -18.21 -5.02
N PHE A 541 -12.25 -17.29 -4.27
CA PHE A 541 -11.43 -17.68 -3.13
C PHE A 541 -12.27 -18.35 -2.05
N VAL A 542 -13.40 -17.72 -1.72
CA VAL A 542 -14.30 -18.24 -0.69
C VAL A 542 -14.82 -19.61 -1.10
N ALA A 543 -15.24 -19.73 -2.36
CA ALA A 543 -15.80 -20.99 -2.85
C ALA A 543 -14.77 -22.10 -2.80
N TYR A 544 -13.53 -21.82 -3.20
CA TYR A 544 -12.49 -22.84 -3.18
C TYR A 544 -12.10 -23.22 -1.77
N GLN A 545 -12.15 -22.25 -0.83
CA GLN A 545 -11.93 -22.60 0.57
C GLN A 545 -12.98 -23.58 1.07
N GLN A 546 -14.25 -23.32 0.77
CA GLN A 546 -15.31 -24.23 1.21
C GLN A 546 -15.16 -25.61 0.55
N LEU A 547 -14.81 -25.62 -0.73
CA LEU A 547 -14.59 -26.88 -1.43
C LEU A 547 -13.44 -27.65 -0.81
N SER A 548 -12.39 -26.96 -0.38
CA SER A 548 -11.28 -27.61 0.28
C SER A 548 -11.71 -28.22 1.60
N LYS A 549 -12.59 -27.52 2.34
CA LYS A 549 -13.16 -28.11 3.54
C LYS A 549 -13.86 -29.42 3.22
N LEU A 550 -14.71 -29.41 2.19
CA LEU A 550 -15.43 -30.63 1.85
C LEU A 550 -14.49 -31.76 1.44
N ILE A 551 -13.45 -31.42 0.67
CA ILE A 551 -12.49 -32.43 0.23
C ILE A 551 -11.78 -33.05 1.42
N SER A 552 -11.35 -32.21 2.37
CA SER A 552 -10.66 -32.74 3.55
C SER A 552 -11.58 -33.64 4.37
N LEU A 553 -12.84 -33.23 4.51
CA LEU A 553 -13.80 -34.07 5.23
C LEU A 553 -13.96 -35.41 4.55
N ARG A 554 -14.05 -35.44 3.22
CA ARG A 554 -14.14 -36.71 2.53
C ARG A 554 -12.88 -37.54 2.76
N GLN A 555 -11.71 -36.91 2.69
CA GLN A 555 -10.47 -37.65 2.81
C GLN A 555 -10.29 -38.24 4.21
N VAL A 556 -10.86 -37.60 5.23
CA VAL A 556 -10.71 -38.14 6.58
C VAL A 556 -11.38 -39.51 6.69
N GLY A 557 -12.57 -39.66 6.12
CA GLY A 557 -13.30 -40.90 6.17
C GLY A 557 -14.39 -40.99 7.20
N GLY A 558 -14.74 -39.87 7.86
CA GLY A 558 -15.77 -39.88 8.85
C GLY A 558 -17.14 -40.16 8.25
N PRO A 559 -18.17 -40.11 9.09
CA PRO A 559 -19.53 -40.35 8.60
C PRO A 559 -19.95 -39.35 7.54
N LYS A 560 -20.69 -39.84 6.55
CA LYS A 560 -21.17 -38.98 5.48
C LYS A 560 -22.41 -38.19 5.90
N PHE A 561 -23.19 -38.72 6.84
CA PHE A 561 -24.35 -38.02 7.39
C PHE A 561 -24.25 -38.00 8.90
N VAL A 562 -24.45 -36.84 9.50
CA VAL A 562 -24.55 -36.69 10.95
C VAL A 562 -25.83 -35.91 11.25
N ASP A 563 -26.75 -36.54 11.99
CA ASP A 563 -28.03 -35.92 12.33
C ASP A 563 -28.81 -35.50 11.08
N GLY A 564 -28.66 -36.28 10.01
CA GLY A 564 -29.39 -36.01 8.78
C GLY A 564 -28.77 -34.97 7.87
N VAL A 565 -27.58 -34.45 8.21
CA VAL A 565 -26.91 -33.43 7.42
C VAL A 565 -25.74 -34.08 6.69
N GLN A 566 -25.73 -33.94 5.37
CA GLN A 566 -24.63 -34.48 4.58
C GLN A 566 -23.37 -33.66 4.81
N GLN A 567 -22.26 -34.36 5.07
CA GLN A 567 -21.01 -33.70 5.42
C GLN A 567 -20.09 -33.51 4.23
N TYR A 568 -20.04 -34.49 3.33
CA TYR A 568 -19.19 -34.39 2.14
C TYR A 568 -19.86 -35.12 0.99
N MET A 569 -19.39 -34.83 -0.22
CA MET A 569 -19.96 -35.36 -1.44
C MET A 569 -18.90 -36.18 -2.18
N SER A 570 -19.30 -36.74 -3.33
CA SER A 570 -18.45 -37.64 -4.07
C SER A 570 -17.28 -36.88 -4.70
N MET A 571 -16.33 -37.65 -5.24
CA MET A 571 -15.16 -37.08 -5.89
C MET A 571 -15.49 -36.51 -7.25
N ARG A 572 -16.41 -37.14 -7.97
CA ARG A 572 -16.84 -36.62 -9.26
C ARG A 572 -17.48 -35.25 -9.10
N SER A 573 -18.31 -35.09 -8.07
CA SER A 573 -18.91 -33.79 -7.82
C SER A 573 -17.85 -32.75 -7.47
N GLU A 574 -16.81 -33.15 -6.75
CA GLU A 574 -15.71 -32.23 -6.45
C GLU A 574 -15.01 -31.80 -7.73
N ALA A 575 -14.76 -32.73 -8.66
CA ALA A 575 -14.15 -32.34 -9.92
C ALA A 575 -15.05 -31.37 -10.70
N ILE A 576 -16.35 -31.68 -10.77
CA ILE A 576 -17.28 -30.82 -11.49
C ILE A 576 -17.29 -29.43 -10.89
N SER A 577 -17.27 -29.35 -9.55
CA SER A 577 -17.21 -28.06 -8.88
C SER A 577 -15.90 -27.35 -9.15
N THR A 578 -14.80 -28.09 -9.26
CA THR A 578 -13.52 -27.47 -9.57
C THR A 578 -13.56 -26.80 -10.94
N TYR A 579 -14.18 -27.48 -11.91
CA TYR A 579 -14.30 -26.89 -13.24
C TYR A 579 -15.25 -25.70 -13.24
N ALA A 580 -16.38 -25.82 -12.54
CA ALA A 580 -17.39 -24.75 -12.56
C ALA A 580 -16.88 -23.47 -11.90
N LEU A 581 -16.01 -23.58 -10.90
CA LEU A 581 -15.61 -22.44 -10.09
C LEU A 581 -14.37 -21.73 -10.60
N CYS A 582 -13.78 -22.18 -11.70
CA CYS A 582 -12.50 -21.66 -12.16
C CYS A 582 -12.75 -20.44 -13.04
N GLY A 583 -12.83 -19.28 -12.39
CA GLY A 583 -13.08 -18.04 -13.11
C GLY A 583 -13.15 -16.86 -12.16
N PHE A 584 -12.94 -15.68 -12.74
CA PHE A 584 -13.00 -14.41 -12.04
C PHE A 584 -14.34 -13.71 -12.22
N ALA A 585 -15.39 -14.44 -12.58
CA ALA A 585 -16.68 -13.83 -12.86
C ALA A 585 -17.45 -13.66 -11.56
N ASN A 586 -17.59 -12.40 -11.12
CA ASN A 586 -18.46 -12.08 -9.99
C ASN A 586 -18.93 -10.64 -10.18
N PHE A 587 -20.05 -10.33 -9.53
CA PHE A 587 -20.69 -9.03 -9.75
C PHE A 587 -19.80 -7.87 -9.30
N GLY A 588 -18.88 -8.11 -8.37
CA GLY A 588 -18.04 -7.04 -7.86
C GLY A 588 -16.86 -6.65 -8.71
N SER A 589 -16.42 -7.50 -9.64
CA SER A 589 -15.26 -7.21 -10.48
C SER A 589 -15.64 -6.49 -11.76
N LEU A 590 -16.93 -6.26 -11.99
CA LEU A 590 -17.38 -5.54 -13.18
C LEU A 590 -16.80 -4.14 -13.21
N GLY A 591 -16.78 -3.46 -12.06
CA GLY A 591 -16.28 -2.10 -12.02
C GLY A 591 -14.79 -2.01 -12.32
N ILE A 592 -13.98 -2.89 -11.72
CA ILE A 592 -12.56 -2.83 -11.97
C ILE A 592 -12.25 -3.20 -13.41
N VAL A 593 -12.97 -4.18 -13.97
CA VAL A 593 -12.75 -4.54 -15.37
C VAL A 593 -13.04 -3.34 -16.26
N ILE A 594 -14.20 -2.71 -16.07
CA ILE A 594 -14.59 -1.57 -16.89
C ILE A 594 -13.58 -0.45 -16.74
N GLY A 595 -13.18 -0.15 -15.50
CA GLY A 595 -12.25 0.94 -15.28
C GLY A 595 -10.93 0.73 -15.96
N GLY A 596 -10.36 -0.47 -15.83
CA GLY A 596 -9.08 -0.72 -16.48
C GLY A 596 -9.19 -0.68 -17.99
N LEU A 597 -10.26 -1.23 -18.54
CA LEU A 597 -10.38 -1.28 -19.99
C LEU A 597 -10.60 0.12 -20.56
N THR A 598 -11.35 0.96 -19.85
CA THR A 598 -11.49 2.35 -20.24
C THR A 598 -10.15 3.08 -20.14
N SER A 599 -9.38 2.80 -19.09
CA SER A 599 -8.07 3.43 -18.96
C SER A 599 -7.18 3.10 -20.15
N MET A 600 -7.20 1.84 -20.60
CA MET A 600 -6.42 1.50 -21.79
C MET A 600 -6.98 2.15 -23.05
N ALA A 601 -8.31 2.23 -23.17
CA ALA A 601 -8.97 2.79 -24.34
C ALA A 601 -10.07 3.74 -23.89
N PRO A 602 -9.72 4.99 -23.59
CA PRO A 602 -10.74 5.95 -23.13
C PRO A 602 -11.85 6.17 -24.14
N SER A 603 -11.54 6.12 -25.44
CA SER A 603 -12.53 6.43 -26.46
C SER A 603 -13.68 5.44 -26.49
N ARG A 604 -13.48 4.23 -25.97
CA ARG A 604 -14.46 3.15 -26.08
C ARG A 604 -15.26 2.96 -24.80
N LYS A 605 -15.29 3.96 -23.93
CA LYS A 605 -16.00 3.80 -22.65
C LYS A 605 -17.45 3.43 -22.86
N ARG A 606 -18.11 4.04 -23.85
CA ARG A 606 -19.51 3.75 -24.09
C ARG A 606 -19.72 2.30 -24.48
N ASP A 607 -18.85 1.76 -25.34
CA ASP A 607 -19.00 0.37 -25.78
C ASP A 607 -18.65 -0.61 -24.67
N ILE A 608 -17.63 -0.29 -23.87
CA ILE A 608 -17.19 -1.21 -22.82
C ILE A 608 -18.31 -1.45 -21.81
N THR A 609 -18.98 -0.39 -21.38
CA THR A 609 -20.02 -0.53 -20.37
C THR A 609 -21.18 -1.38 -20.88
N ALA A 610 -21.49 -1.27 -22.17
CA ALA A 610 -22.66 -1.95 -22.71
C ALA A 610 -22.52 -3.47 -22.63
N GLY A 611 -21.34 -4.00 -22.96
CA GLY A 611 -21.16 -5.44 -23.08
C GLY A 611 -20.63 -6.15 -21.86
N ALA A 612 -20.39 -5.44 -20.76
CA ALA A 612 -19.71 -6.05 -19.61
C ALA A 612 -20.58 -7.09 -18.92
N MET A 613 -21.86 -6.78 -18.71
CA MET A 613 -22.74 -7.72 -18.02
C MET A 613 -22.96 -8.99 -18.85
N ARG A 614 -23.18 -8.81 -20.16
CA ARG A 614 -23.30 -9.96 -21.04
C ARG A 614 -22.03 -10.78 -21.03
N ALA A 615 -20.87 -10.12 -20.97
CA ALA A 615 -19.61 -10.84 -20.91
C ALA A 615 -19.47 -11.66 -19.63
N LEU A 616 -19.90 -11.10 -18.50
CA LEU A 616 -19.85 -11.83 -17.24
C LEU A 616 -20.74 -13.08 -17.29
N ILE A 617 -21.96 -12.91 -17.80
CA ILE A 617 -22.87 -14.05 -17.91
C ILE A 617 -22.28 -15.12 -18.84
N ALA A 618 -21.69 -14.69 -19.95
CA ALA A 618 -21.07 -15.63 -20.88
C ALA A 618 -19.92 -16.38 -20.23
N GLY A 619 -19.11 -15.69 -19.43
CA GLY A 619 -18.01 -16.38 -18.74
C GLY A 619 -18.52 -17.45 -17.81
N THR A 620 -19.56 -17.14 -17.04
CA THR A 620 -20.15 -18.16 -16.18
C THR A 620 -20.62 -19.36 -17.00
N ILE A 621 -21.31 -19.08 -18.11
CA ILE A 621 -21.80 -20.18 -18.96
C ILE A 621 -20.64 -21.02 -19.50
N ALA A 622 -19.53 -20.37 -19.85
CA ALA A 622 -18.37 -21.09 -20.35
C ALA A 622 -17.80 -22.04 -19.30
N CYS A 623 -17.68 -21.55 -18.06
CA CYS A 623 -17.23 -22.44 -17.00
C CYS A 623 -18.18 -23.62 -16.82
N PHE A 624 -19.48 -23.37 -16.92
CA PHE A 624 -20.44 -24.46 -16.79
C PHE A 624 -20.33 -25.45 -17.95
N LEU A 625 -20.01 -24.98 -19.16
CA LEU A 625 -19.82 -25.90 -20.28
C LEU A 625 -18.59 -26.79 -20.07
N THR A 626 -17.50 -26.20 -19.58
CA THR A 626 -16.33 -27.02 -19.25
C THR A 626 -16.70 -28.08 -18.21
N ALA A 627 -17.47 -27.68 -17.20
CA ALA A 627 -17.90 -28.61 -16.17
C ALA A 627 -18.79 -29.71 -16.74
N CYS A 628 -19.67 -29.36 -17.67
CA CYS A 628 -20.53 -30.36 -18.30
C CYS A 628 -19.72 -31.41 -19.04
N ILE A 629 -18.71 -30.98 -19.79
CA ILE A 629 -17.89 -31.96 -20.50
C ILE A 629 -17.14 -32.85 -19.51
N ALA A 630 -16.54 -32.24 -18.47
CA ALA A 630 -15.83 -33.04 -17.49
C ALA A 630 -16.78 -34.07 -16.85
N GLY A 631 -18.01 -33.65 -16.56
CA GLY A 631 -18.96 -34.57 -15.98
C GLY A 631 -19.32 -35.71 -16.90
N MET A 632 -19.52 -35.42 -18.18
CA MET A 632 -19.90 -36.49 -19.10
C MET A 632 -18.75 -37.43 -19.41
N LEU A 633 -17.50 -37.04 -19.12
CA LEU A 633 -16.39 -37.96 -19.33
C LEU A 633 -15.92 -38.68 -18.08
N THR A 634 -16.21 -38.18 -16.89
CA THR A 634 -15.80 -38.84 -15.66
C THR A 634 -16.80 -39.92 -15.28
N ASN A 635 -16.30 -40.94 -14.59
CA ASN A 635 -17.10 -42.09 -14.17
C ASN A 635 -17.47 -41.99 -12.71
N THR A 636 -18.51 -42.73 -12.34
CA THR A 636 -18.98 -42.76 -10.96
C THR A 636 -18.19 -43.80 -10.18
N PRO A 637 -17.48 -43.43 -9.09
CA PRO A 637 -16.75 -44.43 -8.32
C PRO A 637 -17.62 -45.14 -7.30
N GLU B 105 -36.67 -14.19 -36.21
CA GLU B 105 -36.71 -13.80 -34.80
C GLU B 105 -37.92 -12.91 -34.54
N ARG B 106 -39.07 -13.27 -35.10
CA ARG B 106 -40.27 -12.48 -34.92
C ARG B 106 -40.69 -12.43 -33.45
N MET B 107 -40.54 -13.55 -32.74
CA MET B 107 -40.91 -13.58 -31.33
C MET B 107 -40.06 -12.63 -30.51
N CYS B 108 -38.76 -12.53 -30.82
CA CYS B 108 -37.89 -11.61 -30.10
C CYS B 108 -38.29 -10.17 -30.37
N GLY B 109 -38.64 -9.84 -31.61
CA GLY B 109 -39.13 -8.51 -31.90
C GLY B 109 -40.42 -8.20 -31.18
N ARG B 110 -41.33 -9.17 -31.12
CA ARG B 110 -42.57 -8.99 -30.37
C ARG B 110 -42.29 -8.76 -28.89
N MET B 111 -41.35 -9.52 -28.32
CA MET B 111 -40.99 -9.35 -26.92
C MET B 111 -40.37 -7.98 -26.67
N SER B 112 -39.49 -7.53 -27.58
CA SER B 112 -38.89 -6.21 -27.45
C SER B 112 -39.94 -5.12 -27.54
N ASP B 113 -40.88 -5.25 -28.46
CA ASP B 113 -41.95 -4.26 -28.58
C ASP B 113 -42.82 -4.24 -27.34
N PHE B 114 -43.16 -5.41 -26.81
CA PHE B 114 -43.95 -5.47 -25.58
C PHE B 114 -43.20 -4.83 -24.42
N CYS B 115 -41.90 -5.10 -24.32
CA CYS B 115 -41.11 -4.51 -23.25
C CYS B 115 -41.06 -2.99 -23.38
N ARG B 116 -40.87 -2.49 -24.60
CA ARG B 116 -40.76 -1.05 -24.81
C ARG B 116 -42.09 -0.35 -24.55
N GLU B 117 -43.20 -0.96 -24.97
CA GLU B 117 -44.49 -0.28 -24.94
C GLU B 117 -44.93 0.03 -23.51
N HIS B 118 -44.72 -0.91 -22.59
CA HIS B 118 -45.24 -0.81 -21.23
C HIS B 118 -44.14 -1.03 -20.22
N LYS B 119 -42.99 -0.36 -20.43
CA LYS B 119 -41.86 -0.52 -19.53
C LYS B 119 -42.19 -0.02 -18.13
N THR B 120 -42.89 1.12 -18.03
CA THR B 120 -43.16 1.71 -16.73
C THR B 120 -44.06 0.80 -15.88
N THR B 121 -45.08 0.22 -16.49
CA THR B 121 -46.03 -0.60 -15.73
C THR B 121 -45.42 -1.93 -15.30
N LEU B 122 -44.52 -2.49 -16.11
CA LEU B 122 -43.96 -3.81 -15.81
C LEU B 122 -43.11 -3.76 -14.55
N ARG B 123 -42.19 -2.80 -14.48
CA ARG B 123 -41.30 -2.69 -13.33
C ARG B 123 -42.05 -2.24 -12.08
N TYR B 124 -43.04 -1.36 -12.24
CA TYR B 124 -43.86 -0.96 -11.11
C TYR B 124 -44.62 -2.15 -10.55
N ILE B 125 -45.17 -3.00 -11.42
CA ILE B 125 -45.87 -4.20 -10.97
C ILE B 125 -44.90 -5.13 -10.24
N ILE B 126 -43.69 -5.30 -10.78
CA ILE B 126 -42.71 -6.18 -10.13
C ILE B 126 -42.39 -5.67 -8.72
N TRP B 127 -42.14 -4.35 -8.60
CA TRP B 127 -41.85 -3.78 -7.30
C TRP B 127 -43.02 -3.93 -6.35
N GLY B 128 -44.24 -3.72 -6.86
CA GLY B 128 -45.42 -3.93 -6.03
C GLY B 128 -45.53 -5.36 -5.52
N ILE B 129 -45.21 -6.34 -6.37
CA ILE B 129 -45.25 -7.74 -5.96
C ILE B 129 -44.22 -7.98 -4.85
N LEU B 130 -43.01 -7.44 -5.00
CA LEU B 130 -42.01 -7.60 -3.96
C LEU B 130 -42.48 -7.00 -2.64
N ILE B 131 -43.06 -5.80 -2.70
CA ILE B 131 -43.56 -5.16 -1.48
C ILE B 131 -44.65 -6.00 -0.84
N ALA B 132 -45.55 -6.54 -1.67
CA ALA B 132 -46.62 -7.39 -1.13
C ALA B 132 -46.05 -8.62 -0.45
N GLY B 133 -45.01 -9.22 -1.03
CA GLY B 133 -44.38 -10.35 -0.39
C GLY B 133 -43.78 -10.01 0.96
N TYR B 134 -43.08 -8.87 1.04
CA TYR B 134 -42.51 -8.45 2.32
C TYR B 134 -43.61 -8.24 3.36
N LEU B 135 -44.69 -7.57 2.95
CA LEU B 135 -45.78 -7.33 3.88
C LEU B 135 -46.42 -8.64 4.33
N ALA B 136 -46.55 -9.61 3.41
CA ALA B 136 -47.10 -10.90 3.78
C ALA B 136 -46.22 -11.59 4.81
N LEU B 137 -44.90 -11.53 4.62
CA LEU B 137 -44.01 -12.13 5.61
C LEU B 137 -44.19 -11.46 6.97
N VAL B 138 -44.27 -10.13 6.99
CA VAL B 138 -44.39 -9.42 8.26
C VAL B 138 -45.70 -9.80 8.96
N ILE B 139 -46.81 -9.77 8.23
CA ILE B 139 -48.11 -10.04 8.84
C ILE B 139 -48.18 -11.48 9.33
N ALA B 140 -47.64 -12.42 8.56
CA ALA B 140 -47.62 -13.80 9.00
C ALA B 140 -46.78 -13.95 10.27
N ALA B 141 -45.63 -13.27 10.32
CA ALA B 141 -44.80 -13.35 11.52
C ALA B 141 -45.54 -12.81 12.73
N CYS B 142 -46.26 -11.70 12.57
CA CYS B 142 -47.04 -11.15 13.67
C CYS B 142 -48.15 -12.11 14.08
N VAL B 143 -48.79 -12.76 13.11
CA VAL B 143 -49.89 -13.68 13.41
C VAL B 143 -49.38 -14.87 14.22
N MET B 144 -48.27 -15.46 13.78
CA MET B 144 -47.74 -16.62 14.51
C MET B 144 -47.35 -16.24 15.93
N ASN B 145 -46.71 -15.09 16.10
CA ASN B 145 -46.37 -14.58 17.42
C ASN B 145 -46.03 -13.10 17.32
N PHE B 146 -46.68 -12.27 18.15
CA PHE B 146 -46.55 -10.83 18.03
C PHE B 146 -45.37 -10.29 18.85
N HIS B 147 -45.23 -10.75 20.09
CA HIS B 147 -44.15 -10.24 20.93
C HIS B 147 -42.79 -10.56 20.32
N ARG B 148 -42.68 -11.72 19.65
CA ARG B 148 -41.42 -12.09 19.02
C ARG B 148 -41.16 -11.30 17.75
N ALA B 149 -42.21 -10.86 17.06
CA ALA B 149 -42.09 -10.14 15.79
C ALA B 149 -42.23 -8.63 15.95
N LEU B 150 -42.22 -8.12 17.17
CA LEU B 150 -42.46 -6.69 17.38
C LEU B 150 -41.45 -5.80 16.68
N PRO B 151 -40.13 -6.01 16.82
CA PRO B 151 -39.19 -5.08 16.17
C PRO B 151 -39.35 -4.98 14.66
N LEU B 152 -39.65 -6.10 14.00
CA LEU B 152 -39.87 -6.05 12.56
C LEU B 152 -41.07 -5.19 12.22
N PHE B 153 -42.14 -5.31 13.00
CA PHE B 153 -43.32 -4.49 12.80
C PHE B 153 -43.01 -3.02 13.01
N VAL B 154 -42.23 -2.70 14.05
CA VAL B 154 -41.87 -1.30 14.31
C VAL B 154 -41.06 -0.73 13.15
N ILE B 155 -40.09 -1.49 12.66
CA ILE B 155 -39.27 -1.04 11.55
C ILE B 155 -40.14 -0.79 10.32
N THR B 156 -41.03 -1.72 10.02
CA THR B 156 -41.90 -1.56 8.86
C THR B 156 -42.78 -0.32 9.01
N VAL B 157 -43.34 -0.12 10.20
CA VAL B 157 -44.23 1.02 10.42
C VAL B 157 -43.49 2.33 10.21
N VAL B 158 -42.28 2.44 10.78
CA VAL B 158 -41.55 3.71 10.66
C VAL B 158 -41.13 3.94 9.21
N ALA B 159 -40.72 2.88 8.51
CA ALA B 159 -40.35 3.04 7.10
C ALA B 159 -41.55 3.52 6.27
N ILE B 160 -42.71 2.92 6.49
CA ILE B 160 -43.92 3.33 5.77
C ILE B 160 -44.24 4.79 6.08
N PHE B 161 -44.18 5.17 7.36
CA PHE B 161 -44.48 6.54 7.73
C PHE B 161 -43.56 7.52 7.02
N PHE B 162 -42.26 7.24 7.02
CA PHE B 162 -41.33 8.16 6.39
C PHE B 162 -41.53 8.22 4.88
N VAL B 163 -41.82 7.08 4.24
CA VAL B 163 -42.07 7.11 2.80
C VAL B 163 -43.27 7.98 2.48
N VAL B 164 -44.38 7.76 3.20
CA VAL B 164 -45.59 8.53 2.94
C VAL B 164 -45.34 10.01 3.20
N TRP B 165 -44.65 10.30 4.30
CA TRP B 165 -44.34 11.70 4.64
C TRP B 165 -43.55 12.37 3.53
N ASP B 166 -42.48 11.73 3.06
CA ASP B 166 -41.66 12.35 2.01
C ASP B 166 -42.48 12.54 0.74
N HIS B 167 -43.30 11.56 0.37
CA HIS B 167 -44.12 11.72 -0.82
C HIS B 167 -45.06 12.91 -0.68
N LEU B 168 -45.71 13.03 0.48
CA LEU B 168 -46.64 14.14 0.68
C LEU B 168 -45.93 15.48 0.64
N MET B 169 -44.77 15.59 1.30
CA MET B 169 -44.04 16.86 1.29
C MET B 169 -43.61 17.23 -0.11
N ALA B 170 -43.14 16.25 -0.88
CA ALA B 170 -42.73 16.51 -2.25
C ALA B 170 -43.91 16.96 -3.11
N LYS B 171 -45.07 16.33 -2.92
CA LYS B 171 -46.21 16.62 -3.79
C LYS B 171 -46.91 17.92 -3.40
N TYR B 172 -47.15 18.13 -2.10
CA TYR B 172 -47.97 19.24 -1.62
C TYR B 172 -47.15 20.37 -1.00
N GLU B 173 -45.93 20.59 -1.49
CA GLU B 173 -45.07 21.60 -0.89
C GLU B 173 -45.66 23.00 -1.06
N SER B 174 -46.16 23.32 -2.25
CA SER B 174 -46.69 24.66 -2.50
C SER B 174 -47.91 24.94 -1.63
N GLN B 175 -48.82 23.97 -1.54
CA GLN B 175 -50.03 24.18 -0.76
C GLN B 175 -49.69 24.40 0.71
N ILE B 176 -48.75 23.61 1.23
CA ILE B 176 -48.36 23.74 2.64
C ILE B 176 -47.70 25.09 2.88
N ALA B 177 -46.83 25.52 1.97
CA ALA B 177 -46.20 26.82 2.13
C ALA B 177 -47.23 27.95 2.10
N ARG B 178 -48.18 27.87 1.17
CA ARG B 178 -49.22 28.88 1.11
C ARG B 178 -50.07 28.87 2.37
N PHE B 179 -50.37 27.68 2.89
CA PHE B 179 -51.16 27.57 4.11
C PHE B 179 -50.42 28.16 5.30
N LEU B 180 -49.10 27.97 5.36
CA LEU B 180 -48.32 28.52 6.45
C LEU B 180 -48.08 30.02 6.33
N SER B 181 -48.17 30.56 5.10
CA SER B 181 -47.78 31.96 4.89
C SER B 181 -48.51 32.92 5.82
N PRO B 182 -49.84 32.86 5.99
CA PRO B 182 -50.52 33.86 6.83
C PRO B 182 -49.98 33.96 8.24
N GLY B 183 -49.71 32.82 8.89
CA GLY B 183 -49.22 32.87 10.25
C GLY B 183 -47.85 33.53 10.32
N GLN B 184 -47.01 33.27 9.32
CA GLN B 184 -45.71 33.93 9.27
C GLN B 184 -45.87 35.44 9.13
N ARG B 185 -46.83 35.89 8.31
CA ARG B 185 -47.06 37.31 8.16
C ARG B 185 -47.53 37.94 9.47
N LEU B 186 -48.45 37.26 10.17
CA LEU B 186 -48.92 37.79 11.45
C LEU B 186 -47.79 37.86 12.47
N LEU B 187 -46.98 36.81 12.54
CA LEU B 187 -45.83 36.81 13.44
C LEU B 187 -44.85 37.91 13.09
N ASP B 188 -44.60 38.13 11.80
CA ASP B 188 -43.73 39.22 11.39
C ASP B 188 -44.31 40.57 11.83
N SER B 189 -45.63 40.72 11.73
CA SER B 189 -46.26 41.97 12.13
C SER B 189 -46.09 42.24 13.62
N HIS B 190 -46.29 41.22 14.45
CA HIS B 190 -46.25 41.41 15.90
C HIS B 190 -44.88 41.16 16.52
N TRP B 191 -43.88 40.81 15.71
CA TRP B 191 -42.57 40.44 16.25
C TRP B 191 -41.84 41.59 16.92
N PHE B 192 -42.04 42.83 16.47
CA PHE B 192 -41.28 43.95 17.01
C PHE B 192 -41.47 44.05 18.52
N TRP B 193 -42.64 43.68 19.02
CA TRP B 193 -42.89 43.66 20.46
C TRP B 193 -42.86 42.26 21.05
N LEU B 194 -43.11 41.21 20.27
CA LEU B 194 -43.11 39.86 20.81
C LEU B 194 -41.71 39.30 21.04
N LYS B 195 -40.69 39.88 20.40
CA LYS B 195 -39.33 39.35 20.56
C LYS B 195 -38.85 39.51 21.99
N TRP B 196 -39.18 40.65 22.62
CA TRP B 196 -38.76 40.87 23.99
C TRP B 196 -39.40 39.86 24.93
N VAL B 197 -40.69 39.57 24.71
CA VAL B 197 -41.37 38.60 25.57
C VAL B 197 -40.71 37.23 25.43
N ILE B 198 -40.46 36.80 24.19
CA ILE B 198 -39.90 35.47 24.00
C ILE B 198 -38.49 35.40 24.62
N TRP B 199 -37.66 36.42 24.39
CA TRP B 199 -36.32 36.40 24.93
C TRP B 199 -36.33 36.41 26.45
N GLY B 200 -37.21 37.21 27.06
CA GLY B 200 -37.30 37.21 28.51
C GLY B 200 -37.73 35.87 29.07
N CYS B 201 -38.69 35.22 28.41
CA CYS B 201 -39.10 33.89 28.86
C CYS B 201 -37.94 32.92 28.79
N LEU B 202 -37.16 32.96 27.70
CA LEU B 202 -36.01 32.06 27.59
C LEU B 202 -34.99 32.33 28.70
N ILE B 203 -34.68 33.60 28.95
CA ILE B 203 -33.71 33.94 29.98
C ILE B 203 -34.19 33.48 31.34
N LEU B 204 -35.47 33.69 31.63
CA LEU B 204 -36.04 33.26 32.90
C LEU B 204 -35.95 31.74 33.04
N GLY B 205 -36.24 31.01 31.96
CA GLY B 205 -36.11 29.57 32.01
C GLY B 205 -34.69 29.12 32.30
N VAL B 206 -33.72 29.79 31.68
CA VAL B 206 -32.32 29.43 31.95
C VAL B 206 -31.98 29.67 33.41
N ILE B 207 -32.38 30.83 33.95
CA ILE B 207 -32.08 31.14 35.35
C ILE B 207 -32.72 30.11 36.27
N LEU B 208 -33.98 29.75 36.01
CA LEU B 208 -34.66 28.78 36.85
C LEU B 208 -33.98 27.41 36.77
N TRP B 209 -33.60 26.99 35.56
CA TRP B 209 -32.92 25.71 35.45
C TRP B 209 -31.64 25.72 36.26
N LEU B 210 -30.84 26.78 36.14
CA LEU B 210 -29.62 26.84 36.93
C LEU B 210 -29.94 26.72 38.40
N VAL B 211 -30.83 27.58 38.90
CA VAL B 211 -31.05 27.66 40.35
C VAL B 211 -31.55 26.33 40.90
N PHE B 212 -32.49 25.67 40.20
CA PHE B 212 -33.17 24.53 40.78
C PHE B 212 -32.59 23.18 40.38
N ASP B 213 -31.71 23.10 39.39
CA ASP B 213 -31.03 21.84 39.10
C ASP B 213 -29.52 21.96 39.22
N THR B 214 -28.90 22.95 38.56
CA THR B 214 -27.45 22.98 38.49
C THR B 214 -26.84 23.26 39.85
N ALA B 215 -27.44 24.19 40.59
CA ALA B 215 -26.97 24.45 41.96
C ALA B 215 -27.16 23.24 42.85
N LYS B 216 -28.28 22.51 42.68
CA LYS B 216 -28.50 21.30 43.44
C LYS B 216 -27.42 20.26 43.15
N LEU B 217 -27.05 20.12 41.88
CA LEU B 217 -26.05 19.12 41.51
C LEU B 217 -24.70 19.41 42.17
N GLY B 218 -24.27 20.66 42.14
CA GLY B 218 -23.05 21.04 42.84
C GLY B 218 -22.32 22.16 42.15
N GLN B 219 -21.13 22.45 42.69
CA GLN B 219 -20.31 23.55 42.21
C GLN B 219 -19.74 23.27 40.83
N GLN B 220 -19.34 22.01 40.57
CA GLN B 220 -18.66 21.70 39.32
C GLN B 220 -19.55 21.95 38.12
N GLN B 221 -20.85 21.73 38.25
CA GLN B 221 -21.76 21.97 37.14
C GLN B 221 -21.89 23.46 36.84
N LEU B 222 -21.94 24.27 37.89
CA LEU B 222 -21.93 25.72 37.71
C LEU B 222 -20.63 26.16 37.04
N VAL B 223 -19.51 25.53 37.40
CA VAL B 223 -18.24 25.85 36.75
C VAL B 223 -18.30 25.46 35.28
N SER B 224 -18.99 24.36 34.96
CA SER B 224 -19.17 23.98 33.56
C SER B 224 -19.93 25.06 32.80
N PHE B 225 -21.01 25.58 33.40
CA PHE B 225 -21.75 26.67 32.75
C PHE B 225 -20.87 27.91 32.56
N GLY B 226 -20.11 28.26 33.60
CA GLY B 226 -19.20 29.39 33.49
C GLY B 226 -18.17 29.19 32.40
N GLY B 227 -17.66 27.96 32.27
CA GLY B 227 -16.72 27.67 31.20
C GLY B 227 -17.34 27.78 29.83
N LEU B 228 -18.60 27.37 29.69
CA LEU B 228 -19.32 27.61 28.45
C LEU B 228 -19.31 29.09 28.10
N ILE B 229 -19.68 29.92 29.07
CA ILE B 229 -19.70 31.36 28.82
C ILE B 229 -18.32 31.87 28.45
N ILE B 230 -17.29 31.40 29.16
CA ILE B 230 -15.94 31.93 28.97
C ILE B 230 -15.40 31.53 27.60
N TYR B 231 -15.62 30.29 27.18
CA TYR B 231 -15.17 29.90 25.85
C TYR B 231 -15.87 30.70 24.77
N THR B 232 -17.19 30.94 24.94
CA THR B 232 -17.87 31.75 23.94
C THR B 232 -17.31 33.17 23.91
N SER B 233 -17.06 33.75 25.08
CA SER B 233 -16.53 35.11 25.13
C SER B 233 -15.15 35.19 24.49
N LEU B 234 -14.29 34.21 24.76
CA LEU B 234 -12.97 34.20 24.14
C LEU B 234 -13.07 34.05 22.63
N THR B 235 -14.03 33.25 22.16
CA THR B 235 -14.23 33.15 20.72
C THR B 235 -14.63 34.50 20.14
N PHE B 236 -15.48 35.24 20.85
CA PHE B 236 -15.92 36.53 20.33
C PHE B 236 -14.76 37.54 20.31
N LEU B 237 -13.99 37.60 21.39
CA LEU B 237 -12.96 38.63 21.52
C LEU B 237 -11.91 38.50 20.42
N PHE B 238 -11.51 37.25 20.11
CA PHE B 238 -10.51 36.99 19.09
C PHE B 238 -11.12 36.72 17.73
N SER B 239 -12.31 37.26 17.47
CA SER B 239 -13.01 37.00 16.22
C SER B 239 -12.36 37.75 15.06
N LYS B 240 -12.51 37.18 13.86
CA LYS B 240 -12.00 37.83 12.66
C LYS B 240 -12.70 39.16 12.42
N HIS B 241 -14.02 39.20 12.58
CA HIS B 241 -14.83 40.39 12.34
C HIS B 241 -15.76 40.57 13.53
N PRO B 242 -15.25 41.08 14.65
CA PRO B 242 -16.09 41.20 15.86
C PRO B 242 -17.30 42.07 15.66
N THR B 243 -17.28 43.01 14.72
CA THR B 243 -18.39 43.92 14.50
C THR B 243 -19.41 43.40 13.49
N LYS B 244 -19.15 42.27 12.84
CA LYS B 244 -20.02 41.71 11.82
C LYS B 244 -20.73 40.46 12.30
N VAL B 245 -20.86 40.27 13.61
CA VAL B 245 -21.34 39.01 14.16
C VAL B 245 -22.86 38.94 14.03
N TYR B 246 -23.35 37.83 13.47
CA TYR B 246 -24.77 37.51 13.43
C TYR B 246 -25.05 36.50 14.54
N TRP B 247 -25.78 36.93 15.57
CA TRP B 247 -25.87 36.19 16.83
C TRP B 247 -26.92 35.09 16.82
N ARG B 248 -27.78 35.02 15.81
CA ARG B 248 -28.80 33.98 15.77
C ARG B 248 -28.21 32.57 15.76
N PRO B 249 -27.28 32.23 14.84
CA PRO B 249 -26.74 30.86 14.85
C PRO B 249 -26.04 30.49 16.13
N VAL B 250 -25.38 31.44 16.79
CA VAL B 250 -24.62 31.12 18.00
C VAL B 250 -25.56 30.60 19.08
N PHE B 251 -26.60 31.39 19.38
CA PHE B 251 -27.54 31.01 20.43
C PHE B 251 -28.35 29.80 20.02
N TRP B 252 -28.71 29.69 18.74
CA TRP B 252 -29.49 28.54 18.33
C TRP B 252 -28.68 27.26 18.42
N GLY B 253 -27.39 27.30 18.08
CA GLY B 253 -26.57 26.12 18.23
C GLY B 253 -26.37 25.71 19.67
N ILE B 254 -26.10 26.70 20.55
CA ILE B 254 -25.96 26.36 21.96
C ILE B 254 -27.26 25.78 22.51
N GLY B 255 -28.39 26.36 22.12
CA GLY B 255 -29.67 25.84 22.55
C GLY B 255 -29.95 24.44 22.04
N LEU B 256 -29.61 24.16 20.78
CA LEU B 256 -29.80 22.82 20.25
C LEU B 256 -28.94 21.81 21.00
N GLN B 257 -27.70 22.17 21.31
CA GLN B 257 -26.86 21.29 22.11
C GLN B 257 -27.50 21.03 23.47
N PHE B 258 -27.99 22.09 24.11
CA PHE B 258 -28.61 21.93 25.43
C PHE B 258 -29.85 21.03 25.35
N LEU B 259 -30.67 21.21 24.31
CA LEU B 259 -31.88 20.39 24.17
C LEU B 259 -31.53 18.93 23.93
N LEU B 260 -30.56 18.67 23.05
CA LEU B 260 -30.12 17.28 22.85
C LEU B 260 -29.60 16.69 24.15
N GLY B 261 -28.81 17.46 24.90
CA GLY B 261 -28.31 16.97 26.17
C GLY B 261 -29.42 16.64 27.15
N LEU B 262 -30.42 17.51 27.26
CA LEU B 262 -31.55 17.23 28.13
C LEU B 262 -32.27 15.97 27.69
N LEU B 263 -32.50 15.83 26.38
CA LEU B 263 -33.25 14.70 25.87
C LEU B 263 -32.53 13.38 26.12
N ILE B 264 -31.21 13.35 25.92
CA ILE B 264 -30.47 12.10 25.93
C ILE B 264 -29.94 11.76 27.32
N LEU B 265 -29.49 12.76 28.08
CA LEU B 265 -28.86 12.53 29.37
C LEU B 265 -29.81 12.66 30.55
N ARG B 266 -30.99 13.24 30.36
CA ARG B 266 -31.86 13.60 31.47
C ARG B 266 -33.28 13.08 31.29
N THR B 267 -33.51 12.17 30.36
CA THR B 267 -34.82 11.56 30.15
C THR B 267 -34.64 10.07 29.93
N GLU B 268 -35.55 9.28 30.51
CA GLU B 268 -35.47 7.83 30.33
C GLU B 268 -35.61 7.43 28.87
N PRO B 269 -36.54 7.97 28.09
CA PRO B 269 -36.64 7.56 26.68
C PRO B 269 -35.35 7.74 25.91
N GLY B 270 -34.74 8.93 25.95
CA GLY B 270 -33.53 9.15 25.16
C GLY B 270 -32.35 8.36 25.68
N PHE B 271 -32.22 8.27 27.00
CA PHE B 271 -31.14 7.48 27.59
C PHE B 271 -31.23 6.02 27.13
N MET B 272 -32.43 5.44 27.20
CA MET B 272 -32.62 4.08 26.73
C MET B 272 -32.35 3.95 25.24
N ALA B 273 -32.84 4.91 24.45
CA ALA B 273 -32.65 4.84 23.01
C ALA B 273 -31.18 4.81 22.65
N PHE B 274 -30.40 5.70 23.24
CA PHE B 274 -28.98 5.76 22.89
C PHE B 274 -28.17 4.65 23.54
N ASP B 275 -28.57 4.13 24.69
CA ASP B 275 -27.90 2.93 25.22
C ASP B 275 -28.13 1.75 24.30
N TRP B 276 -29.36 1.57 23.82
CA TRP B 276 -29.65 0.52 22.86
C TRP B 276 -28.86 0.71 21.57
N LEU B 277 -28.81 1.95 21.08
CA LEU B 277 -28.06 2.24 19.85
C LEU B 277 -26.59 1.93 20.03
N GLY B 278 -26.02 2.27 21.18
CA GLY B 278 -24.63 1.92 21.45
C GLY B 278 -24.42 0.42 21.53
N LYS B 279 -25.36 -0.30 22.13
CA LYS B 279 -25.21 -1.74 22.25
C LYS B 279 -25.29 -2.43 20.89
N GLN B 280 -26.09 -1.92 19.97
CA GLN B 280 -26.15 -2.52 18.64
C GLN B 280 -24.82 -2.41 17.92
N VAL B 281 -24.11 -1.30 18.10
CA VAL B 281 -22.81 -1.10 17.45
C VAL B 281 -21.81 -2.12 17.97
N GLN B 282 -21.83 -2.38 19.29
CA GLN B 282 -20.94 -3.38 19.86
C GLN B 282 -21.18 -4.75 19.26
N THR B 283 -22.45 -5.13 19.09
CA THR B 283 -22.76 -6.38 18.40
C THR B 283 -22.27 -6.34 16.96
N PHE B 284 -22.43 -5.19 16.29
CA PHE B 284 -22.07 -5.08 14.88
C PHE B 284 -20.57 -5.25 14.66
N LEU B 285 -19.74 -4.72 15.56
CA LEU B 285 -18.30 -4.79 15.36
C LEU B 285 -17.72 -6.18 15.58
N GLY B 286 -18.52 -7.12 16.09
CA GLY B 286 -18.04 -8.47 16.30
C GLY B 286 -18.02 -9.34 15.06
N TYR B 287 -18.74 -8.94 14.02
CA TYR B 287 -18.79 -9.72 12.79
C TYR B 287 -17.46 -9.73 12.04
N SER B 288 -16.62 -8.72 12.23
CA SER B 288 -15.33 -8.67 11.56
C SER B 288 -14.42 -9.81 11.99
N ASP B 289 -14.68 -10.41 13.14
CA ASP B 289 -13.84 -11.48 13.63
C ASP B 289 -13.88 -12.69 12.70
N ALA B 290 -14.98 -12.87 11.97
CA ALA B 290 -15.06 -13.99 11.05
C ALA B 290 -13.99 -13.91 9.96
N GLY B 291 -13.83 -12.73 9.37
CA GLY B 291 -12.78 -12.56 8.38
C GLY B 291 -11.40 -12.50 9.00
N ALA B 292 -11.27 -11.85 10.15
CA ALA B 292 -9.95 -11.76 10.79
C ALA B 292 -9.44 -13.14 11.18
N SER B 293 -10.33 -14.04 11.60
CA SER B 293 -9.91 -15.37 12.02
C SER B 293 -9.43 -16.20 10.84
N PHE B 294 -9.96 -15.98 9.64
CA PHE B 294 -9.47 -16.71 8.47
C PHE B 294 -8.17 -16.10 7.94
N VAL B 295 -8.16 -14.79 7.70
CA VAL B 295 -6.98 -14.18 7.11
C VAL B 295 -5.77 -14.33 8.03
N PHE B 296 -5.98 -14.15 9.33
CA PHE B 296 -4.88 -14.15 10.30
C PHE B 296 -4.91 -15.32 11.26
N GLY B 297 -5.86 -16.25 11.09
CA GLY B 297 -5.88 -17.47 11.86
C GLY B 297 -6.54 -17.32 13.21
N GLU B 298 -6.64 -18.46 13.92
CA GLU B 298 -7.20 -18.48 15.26
C GLU B 298 -6.30 -17.79 16.27
N LYS B 299 -5.05 -17.50 15.92
CA LYS B 299 -4.14 -16.76 16.78
C LYS B 299 -4.12 -15.28 16.47
N TYR B 300 -5.14 -14.78 15.77
CA TYR B 300 -5.20 -13.36 15.45
C TYR B 300 -5.30 -12.51 16.70
N THR B 301 -5.68 -13.09 17.84
CA THR B 301 -5.73 -12.37 19.09
C THR B 301 -4.36 -12.22 19.75
N ASP B 302 -3.33 -12.90 19.23
CA ASP B 302 -1.97 -12.66 19.70
C ASP B 302 -1.50 -11.25 19.38
N HIS B 303 -2.08 -10.62 18.35
CA HIS B 303 -1.77 -9.26 17.94
C HIS B 303 -3.11 -8.53 17.89
N PHE B 304 -3.51 -7.98 19.03
CA PHE B 304 -4.89 -7.54 19.18
C PHE B 304 -5.21 -6.37 18.24
N PHE B 305 -4.41 -5.30 18.31
CA PHE B 305 -4.75 -4.12 17.52
C PHE B 305 -4.72 -4.42 16.03
N ALA B 306 -3.60 -4.96 15.55
CA ALA B 306 -3.39 -5.07 14.11
C ALA B 306 -4.35 -6.06 13.46
N PHE B 307 -4.61 -7.18 14.12
CA PHE B 307 -5.38 -8.25 13.52
C PHE B 307 -6.80 -8.36 14.06
N LYS B 308 -7.22 -7.48 14.95
CA LYS B 308 -8.61 -7.49 15.40
C LYS B 308 -9.28 -6.12 15.32
N VAL B 309 -8.54 -5.03 15.54
CA VAL B 309 -9.14 -3.71 15.59
C VAL B 309 -9.23 -3.08 14.20
N LEU B 310 -8.16 -3.14 13.43
CA LEU B 310 -8.20 -2.59 12.08
C LEU B 310 -9.22 -3.27 11.19
N PRO B 311 -9.40 -4.60 11.24
CA PRO B 311 -10.50 -5.21 10.48
C PRO B 311 -11.86 -4.61 10.79
N ILE B 312 -12.07 -4.13 12.01
CA ILE B 312 -13.31 -3.42 12.33
C ILE B 312 -13.42 -2.16 11.48
N VAL B 313 -12.31 -1.43 11.33
CA VAL B 313 -12.31 -0.25 10.47
C VAL B 313 -12.65 -0.62 9.05
N ILE B 314 -12.05 -1.72 8.56
CA ILE B 314 -12.32 -2.16 7.19
C ILE B 314 -13.79 -2.45 6.99
N PHE B 315 -14.37 -3.21 7.92
CA PHE B 315 -15.78 -3.60 7.82
C PHE B 315 -16.68 -2.38 7.89
N PHE B 316 -16.40 -1.45 8.79
CA PHE B 316 -17.23 -0.26 8.91
C PHE B 316 -17.16 0.60 7.67
N SER B 317 -15.98 0.75 7.07
CA SER B 317 -15.87 1.48 5.82
C SER B 317 -16.67 0.80 4.72
N THR B 318 -16.61 -0.53 4.65
CA THR B 318 -17.40 -1.25 3.66
C THR B 318 -18.89 -0.97 3.84
N VAL B 319 -19.38 -1.04 5.08
CA VAL B 319 -20.80 -0.83 5.33
C VAL B 319 -21.20 0.60 5.00
N MET B 320 -20.35 1.58 5.32
CA MET B 320 -20.67 2.96 5.00
C MET B 320 -20.74 3.18 3.50
N SER B 321 -19.84 2.55 2.74
CA SER B 321 -19.92 2.66 1.29
C SER B 321 -21.20 2.03 0.76
N MET B 322 -21.61 0.89 1.30
CA MET B 322 -22.86 0.28 0.88
C MET B 322 -24.04 1.20 1.15
N LEU B 323 -24.07 1.80 2.35
CA LEU B 323 -25.17 2.69 2.72
C LEU B 323 -25.19 3.93 1.83
N TYR B 324 -24.01 4.47 1.49
CA TYR B 324 -23.96 5.60 0.59
C TYR B 324 -24.50 5.22 -0.79
N TYR B 325 -24.21 4.01 -1.24
CA TYR B 325 -24.81 3.55 -2.50
C TYR B 325 -26.32 3.49 -2.40
N LEU B 326 -26.85 2.96 -1.30
CA LEU B 326 -28.30 2.80 -1.18
C LEU B 326 -29.02 4.13 -1.00
N GLY B 327 -28.32 5.18 -0.58
CA GLY B 327 -28.92 6.49 -0.43
C GLY B 327 -29.57 6.77 0.90
N LEU B 328 -29.32 5.94 1.92
CA LEU B 328 -29.88 6.19 3.24
C LEU B 328 -29.14 7.31 3.95
N MET B 329 -27.81 7.32 3.82
CA MET B 329 -26.98 8.29 4.52
C MET B 329 -27.32 9.70 4.08
N GLN B 330 -27.50 9.90 2.77
CA GLN B 330 -27.88 11.22 2.27
C GLN B 330 -29.25 11.63 2.81
N TRP B 331 -30.16 10.68 2.97
CA TRP B 331 -31.49 10.99 3.51
C TRP B 331 -31.39 11.53 4.94
N ILE B 332 -30.64 10.83 5.80
CA ILE B 332 -30.48 11.29 7.18
C ILE B 332 -29.78 12.65 7.20
N ILE B 333 -28.75 12.80 6.35
CA ILE B 333 -28.01 14.05 6.28
C ILE B 333 -28.93 15.19 5.90
N ARG B 334 -29.78 14.97 4.90
CA ARG B 334 -30.68 16.04 4.46
C ARG B 334 -31.63 16.43 5.58
N LYS B 335 -32.15 15.46 6.32
CA LYS B 335 -33.06 15.81 7.41
C LYS B 335 -32.37 16.68 8.45
N VAL B 336 -31.19 16.24 8.93
CA VAL B 336 -30.52 16.98 9.99
C VAL B 336 -30.08 18.35 9.50
N GLY B 337 -29.55 18.41 8.27
CA GLY B 337 -29.17 19.68 7.70
C GLY B 337 -30.33 20.63 7.53
N TRP B 338 -31.50 20.11 7.18
CA TRP B 338 -32.67 20.98 7.08
C TRP B 338 -33.05 21.55 8.44
N VAL B 339 -32.99 20.73 9.49
CA VAL B 339 -33.30 21.26 10.81
C VAL B 339 -32.35 22.41 11.15
N MET B 340 -31.04 22.15 11.00
CA MET B 340 -30.06 23.17 11.37
C MET B 340 -30.19 24.41 10.50
N LEU B 341 -30.49 24.23 9.21
CA LEU B 341 -30.67 25.36 8.32
C LEU B 341 -31.86 26.21 8.72
N VAL B 342 -32.97 25.57 9.09
CA VAL B 342 -34.17 26.35 9.37
C VAL B 342 -34.09 27.03 10.73
N THR B 343 -33.36 26.46 11.69
CA THR B 343 -33.27 27.11 12.99
C THR B 343 -32.16 28.15 13.05
N MET B 344 -30.93 27.76 12.70
CA MET B 344 -29.78 28.63 12.86
C MET B 344 -29.60 29.61 11.71
N GLY B 345 -30.31 29.44 10.60
CA GLY B 345 -30.16 30.35 9.49
C GLY B 345 -28.85 30.23 8.76
N THR B 346 -28.19 29.09 8.86
CA THR B 346 -26.91 28.89 8.20
C THR B 346 -27.12 28.57 6.72
N SER B 347 -26.04 28.74 5.95
CA SER B 347 -26.11 28.51 4.51
C SER B 347 -26.31 27.02 4.23
N PRO B 348 -26.96 26.69 3.11
CA PRO B 348 -27.20 25.27 2.81
C PRO B 348 -25.94 24.43 2.73
N VAL B 349 -24.86 24.96 2.14
CA VAL B 349 -23.68 24.15 1.92
C VAL B 349 -23.03 23.76 3.24
N GLU B 350 -22.86 24.74 4.12
CA GLU B 350 -22.20 24.45 5.39
C GLU B 350 -23.10 23.61 6.28
N SER B 351 -24.41 23.79 6.20
CA SER B 351 -25.31 22.91 6.96
C SER B 351 -25.21 21.48 6.48
N VAL B 352 -25.17 21.27 5.16
CA VAL B 352 -25.06 19.92 4.62
C VAL B 352 -23.75 19.29 5.03
N VAL B 353 -22.65 20.05 4.94
CA VAL B 353 -21.35 19.50 5.29
C VAL B 353 -21.26 19.21 6.79
N ALA B 354 -21.85 20.07 7.62
CA ALA B 354 -21.83 19.85 9.06
C ALA B 354 -22.62 18.62 9.43
N SER B 355 -23.80 18.44 8.84
CA SER B 355 -24.57 17.23 9.08
C SER B 355 -23.86 16.00 8.56
N GLY B 356 -23.21 16.10 7.40
CA GLY B 356 -22.49 14.97 6.85
C GLY B 356 -21.30 14.57 7.69
N ASN B 357 -20.62 15.54 8.31
CA ASN B 357 -19.44 15.23 9.09
C ASN B 357 -19.74 14.42 10.34
N ILE B 358 -21.01 14.32 10.73
CA ILE B 358 -21.37 13.44 11.84
C ILE B 358 -20.97 12.01 11.53
N PHE B 359 -21.13 11.59 10.28
CA PHE B 359 -20.88 10.22 9.86
C PHE B 359 -19.62 10.04 9.04
N ILE B 360 -19.15 11.09 8.36
CA ILE B 360 -18.11 10.99 7.35
C ILE B 360 -16.88 11.78 7.80
N GLY B 361 -15.71 11.32 7.37
CA GLY B 361 -14.47 11.98 7.76
C GLY B 361 -14.29 13.34 7.10
N GLN B 362 -13.43 14.15 7.70
CA GLN B 362 -13.19 15.51 7.22
C GLN B 362 -12.75 15.52 5.76
N THR B 363 -11.93 14.55 5.36
CA THR B 363 -11.36 14.53 4.01
C THR B 363 -12.35 14.07 2.96
N GLU B 364 -13.49 13.50 3.34
CA GLU B 364 -14.46 12.98 2.39
C GLU B 364 -15.81 13.68 2.45
N SER B 365 -16.08 14.46 3.48
CA SER B 365 -17.37 15.14 3.62
C SER B 365 -17.54 16.26 2.60
N PRO B 366 -16.48 17.01 2.27
CA PRO B 366 -16.63 18.05 1.23
C PRO B 366 -17.00 17.50 -0.13
N LEU B 367 -16.75 16.22 -0.39
CA LEU B 367 -17.15 15.63 -1.67
C LEU B 367 -18.65 15.67 -1.87
N LEU B 368 -19.42 15.85 -0.79
CA LEU B 368 -20.87 15.99 -0.92
C LEU B 368 -21.26 17.24 -1.70
N VAL B 369 -20.40 18.25 -1.71
CA VAL B 369 -20.68 19.52 -2.38
C VAL B 369 -19.54 19.86 -3.32
N ARG B 370 -18.86 18.84 -3.85
CA ARG B 370 -17.64 19.09 -4.62
C ARG B 370 -17.85 20.07 -5.75
N PRO B 371 -18.90 19.98 -6.56
CA PRO B 371 -19.04 20.92 -7.68
C PRO B 371 -19.09 22.38 -7.27
N TYR B 372 -19.64 22.68 -6.10
CA TYR B 372 -19.92 24.04 -5.69
C TYR B 372 -18.84 24.66 -4.81
N LEU B 373 -17.76 23.95 -4.57
CA LEU B 373 -16.70 24.42 -3.68
C LEU B 373 -16.03 25.70 -4.21
N PRO B 374 -15.75 25.80 -5.50
CA PRO B 374 -15.06 27.00 -5.99
C PRO B 374 -15.82 28.30 -5.75
N TYR B 375 -17.13 28.24 -5.53
CA TYR B 375 -17.95 29.43 -5.40
C TYR B 375 -18.38 29.72 -3.97
N VAL B 376 -17.89 28.96 -2.99
CA VAL B 376 -18.24 29.23 -1.61
C VAL B 376 -17.45 30.43 -1.10
N THR B 377 -17.99 31.07 -0.07
CA THR B 377 -17.35 32.22 0.55
C THR B 377 -16.24 31.77 1.49
N LYS B 378 -15.53 32.74 2.07
CA LYS B 378 -14.50 32.43 3.04
C LYS B 378 -15.10 31.84 4.32
N SER B 379 -16.23 32.38 4.75
CA SER B 379 -16.85 31.91 5.99
C SER B 379 -17.35 30.48 5.85
N GLU B 380 -17.95 30.14 4.69
CA GLU B 380 -18.42 28.78 4.48
C GLU B 380 -17.26 27.80 4.43
N LEU B 381 -16.15 28.19 3.82
CA LEU B 381 -14.97 27.35 3.80
C LEU B 381 -14.43 27.12 5.20
N HIS B 382 -14.38 28.19 6.01
CA HIS B 382 -13.96 28.06 7.39
C HIS B 382 -14.89 27.13 8.16
N ALA B 383 -16.20 27.25 7.93
CA ALA B 383 -17.16 26.39 8.59
C ALA B 383 -16.97 24.94 8.16
N ILE B 384 -16.65 24.71 6.88
CA ILE B 384 -16.43 23.35 6.40
C ILE B 384 -15.24 22.73 7.11
N MET B 385 -14.13 23.46 7.18
CA MET B 385 -12.95 22.91 7.83
C MET B 385 -13.18 22.73 9.32
N THR B 386 -13.89 23.66 9.96
CA THR B 386 -14.20 23.54 11.38
C THR B 386 -15.07 22.31 11.66
N ALA B 387 -16.11 22.12 10.86
CA ALA B 387 -16.93 20.91 10.99
C ALA B 387 -16.09 19.65 10.77
N GLY B 388 -15.15 19.70 9.82
CA GLY B 388 -14.25 18.58 9.65
C GLY B 388 -13.43 18.30 10.90
N PHE B 389 -13.00 19.36 11.58
CA PHE B 389 -12.10 19.19 12.72
C PHE B 389 -12.83 18.83 14.01
N SER B 390 -14.13 19.10 14.11
CA SER B 390 -14.87 18.94 15.35
C SER B 390 -15.58 17.60 15.45
N THR B 391 -15.35 16.68 14.54
CA THR B 391 -16.11 15.43 14.52
C THR B 391 -15.18 14.29 14.17
N ILE B 392 -15.72 13.07 14.26
CA ILE B 392 -15.00 11.86 13.87
C ILE B 392 -15.79 11.19 12.75
N ALA B 393 -15.33 10.04 12.28
CA ALA B 393 -15.97 9.32 11.18
C ALA B 393 -16.50 7.99 11.72
N GLY B 394 -17.51 7.45 11.04
CA GLY B 394 -18.10 6.19 11.42
C GLY B 394 -17.23 4.97 11.19
N SER B 395 -16.11 5.14 10.49
CA SER B 395 -15.20 4.04 10.25
C SER B 395 -14.32 3.76 11.47
N VAL B 396 -14.01 4.78 12.26
CA VAL B 396 -13.11 4.64 13.41
C VAL B 396 -13.85 4.57 14.74
N LEU B 397 -15.19 4.60 14.71
CA LEU B 397 -15.96 4.51 15.94
C LEU B 397 -15.75 3.16 16.62
N GLY B 398 -15.76 2.08 15.84
CA GLY B 398 -15.63 0.76 16.42
C GLY B 398 -14.32 0.53 17.12
N ALA B 399 -13.24 1.14 16.63
CA ALA B 399 -11.95 1.02 17.30
C ALA B 399 -11.99 1.64 18.69
N TYR B 400 -12.53 2.86 18.80
CA TYR B 400 -12.64 3.50 20.09
C TYR B 400 -13.53 2.71 21.04
N ILE B 401 -14.62 2.14 20.52
CA ILE B 401 -15.47 1.29 21.35
C ILE B 401 -14.72 0.03 21.77
N SER B 402 -13.88 -0.51 20.88
CA SER B 402 -13.09 -1.70 21.21
C SER B 402 -12.09 -1.41 22.31
N PHE B 403 -11.56 -0.19 22.37
CA PHE B 403 -10.69 0.18 23.47
C PHE B 403 -11.42 0.09 24.80
N GLY B 404 -12.67 0.53 24.84
CA GLY B 404 -13.46 0.52 26.06
C GLY B 404 -14.18 1.82 26.31
N VAL B 405 -14.17 2.71 25.32
CA VAL B 405 -14.83 4.01 25.45
C VAL B 405 -16.32 3.83 25.24
N SER B 406 -17.11 4.58 26.00
CA SER B 406 -18.56 4.44 25.95
C SER B 406 -19.09 4.76 24.56
N SER B 407 -19.95 3.87 24.04
CA SER B 407 -20.53 4.08 22.73
C SER B 407 -21.59 5.18 22.75
N SER B 408 -22.42 5.19 23.79
CA SER B 408 -23.47 6.20 23.89
C SER B 408 -22.89 7.61 23.94
N HIS B 409 -21.84 7.78 24.73
CA HIS B 409 -21.20 9.10 24.82
C HIS B 409 -20.60 9.51 23.49
N LEU B 410 -19.98 8.57 22.78
CA LEU B 410 -19.40 8.89 21.48
C LEU B 410 -20.49 9.32 20.50
N LEU B 411 -21.60 8.58 20.45
CA LEU B 411 -22.68 8.95 19.53
C LEU B 411 -23.27 10.31 19.90
N THR B 412 -23.48 10.54 21.20
CA THR B 412 -24.06 11.81 21.64
C THR B 412 -23.15 12.97 21.31
N ALA B 413 -21.84 12.81 21.53
CA ALA B 413 -20.89 13.86 21.20
C ALA B 413 -20.84 14.11 19.70
N SER B 414 -20.85 13.05 18.90
CA SER B 414 -20.83 13.22 17.46
C SER B 414 -22.06 13.99 16.98
N VAL B 415 -23.22 13.70 17.57
CA VAL B 415 -24.43 14.44 17.18
C VAL B 415 -24.34 15.90 17.64
N MET B 416 -23.89 16.12 18.88
CA MET B 416 -23.86 17.47 19.44
C MET B 416 -22.79 18.35 18.81
N SER B 417 -21.82 17.77 18.12
CA SER B 417 -20.69 18.55 17.64
C SER B 417 -21.08 19.48 16.48
N ALA B 418 -22.03 19.07 15.65
CA ALA B 418 -22.34 19.85 14.45
C ALA B 418 -22.86 21.25 14.77
N PRO B 419 -23.94 21.41 15.54
CA PRO B 419 -24.38 22.77 15.87
C PRO B 419 -23.32 23.58 16.61
N ALA B 420 -22.53 22.93 17.46
CA ALA B 420 -21.42 23.61 18.11
C ALA B 420 -20.40 24.09 17.10
N ALA B 421 -20.07 23.24 16.13
CA ALA B 421 -19.11 23.63 15.10
C ALA B 421 -19.61 24.83 14.33
N LEU B 422 -20.88 24.81 13.94
CA LEU B 422 -21.43 25.91 13.15
C LEU B 422 -21.50 27.20 13.95
N ALA B 423 -21.92 27.12 15.22
CA ALA B 423 -21.97 28.32 16.06
C ALA B 423 -20.59 28.92 16.25
N ILE B 424 -19.60 28.10 16.58
CA ILE B 424 -18.25 28.60 16.82
C ILE B 424 -17.66 29.14 15.53
N SER B 425 -17.95 28.51 14.39
CA SER B 425 -17.46 29.01 13.11
C SER B 425 -18.05 30.37 12.78
N LYS B 426 -19.36 30.54 12.96
CA LYS B 426 -19.99 31.81 12.65
C LYS B 426 -19.54 32.91 13.61
N LEU B 427 -19.23 32.56 14.86
CA LEU B 427 -18.74 33.56 15.80
C LEU B 427 -17.28 33.92 15.54
N PHE B 428 -16.47 32.92 15.19
CA PHE B 428 -15.04 33.13 14.96
C PHE B 428 -14.80 33.82 13.62
N TRP B 429 -15.58 33.47 12.61
CA TRP B 429 -15.43 34.01 11.26
C TRP B 429 -16.81 34.25 10.67
N PRO B 430 -17.44 35.36 10.99
CA PRO B 430 -18.79 35.62 10.50
C PRO B 430 -18.79 36.00 9.03
N GLU B 431 -20.00 36.00 8.45
CA GLU B 431 -20.17 36.16 7.02
C GLU B 431 -20.25 37.63 6.64
N THR B 432 -19.42 38.04 5.69
CA THR B 432 -19.41 39.40 5.19
C THR B 432 -19.64 39.48 3.68
N GLU B 433 -20.05 38.37 3.05
CA GLU B 433 -20.27 38.31 1.62
C GLU B 433 -21.68 37.78 1.37
N THR B 434 -22.01 37.60 0.10
CA THR B 434 -23.31 37.10 -0.30
C THR B 434 -23.17 35.67 -0.80
N PRO B 435 -23.79 34.68 -0.16
CA PRO B 435 -23.67 33.31 -0.64
C PRO B 435 -24.34 33.14 -1.99
N LYS B 436 -23.75 32.29 -2.83
CA LYS B 436 -24.25 32.07 -4.18
C LYS B 436 -25.06 30.78 -4.31
N ILE B 437 -24.66 29.72 -3.63
CA ILE B 437 -25.29 28.42 -3.80
C ILE B 437 -26.61 28.39 -3.06
N ASN B 438 -27.57 27.65 -3.62
CA ASN B 438 -28.92 27.58 -3.09
C ASN B 438 -29.19 26.19 -2.54
N LEU B 439 -30.39 26.03 -1.96
CA LEU B 439 -30.71 24.82 -1.20
C LEU B 439 -30.75 23.58 -2.09
N LYS B 440 -31.38 23.69 -3.26
CA LYS B 440 -31.54 22.53 -4.12
C LYS B 440 -30.18 22.00 -4.58
N ASN B 441 -29.27 22.90 -4.95
CA ASN B 441 -27.95 22.48 -5.38
C ASN B 441 -27.15 21.83 -4.25
N ALA B 442 -27.24 22.39 -3.05
CA ALA B 442 -26.51 21.84 -1.92
C ALA B 442 -27.04 20.47 -1.52
N MET B 443 -28.36 20.30 -1.52
CA MET B 443 -28.94 19.06 -1.02
C MET B 443 -28.72 17.89 -1.98
N LYS B 444 -28.56 18.15 -3.27
CA LYS B 444 -28.28 17.07 -4.20
C LYS B 444 -26.82 16.63 -4.02
N MET B 445 -26.63 15.34 -3.77
CA MET B 445 -25.33 14.76 -3.50
C MET B 445 -25.03 13.75 -4.60
N GLU B 446 -24.13 14.10 -5.52
CA GLU B 446 -23.76 13.19 -6.59
C GLU B 446 -23.22 11.90 -6.01
N SER B 447 -23.94 10.80 -6.20
CA SER B 447 -23.53 9.51 -5.67
C SER B 447 -22.35 8.96 -6.48
N GLY B 448 -21.69 7.97 -5.92
CA GLY B 448 -20.51 7.41 -6.53
C GLY B 448 -20.83 6.55 -7.74
N ASP B 449 -19.77 6.06 -8.38
CA ASP B 449 -19.89 5.25 -9.58
C ASP B 449 -19.78 3.76 -9.22
N SER B 450 -20.88 3.27 -8.65
CA SER B 450 -21.02 1.86 -8.31
C SER B 450 -22.28 1.31 -8.98
N ARG B 451 -22.11 0.27 -9.79
CA ARG B 451 -23.23 -0.29 -10.53
C ARG B 451 -24.14 -1.14 -9.63
N ASN B 452 -23.60 -1.71 -8.57
CA ASN B 452 -24.40 -2.56 -7.69
C ASN B 452 -23.82 -2.52 -6.29
N LEU B 453 -24.51 -3.21 -5.36
CA LEU B 453 -24.15 -3.16 -3.95
C LEU B 453 -22.81 -3.82 -3.67
N LEU B 454 -22.53 -4.93 -4.35
CA LEU B 454 -21.29 -5.65 -4.09
C LEU B 454 -20.07 -4.90 -4.61
N GLU B 455 -20.24 -4.17 -5.71
CA GLU B 455 -19.18 -3.28 -6.16
C GLU B 455 -18.92 -2.17 -5.15
N ALA B 456 -19.98 -1.64 -4.53
CA ALA B 456 -19.81 -0.66 -3.48
C ALA B 456 -19.07 -1.26 -2.29
N ALA B 457 -19.37 -2.52 -1.95
CA ALA B 457 -18.64 -3.17 -0.87
C ALA B 457 -17.16 -3.31 -1.20
N THR B 458 -16.83 -3.71 -2.43
CA THR B 458 -15.42 -3.84 -2.80
C THR B 458 -14.71 -2.49 -2.83
N GLN B 459 -15.38 -1.45 -3.31
CA GLN B 459 -14.79 -0.12 -3.31
C GLN B 459 -14.57 0.39 -1.90
N GLY B 460 -15.52 0.13 -1.00
CA GLY B 460 -15.34 0.50 0.39
C GLY B 460 -14.17 -0.23 1.04
N ALA B 461 -14.03 -1.51 0.73
CA ALA B 461 -12.92 -2.28 1.28
C ALA B 461 -11.58 -1.77 0.77
N SER B 462 -11.46 -1.53 -0.53
CA SER B 462 -10.18 -1.12 -1.09
C SER B 462 -9.71 0.21 -0.53
N SER B 463 -10.64 1.14 -0.33
CA SER B 463 -10.29 2.45 0.21
C SER B 463 -9.72 2.35 1.61
N SER B 464 -10.10 1.32 2.35
CA SER B 464 -9.68 1.20 3.75
C SER B 464 -8.23 0.80 3.91
N ILE B 465 -7.55 0.41 2.83
CA ILE B 465 -6.17 -0.06 2.93
C ILE B 465 -5.26 1.06 3.42
N SER B 466 -5.33 2.21 2.76
CA SER B 466 -4.48 3.34 3.13
C SER B 466 -4.83 3.89 4.49
N LEU B 467 -6.11 3.86 4.84
CA LEU B 467 -6.54 4.36 6.14
C LEU B 467 -5.88 3.60 7.28
N VAL B 468 -5.98 2.27 7.25
CA VAL B 468 -5.40 1.45 8.30
C VAL B 468 -3.87 1.51 8.25
N ALA B 469 -3.29 1.56 7.05
CA ALA B 469 -1.84 1.66 6.95
C ALA B 469 -1.33 2.94 7.63
N ASN B 470 -1.95 4.07 7.31
CA ASN B 470 -1.55 5.33 7.92
C ASN B 470 -1.81 5.33 9.41
N ILE B 471 -2.92 4.77 9.86
CA ILE B 471 -3.19 4.72 11.29
C ILE B 471 -2.05 3.99 12.01
N ALA B 472 -1.69 2.81 11.50
CA ALA B 472 -0.67 2.00 12.15
C ALA B 472 0.68 2.70 12.16
N VAL B 473 1.10 3.24 11.02
CA VAL B 473 2.42 3.86 10.95
C VAL B 473 2.48 5.12 11.80
N ASN B 474 1.42 5.92 11.78
CA ASN B 474 1.37 7.12 12.61
C ASN B 474 1.45 6.78 14.09
N LEU B 475 0.74 5.73 14.51
CA LEU B 475 0.82 5.35 15.91
C LEU B 475 2.23 4.90 16.28
N ILE B 476 2.87 4.10 15.42
CA ILE B 476 4.23 3.65 15.71
C ILE B 476 5.14 4.85 15.90
N ALA B 477 5.10 5.79 14.95
CA ALA B 477 6.01 6.93 14.99
C ALA B 477 5.74 7.81 16.21
N PHE B 478 4.46 8.08 16.49
CA PHE B 478 4.13 8.96 17.60
C PHE B 478 4.55 8.36 18.93
N LEU B 479 4.33 7.05 19.12
CA LEU B 479 4.70 6.46 20.40
C LEU B 479 6.21 6.35 20.57
N ALA B 480 6.95 6.10 19.48
CA ALA B 480 8.40 6.11 19.59
C ALA B 480 8.91 7.51 19.92
N LEU B 481 8.33 8.54 19.31
CA LEU B 481 8.71 9.91 19.63
C LEU B 481 8.41 10.23 21.08
N LEU B 482 7.25 9.77 21.57
CA LEU B 482 6.91 10.00 22.97
C LEU B 482 7.94 9.37 23.90
N SER B 483 8.36 8.13 23.61
CA SER B 483 9.37 7.51 24.45
C SER B 483 10.67 8.29 24.42
N PHE B 484 11.11 8.72 23.23
CA PHE B 484 12.35 9.46 23.13
C PHE B 484 12.28 10.78 23.88
N MET B 485 11.15 11.50 23.73
CA MET B 485 10.99 12.78 24.42
C MET B 485 11.00 12.60 25.93
N ASN B 486 10.32 11.56 26.44
CA ASN B 486 10.32 11.33 27.87
C ASN B 486 11.72 10.99 28.38
N SER B 487 12.47 10.18 27.62
CA SER B 487 13.84 9.86 28.05
C SER B 487 14.70 11.11 28.08
N ALA B 488 14.59 11.95 27.05
CA ALA B 488 15.37 13.18 27.00
C ALA B 488 15.01 14.11 28.16
N LEU B 489 13.73 14.24 28.46
CA LEU B 489 13.32 15.13 29.55
C LEU B 489 13.77 14.60 30.91
N SER B 490 13.75 13.28 31.10
CA SER B 490 14.31 12.72 32.33
C SER B 490 15.81 12.97 32.40
N TRP B 491 16.50 12.88 31.27
CA TRP B 491 17.93 13.18 31.23
C TRP B 491 18.20 14.62 31.63
N LEU B 492 17.39 15.56 31.12
CA LEU B 492 17.54 16.96 31.49
C LEU B 492 17.13 17.20 32.93
N GLY B 493 16.00 16.61 33.36
CA GLY B 493 15.51 16.85 34.69
C GLY B 493 16.44 16.37 35.78
N ASN B 494 17.15 15.27 35.53
CA ASN B 494 18.07 14.74 36.54
C ASN B 494 19.17 15.72 36.90
N MET B 495 19.43 16.71 36.04
CA MET B 495 20.42 17.73 36.34
C MET B 495 19.93 18.70 37.41
N PHE B 496 18.64 18.67 37.75
CA PHE B 496 18.09 19.47 38.83
C PHE B 496 17.47 18.59 39.92
N ASP B 497 17.89 17.34 40.01
CA ASP B 497 17.36 16.40 40.99
C ASP B 497 15.86 16.17 40.79
N TYR B 498 15.39 16.26 39.54
CA TYR B 498 13.99 16.01 39.20
C TYR B 498 13.93 15.10 37.97
N PRO B 499 14.32 13.83 38.12
CA PRO B 499 14.24 12.90 37.00
C PRO B 499 12.84 12.45 36.65
N GLN B 500 11.81 12.95 37.34
CA GLN B 500 10.43 12.62 37.01
C GLN B 500 9.86 13.50 35.90
N LEU B 501 10.63 14.48 35.42
CA LEU B 501 10.15 15.36 34.37
C LEU B 501 9.72 14.55 33.15
N SER B 502 8.56 14.89 32.60
CA SER B 502 8.03 14.15 31.47
C SER B 502 7.06 15.04 30.70
N PHE B 503 6.69 14.56 29.51
CA PHE B 503 5.66 15.21 28.72
C PHE B 503 4.33 15.26 29.47
N GLU B 504 4.00 14.16 30.16
CA GLU B 504 2.75 14.12 30.91
C GLU B 504 2.74 15.15 32.03
N VAL B 505 3.87 15.29 32.74
CA VAL B 505 3.93 16.25 33.85
C VAL B 505 3.72 17.67 33.35
N ILE B 506 4.36 18.03 32.24
CA ILE B 506 4.23 19.38 31.70
C ILE B 506 2.81 19.62 31.23
N CYS B 507 2.22 18.65 30.53
CA CYS B 507 0.86 18.84 30.05
C CYS B 507 -0.15 18.87 31.18
N SER B 508 0.15 18.22 32.30
CA SER B 508 -0.78 18.25 33.43
C SER B 508 -0.96 19.65 33.98
N TYR B 509 0.02 20.52 33.77
CA TYR B 509 -0.05 21.90 34.21
C TYR B 509 -0.44 22.87 33.10
N VAL B 510 0.00 22.62 31.87
CA VAL B 510 -0.29 23.55 30.79
C VAL B 510 -1.80 23.57 30.48
N PHE B 511 -2.41 22.40 30.36
CA PHE B 511 -3.81 22.31 29.93
C PHE B 511 -4.80 22.19 31.07
N MET B 512 -4.33 22.24 32.32
CA MET B 512 -5.24 22.09 33.45
C MET B 512 -6.36 23.14 33.45
N PRO B 513 -6.10 24.42 33.19
CA PRO B 513 -7.20 25.40 33.23
C PRO B 513 -8.33 25.08 32.26
N PHE B 514 -8.02 24.56 31.08
CA PHE B 514 -9.07 24.19 30.14
C PHE B 514 -9.97 23.11 30.72
N ALA B 515 -9.37 22.10 31.36
CA ALA B 515 -10.16 21.04 31.96
C ALA B 515 -10.97 21.55 33.15
N PHE B 516 -10.40 22.45 33.94
CA PHE B 516 -11.13 22.97 35.09
C PHE B 516 -12.38 23.72 34.66
N MET B 517 -12.27 24.54 33.61
CA MET B 517 -13.42 25.27 33.11
C MET B 517 -14.50 24.36 32.55
N MET B 518 -14.13 23.14 32.12
CA MET B 518 -15.14 22.19 31.66
C MET B 518 -15.89 21.54 32.80
N GLY B 519 -15.52 21.83 34.05
CA GLY B 519 -16.22 21.32 35.20
C GLY B 519 -15.58 20.12 35.86
N VAL B 520 -14.38 19.74 35.45
CA VAL B 520 -13.66 18.64 36.10
C VAL B 520 -13.09 19.14 37.41
N ASP B 521 -13.24 18.33 38.46
CA ASP B 521 -12.79 18.73 39.78
C ASP B 521 -11.29 18.94 39.79
N TRP B 522 -10.80 19.52 40.90
CA TRP B 522 -9.41 19.95 40.97
C TRP B 522 -8.46 18.78 40.79
N GLN B 523 -8.72 17.66 41.46
CA GLN B 523 -7.81 16.53 41.40
C GLN B 523 -7.74 15.92 40.00
N ASP B 524 -8.90 15.71 39.38
CA ASP B 524 -8.96 15.03 38.09
C ASP B 524 -8.64 15.94 36.91
N SER B 525 -8.61 17.26 37.12
CA SER B 525 -8.27 18.17 36.04
C SER B 525 -6.86 17.93 35.53
N PHE B 526 -5.93 17.62 36.44
CA PHE B 526 -4.55 17.37 36.04
C PHE B 526 -4.43 16.11 35.20
N MET B 527 -5.29 15.12 35.45
CA MET B 527 -5.28 13.90 34.65
C MET B 527 -5.93 14.12 33.29
N VAL B 528 -6.99 14.93 33.24
CA VAL B 528 -7.62 15.23 31.96
C VAL B 528 -6.70 16.06 31.08
N ALA B 529 -5.89 16.93 31.70
CA ALA B 529 -4.97 17.75 30.92
C ALA B 529 -3.99 16.89 30.13
N LYS B 530 -3.56 15.76 30.68
CA LYS B 530 -2.66 14.88 29.95
C LYS B 530 -3.32 14.32 28.69
N LEU B 531 -4.60 13.96 28.80
CA LEU B 531 -5.33 13.49 27.62
C LEU B 531 -5.47 14.60 26.59
N ILE B 532 -5.74 15.83 27.05
CA ILE B 532 -5.81 16.95 26.13
C ILE B 532 -4.49 17.12 25.40
N GLY B 533 -3.38 16.99 26.13
CA GLY B 533 -2.07 17.10 25.49
C GLY B 533 -1.83 16.00 24.46
N TYR B 534 -2.16 14.76 24.82
CA TYR B 534 -2.03 13.65 23.88
C TYR B 534 -2.81 13.93 22.61
N LYS B 535 -4.05 14.38 22.74
CA LYS B 535 -4.86 14.65 21.56
C LYS B 535 -4.28 15.80 20.75
N THR B 536 -3.88 16.87 21.43
CA THR B 536 -3.41 18.06 20.72
C THR B 536 -2.14 17.76 19.92
N PHE B 537 -1.21 17.02 20.52
CA PHE B 537 0.11 16.91 19.91
C PHE B 537 0.28 15.68 19.02
N PHE B 538 -0.41 14.58 19.30
CA PHE B 538 -0.29 13.38 18.46
C PHE B 538 -1.57 13.06 17.73
N ASN B 539 -2.65 12.70 18.44
CA ASN B 539 -3.95 12.45 17.82
C ASN B 539 -4.92 11.88 18.85
N GLU B 540 -6.14 11.58 18.43
CA GLU B 540 -7.17 11.10 19.35
C GLU B 540 -7.12 9.59 19.58
N PHE B 541 -6.38 8.83 18.78
CA PHE B 541 -6.21 7.41 19.05
C PHE B 541 -5.43 7.20 20.34
N VAL B 542 -4.31 7.90 20.48
CA VAL B 542 -3.46 7.80 21.65
C VAL B 542 -4.23 8.20 22.90
N ALA B 543 -4.95 9.32 22.81
CA ALA B 543 -5.71 9.82 23.96
C ALA B 543 -6.77 8.83 24.39
N TYR B 544 -7.49 8.25 23.43
CA TYR B 544 -8.54 7.30 23.78
C TYR B 544 -7.96 6.01 24.34
N GLN B 545 -6.78 5.60 23.87
CA GLN B 545 -6.11 4.45 24.48
C GLN B 545 -5.80 4.71 25.95
N GLN B 546 -5.24 5.89 26.25
CA GLN B 546 -4.93 6.20 27.65
C GLN B 546 -6.20 6.28 28.49
N LEU B 547 -7.26 6.88 27.93
CA LEU B 547 -8.52 6.95 28.66
C LEU B 547 -9.07 5.56 28.93
N SER B 548 -8.92 4.64 27.97
CA SER B 548 -9.36 3.27 28.19
C SER B 548 -8.56 2.61 29.30
N LYS B 549 -7.26 2.89 29.38
CA LYS B 549 -6.48 2.41 30.51
C LYS B 549 -7.08 2.90 31.82
N LEU B 550 -7.36 4.19 31.91
CA LEU B 550 -7.91 4.74 33.14
C LEU B 550 -9.27 4.11 33.49
N ILE B 551 -10.11 3.92 32.47
CA ILE B 551 -11.43 3.33 32.69
C ILE B 551 -11.29 1.91 33.23
N SER B 552 -10.40 1.12 32.64
CA SER B 552 -10.21 -0.25 33.10
C SER B 552 -9.69 -0.27 34.53
N LEU B 553 -8.76 0.62 34.86
CA LEU B 553 -8.26 0.69 36.22
C LEU B 553 -9.39 1.01 37.20
N ARG B 554 -10.26 1.96 36.84
CA ARG B 554 -11.39 2.26 37.72
C ARG B 554 -12.29 1.04 37.87
N GLN B 555 -12.56 0.34 36.76
CA GLN B 555 -13.48 -0.78 36.81
C GLN B 555 -12.93 -1.93 37.63
N VAL B 556 -11.61 -2.08 37.71
CA VAL B 556 -11.05 -3.17 38.50
C VAL B 556 -11.40 -3.00 39.97
N GLY B 557 -11.29 -1.78 40.49
CA GLY B 557 -11.58 -1.51 41.88
C GLY B 557 -10.39 -1.41 42.80
N GLY B 558 -9.17 -1.38 42.25
CA GLY B 558 -7.99 -1.29 43.07
C GLY B 558 -7.90 0.07 43.76
N PRO B 559 -6.79 0.27 44.48
CA PRO B 559 -6.61 1.53 45.19
C PRO B 559 -6.58 2.72 44.24
N LYS B 560 -7.17 3.83 44.68
CA LYS B 560 -7.20 5.05 43.88
C LYS B 560 -5.88 5.80 43.95
N PHE B 561 -5.14 5.67 45.05
CA PHE B 561 -3.82 6.27 45.21
C PHE B 561 -2.83 5.21 45.62
N VAL B 562 -1.69 5.17 44.95
CA VAL B 562 -0.56 4.32 45.33
C VAL B 562 0.68 5.19 45.40
N ASP B 563 1.30 5.26 46.59
CA ASP B 563 2.49 6.08 46.80
C ASP B 563 2.24 7.54 46.45
N GLY B 564 1.01 8.02 46.67
CA GLY B 564 0.67 9.40 46.42
C GLY B 564 0.31 9.72 44.98
N VAL B 565 0.25 8.73 44.10
CA VAL B 565 -0.06 8.95 42.70
C VAL B 565 -1.48 8.46 42.44
N GLN B 566 -2.31 9.35 41.90
CA GLN B 566 -3.69 8.97 41.57
C GLN B 566 -3.70 8.04 40.37
N GLN B 567 -4.43 6.94 40.49
CA GLN B 567 -4.43 5.91 39.45
C GLN B 567 -5.59 6.06 38.48
N TYR B 568 -6.78 6.43 38.97
CA TYR B 568 -7.93 6.61 38.12
C TYR B 568 -8.80 7.72 38.69
N MET B 569 -9.69 8.23 37.85
CA MET B 569 -10.55 9.36 38.18
C MET B 569 -12.01 8.93 38.11
N SER B 570 -12.90 9.88 38.41
CA SER B 570 -14.33 9.60 38.49
C SER B 570 -14.91 9.28 37.12
N MET B 571 -16.16 8.81 37.13
CA MET B 571 -16.85 8.47 35.90
C MET B 571 -17.32 9.72 35.16
N ARG B 572 -17.71 10.76 35.90
CA ARG B 572 -18.10 12.02 35.28
C ARG B 572 -16.94 12.63 34.51
N SER B 573 -15.74 12.58 35.09
CA SER B 573 -14.56 13.08 34.40
C SER B 573 -14.28 12.26 33.14
N GLU B 574 -14.51 10.95 33.20
CA GLU B 574 -14.34 10.13 32.02
C GLU B 574 -15.31 10.53 30.92
N ALA B 575 -16.57 10.80 31.27
CA ALA B 575 -17.53 11.26 30.27
C ALA B 575 -17.10 12.60 29.67
N ILE B 576 -16.68 13.53 30.52
CA ILE B 576 -16.26 14.84 30.04
C ILE B 576 -15.08 14.70 29.09
N SER B 577 -14.13 13.82 29.44
CA SER B 577 -12.99 13.57 28.56
C SER B 577 -13.43 12.92 27.26
N THR B 578 -14.44 12.05 27.30
CA THR B 578 -14.94 11.43 26.08
C THR B 578 -15.50 12.49 25.13
N TYR B 579 -16.23 13.45 25.68
CA TYR B 579 -16.76 14.53 24.84
C TYR B 579 -15.65 15.44 24.32
N ALA B 580 -14.68 15.78 25.18
CA ALA B 580 -13.62 16.70 24.78
C ALA B 580 -12.72 16.14 23.70
N LEU B 581 -12.53 14.83 23.67
CA LEU B 581 -11.54 14.19 22.81
C LEU B 581 -12.10 13.75 21.46
N CYS B 582 -13.39 13.98 21.21
CA CYS B 582 -14.04 13.43 20.02
C CYS B 582 -13.85 14.41 18.87
N GLY B 583 -12.74 14.25 18.16
CA GLY B 583 -12.44 15.13 17.05
C GLY B 583 -11.11 14.77 16.41
N PHE B 584 -10.98 15.21 15.16
CA PHE B 584 -9.77 15.01 14.36
C PHE B 584 -8.87 16.24 14.36
N ALA B 585 -9.00 17.10 15.36
CA ALA B 585 -8.24 18.35 15.40
C ALA B 585 -6.87 18.08 16.04
N ASN B 586 -5.82 18.12 15.22
CA ASN B 586 -4.45 18.07 15.71
C ASN B 586 -3.58 18.79 14.71
N PHE B 587 -2.41 19.23 15.19
CA PHE B 587 -1.55 20.08 14.37
C PHE B 587 -1.05 19.35 13.12
N GLY B 588 -0.98 18.02 13.16
CA GLY B 588 -0.44 17.26 12.05
C GLY B 588 -1.39 17.02 10.89
N SER B 589 -2.70 17.16 11.09
CA SER B 589 -3.68 16.93 10.03
C SER B 589 -3.99 18.18 9.23
N LEU B 590 -3.39 19.31 9.59
CA LEU B 590 -3.59 20.55 8.85
C LEU B 590 -3.14 20.39 7.40
N GLY B 591 -1.99 19.75 7.20
CA GLY B 591 -1.47 19.59 5.85
C GLY B 591 -2.35 18.73 4.97
N ILE B 592 -2.80 17.58 5.49
CA ILE B 592 -3.64 16.71 4.68
C ILE B 592 -4.97 17.38 4.39
N VAL B 593 -5.54 18.09 5.36
CA VAL B 593 -6.80 18.79 5.11
C VAL B 593 -6.61 19.81 3.99
N ILE B 594 -5.57 20.64 4.10
CA ILE B 594 -5.33 21.67 3.11
C ILE B 594 -5.11 21.03 1.74
N GLY B 595 -4.29 19.98 1.69
CA GLY B 595 -3.99 19.35 0.42
C GLY B 595 -5.22 18.79 -0.26
N GLY B 596 -6.06 18.07 0.49
CA GLY B 596 -7.25 17.52 -0.12
C GLY B 596 -8.21 18.60 -0.58
N LEU B 597 -8.37 19.65 0.22
CA LEU B 597 -9.33 20.68 -0.13
C LEU B 597 -8.86 21.47 -1.35
N THR B 598 -7.54 21.70 -1.45
CA THR B 598 -7.00 22.31 -2.66
C THR B 598 -7.17 21.40 -3.87
N SER B 599 -6.99 20.09 -3.68
CA SER B 599 -7.19 19.16 -4.78
C SER B 599 -8.61 19.24 -5.31
N MET B 600 -9.59 19.33 -4.42
CA MET B 600 -10.97 19.47 -4.88
C MET B 600 -11.21 20.83 -5.54
N ALA B 601 -10.61 21.89 -5.00
CA ALA B 601 -10.79 23.25 -5.50
C ALA B 601 -9.42 23.93 -5.61
N PRO B 602 -8.70 23.70 -6.71
CA PRO B 602 -7.37 24.32 -6.85
C PRO B 602 -7.40 25.83 -6.82
N SER B 603 -8.47 26.44 -7.34
CA SER B 603 -8.52 27.90 -7.43
C SER B 603 -8.52 28.58 -6.07
N ARG B 604 -8.93 27.88 -5.01
CA ARG B 604 -9.11 28.48 -3.70
C ARG B 604 -7.96 28.18 -2.75
N LYS B 605 -6.79 27.80 -3.28
CA LYS B 605 -5.67 27.45 -2.42
C LYS B 605 -5.31 28.59 -1.49
N ARG B 606 -5.34 29.83 -1.98
CA ARG B 606 -4.97 30.97 -1.14
C ARG B 606 -5.93 31.11 0.04
N ASP B 607 -7.23 30.94 -0.21
CA ASP B 607 -8.21 31.09 0.86
C ASP B 607 -8.16 29.93 1.84
N ILE B 608 -7.94 28.72 1.34
CA ILE B 608 -7.93 27.54 2.21
C ILE B 608 -6.83 27.65 3.26
N THR B 609 -5.63 28.04 2.84
CA THR B 609 -4.51 28.11 3.77
C THR B 609 -4.77 29.14 4.86
N ALA B 610 -5.44 30.24 4.53
CA ALA B 610 -5.61 31.33 5.48
C ALA B 610 -6.45 30.91 6.68
N GLY B 611 -7.54 30.16 6.45
CA GLY B 611 -8.48 29.85 7.50
C GLY B 611 -8.29 28.53 8.21
N ALA B 612 -7.27 27.76 7.86
CA ALA B 612 -7.15 26.40 8.38
C ALA B 612 -6.82 26.40 9.87
N MET B 613 -5.88 27.24 10.30
CA MET B 613 -5.51 27.26 11.71
C MET B 613 -6.65 27.74 12.59
N ARG B 614 -7.35 28.80 12.14
CA ARG B 614 -8.51 29.27 12.87
C ARG B 614 -9.58 28.19 12.94
N ALA B 615 -9.74 27.42 11.86
CA ALA B 615 -10.70 26.32 11.85
C ALA B 615 -10.32 25.24 12.86
N LEU B 616 -9.04 24.90 12.96
CA LEU B 616 -8.60 23.91 13.93
C LEU B 616 -8.88 24.36 15.35
N ILE B 617 -8.56 25.62 15.65
CA ILE B 617 -8.81 26.16 16.98
C ILE B 617 -10.30 26.15 17.30
N ALA B 618 -11.12 26.52 16.30
CA ALA B 618 -12.58 26.52 16.49
C ALA B 618 -13.10 25.11 16.76
N GLY B 619 -12.57 24.11 16.05
CA GLY B 619 -12.99 22.75 16.30
C GLY B 619 -12.70 22.30 17.72
N THR B 620 -11.50 22.60 18.20
CA THR B 620 -11.17 22.29 19.59
C THR B 620 -12.16 22.97 20.54
N ILE B 621 -12.45 24.25 20.31
CA ILE B 621 -13.39 24.97 21.17
C ILE B 621 -14.76 24.34 21.12
N ALA B 622 -15.20 23.86 19.96
CA ALA B 622 -16.49 23.22 19.83
C ALA B 622 -16.56 21.94 20.66
N CYS B 623 -15.52 21.12 20.60
CA CYS B 623 -15.48 19.93 21.44
C CYS B 623 -15.55 20.31 22.91
N PHE B 624 -14.85 21.36 23.30
CA PHE B 624 -14.90 21.78 24.71
C PHE B 624 -16.27 22.29 25.10
N LEU B 625 -17.00 22.94 24.19
CA LEU B 625 -18.37 23.37 24.50
C LEU B 625 -19.30 22.18 24.70
N THR B 626 -19.17 21.16 23.85
CA THR B 626 -19.95 19.94 24.06
C THR B 626 -19.64 19.34 25.42
N ALA B 627 -18.36 19.31 25.78
CA ALA B 627 -17.95 18.77 27.07
C ALA B 627 -18.51 19.60 28.23
N CYS B 628 -18.54 20.93 28.07
CA CYS B 628 -19.09 21.79 29.11
C CYS B 628 -20.56 21.50 29.34
N ILE B 629 -21.32 21.33 28.27
CA ILE B 629 -22.74 21.02 28.46
C ILE B 629 -22.91 19.66 29.13
N ALA B 630 -22.16 18.65 28.68
CA ALA B 630 -22.26 17.34 29.30
C ALA B 630 -21.93 17.43 30.79
N GLY B 631 -20.91 18.21 31.13
CA GLY B 631 -20.55 18.36 32.53
C GLY B 631 -21.63 19.03 33.36
N MET B 632 -22.26 20.07 32.81
CA MET B 632 -23.28 20.76 33.58
C MET B 632 -24.56 19.96 33.70
N LEU B 633 -24.76 18.93 32.88
CA LEU B 633 -25.95 18.09 33.02
C LEU B 633 -25.71 16.79 33.78
N THR B 634 -24.47 16.31 33.87
CA THR B 634 -24.19 15.08 34.60
C THR B 634 -24.03 15.37 36.09
N ASN B 635 -24.36 14.36 36.90
CA ASN B 635 -24.32 14.47 38.35
C ASN B 635 -23.08 13.79 38.91
N THR B 636 -22.72 14.18 40.13
CA THR B 636 -21.57 13.60 40.81
C THR B 636 -21.98 12.32 41.53
N PRO B 637 -21.37 11.16 41.21
CA PRO B 637 -21.75 9.93 41.92
C PRO B 637 -21.02 9.77 43.25
N GLU C 105 -14.56 48.22 17.87
CA GLU C 105 -13.37 47.40 18.01
C GLU C 105 -12.11 48.25 17.93
N ARG C 106 -12.14 49.41 18.60
CA ARG C 106 -10.98 50.30 18.58
C ARG C 106 -9.75 49.64 19.20
N MET C 107 -9.94 48.88 20.28
CA MET C 107 -8.82 48.21 20.91
C MET C 107 -8.16 47.21 19.97
N CYS C 108 -8.96 46.48 19.18
CA CYS C 108 -8.39 45.53 18.23
C CYS C 108 -7.59 46.25 17.16
N GLY C 109 -8.09 47.39 16.66
CA GLY C 109 -7.32 48.16 15.71
C GLY C 109 -6.03 48.69 16.30
N ARG C 110 -6.08 49.13 17.55
CA ARG C 110 -4.86 49.58 18.23
C ARG C 110 -3.87 48.43 18.36
N MET C 111 -4.35 47.24 18.71
CA MET C 111 -3.48 46.09 18.84
C MET C 111 -2.87 45.70 17.50
N SER C 112 -3.67 45.74 16.43
CA SER C 112 -3.15 45.43 15.11
C SER C 112 -2.11 46.45 14.67
N ASP C 113 -2.36 47.74 14.94
CA ASP C 113 -1.38 48.77 14.60
C ASP C 113 -0.09 48.59 15.39
N PHE C 114 -0.20 48.28 16.68
CA PHE C 114 0.99 48.03 17.49
C PHE C 114 1.77 46.83 16.97
N CYS C 115 1.06 45.76 16.61
CA CYS C 115 1.72 44.58 16.07
C CYS C 115 2.43 44.89 14.76
N ARG C 116 1.77 45.65 13.87
CA ARG C 116 2.36 45.96 12.57
C ARG C 116 3.56 46.88 12.72
N GLU C 117 3.49 47.87 13.61
CA GLU C 117 4.51 48.90 13.68
C GLU C 117 5.86 48.33 14.08
N HIS C 118 5.89 47.41 15.04
CA HIS C 118 7.12 46.91 15.63
C HIS C 118 7.15 45.38 15.60
N LYS C 119 6.81 44.82 14.44
CA LYS C 119 6.79 43.36 14.30
C LYS C 119 8.18 42.77 14.49
N THR C 120 9.21 43.41 13.92
CA THR C 120 10.55 42.85 13.97
C THR C 120 11.07 42.79 15.40
N THR C 121 10.84 43.84 16.19
CA THR C 121 11.38 43.89 17.55
C THR C 121 10.66 42.92 18.48
N LEU C 122 9.36 42.71 18.26
CA LEU C 122 8.57 41.88 19.17
C LEU C 122 9.04 40.42 19.12
N ARG C 123 9.15 39.88 17.92
CA ARG C 123 9.57 38.48 17.77
C ARG C 123 11.03 38.29 18.14
N TYR C 124 11.89 39.26 17.83
CA TYR C 124 13.28 39.19 18.26
C TYR C 124 13.39 39.16 19.77
N ILE C 125 12.60 40.00 20.45
CA ILE C 125 12.60 40.00 21.91
C ILE C 125 12.11 38.66 22.45
N ILE C 126 11.07 38.09 21.84
CA ILE C 126 10.55 36.80 22.29
C ILE C 126 11.63 35.73 22.16
N TRP C 127 12.30 35.68 21.00
CA TRP C 127 13.36 34.71 20.79
C TRP C 127 14.51 34.92 21.78
N GLY C 128 14.87 36.17 22.04
CA GLY C 128 15.90 36.45 23.02
C GLY C 128 15.52 35.95 24.40
N ILE C 129 14.25 36.11 24.79
CA ILE C 129 13.80 35.62 26.09
C ILE C 129 13.92 34.11 26.16
N LEU C 130 13.51 33.42 25.08
CA LEU C 130 13.65 31.96 25.06
C LEU C 130 15.11 31.53 25.20
N ILE C 131 16.00 32.20 24.47
CA ILE C 131 17.42 31.88 24.56
C ILE C 131 17.94 32.11 25.98
N ALA C 132 17.52 33.22 26.60
CA ALA C 132 17.95 33.50 27.96
C ALA C 132 17.47 32.42 28.91
N GLY C 133 16.23 31.94 28.73
CA GLY C 133 15.75 30.86 29.56
C GLY C 133 16.57 29.59 29.41
N TYR C 134 16.89 29.23 28.17
CA TYR C 134 17.71 28.03 27.96
C TYR C 134 19.08 28.19 28.63
N LEU C 135 19.70 29.36 28.47
CA LEU C 135 20.99 29.59 29.09
C LEU C 135 20.90 29.53 30.61
N ALA C 136 19.81 30.07 31.17
CA ALA C 136 19.63 30.00 32.61
C ALA C 136 19.54 28.56 33.07
N LEU C 137 18.79 27.73 32.34
CA LEU C 137 18.70 26.32 32.72
C LEU C 137 20.09 25.67 32.68
N VAL C 138 20.86 25.95 31.63
CA VAL C 138 22.18 25.32 31.50
C VAL C 138 23.09 25.74 32.65
N ILE C 139 23.14 27.05 32.93
CA ILE C 139 24.06 27.54 33.96
C ILE C 139 23.64 27.02 35.33
N ALA C 140 22.33 26.98 35.61
CA ALA C 140 21.88 26.42 36.87
C ALA C 140 22.25 24.95 37.00
N ALA C 141 22.09 24.19 35.91
CA ALA C 141 22.46 22.78 35.95
C ALA C 141 23.95 22.61 36.24
N CYS C 142 24.78 23.44 35.61
CA CYS C 142 26.21 23.38 35.88
C CYS C 142 26.52 23.75 37.32
N VAL C 143 25.82 24.75 37.86
CA VAL C 143 26.07 25.19 39.23
C VAL C 143 25.73 24.09 40.21
N MET C 144 24.56 23.46 40.04
CA MET C 144 24.17 22.39 40.96
C MET C 144 25.16 21.24 40.92
N ASN C 145 25.58 20.85 39.71
CA ASN C 145 26.59 19.81 39.55
C ASN C 145 27.16 19.90 38.14
N PHE C 146 28.49 19.97 38.03
CA PHE C 146 29.13 20.20 36.74
C PHE C 146 29.41 18.89 35.99
N HIS C 147 29.94 17.88 36.69
CA HIS C 147 30.25 16.62 36.02
C HIS C 147 29.00 15.98 35.44
N ARG C 148 27.86 16.14 36.13
CA ARG C 148 26.61 15.58 35.64
C ARG C 148 26.05 16.36 34.46
N ALA C 149 26.34 17.66 34.39
CA ALA C 149 25.80 18.54 33.36
C ALA C 149 26.79 18.80 32.22
N LEU C 150 27.89 18.06 32.18
CA LEU C 150 28.93 18.35 31.19
C LEU C 150 28.44 18.23 29.76
N PRO C 151 27.79 17.14 29.34
CA PRO C 151 27.39 17.04 27.93
C PRO C 151 26.49 18.18 27.46
N LEU C 152 25.57 18.63 28.30
CA LEU C 152 24.72 19.76 27.92
C LEU C 152 25.55 21.00 27.67
N PHE C 153 26.54 21.25 28.54
CA PHE C 153 27.43 22.39 28.36
C PHE C 153 28.22 22.28 27.06
N VAL C 154 28.71 21.07 26.75
CA VAL C 154 29.47 20.88 25.52
C VAL C 154 28.60 21.15 24.31
N ILE C 155 27.37 20.63 24.31
CA ILE C 155 26.46 20.85 23.20
C ILE C 155 26.18 22.33 23.02
N THR C 156 25.90 23.02 24.12
CA THR C 156 25.63 24.46 24.04
C THR C 156 26.83 25.22 23.49
N VAL C 157 28.03 24.87 23.96
CA VAL C 157 29.23 25.57 23.53
C VAL C 157 29.44 25.39 22.02
N VAL C 158 29.31 24.16 21.53
CA VAL C 158 29.54 23.92 20.11
C VAL C 158 28.47 24.61 19.27
N ALA C 159 27.22 24.60 19.73
CA ALA C 159 26.16 25.28 18.97
C ALA C 159 26.44 26.78 18.89
N ILE C 160 26.84 27.38 20.02
CA ILE C 160 27.16 28.81 20.02
C ILE C 160 28.32 29.10 19.07
N PHE C 161 29.37 28.27 19.13
CA PHE C 161 30.51 28.48 18.27
C PHE C 161 30.11 28.46 16.81
N PHE C 162 29.32 27.46 16.42
CA PHE C 162 28.94 27.35 15.01
C PHE C 162 28.04 28.51 14.58
N VAL C 163 27.12 28.94 15.46
CA VAL C 163 26.28 30.08 15.11
C VAL C 163 27.12 31.32 14.86
N VAL C 164 28.03 31.62 15.80
CA VAL C 164 28.87 32.81 15.66
C VAL C 164 29.73 32.71 14.41
N TRP C 165 30.30 31.52 14.17
CA TRP C 165 31.13 31.31 13.00
C TRP C 165 30.36 31.59 11.72
N ASP C 166 29.16 31.00 11.58
CA ASP C 166 28.38 31.20 10.37
C ASP C 166 28.02 32.67 10.19
N HIS C 167 27.64 33.35 11.28
CA HIS C 167 27.30 34.77 11.16
C HIS C 167 28.51 35.57 10.68
N LEU C 168 29.69 35.30 11.25
CA LEU C 168 30.88 36.04 10.85
C LEU C 168 31.24 35.77 9.39
N MET C 169 31.18 34.51 8.96
CA MET C 169 31.51 34.20 7.57
C MET C 169 30.53 34.87 6.62
N ALA C 170 29.25 34.87 6.96
CA ALA C 170 28.25 35.53 6.12
C ALA C 170 28.50 37.03 6.05
N LYS C 171 28.84 37.65 7.18
CA LYS C 171 28.97 39.10 7.21
C LYS C 171 30.28 39.59 6.60
N TYR C 172 31.40 38.93 6.94
CA TYR C 172 32.73 39.40 6.57
C TYR C 172 33.36 38.59 5.44
N GLU C 173 32.54 38.06 4.53
CA GLU C 173 33.09 37.21 3.46
C GLU C 173 34.03 37.99 2.56
N SER C 174 33.62 39.20 2.15
CA SER C 174 34.44 39.99 1.23
C SER C 174 35.78 40.36 1.85
N GLN C 175 35.76 40.80 3.11
CA GLN C 175 37.01 41.20 3.75
C GLN C 175 37.96 40.01 3.88
N ILE C 176 37.42 38.84 4.24
CA ILE C 176 38.27 37.66 4.39
C ILE C 176 38.85 37.24 3.04
N ALA C 177 38.03 37.28 1.98
CA ALA C 177 38.53 36.94 0.66
C ALA C 177 39.63 37.91 0.22
N ARG C 178 39.42 39.21 0.45
CA ARG C 178 40.44 40.19 0.09
C ARG C 178 41.71 39.97 0.90
N PHE C 179 41.56 39.64 2.18
CA PHE C 179 42.72 39.39 3.03
C PHE C 179 43.49 38.16 2.56
N LEU C 180 42.79 37.13 2.10
CA LEU C 180 43.45 35.92 1.63
C LEU C 180 44.06 36.10 0.23
N SER C 181 43.57 37.05 -0.55
CA SER C 181 43.99 37.16 -1.95
C SER C 181 45.50 37.25 -2.10
N PRO C 182 46.23 38.09 -1.36
CA PRO C 182 47.68 38.21 -1.60
C PRO C 182 48.43 36.89 -1.49
N GLY C 183 48.14 36.08 -0.48
CA GLY C 183 48.85 34.83 -0.35
C GLY C 183 48.58 33.90 -1.51
N GLN C 184 47.34 33.89 -2.01
CA GLN C 184 47.03 33.10 -3.19
C GLN C 184 47.84 33.57 -4.40
N ARG C 185 47.98 34.89 -4.56
CA ARG C 185 48.77 35.40 -5.67
C ARG C 185 50.24 34.98 -5.56
N LEU C 186 50.80 35.08 -4.34
CA LEU C 186 52.18 34.66 -4.14
C LEU C 186 52.37 33.17 -4.43
N LEU C 187 51.44 32.35 -3.93
CA LEU C 187 51.51 30.93 -4.19
C LEU C 187 51.38 30.64 -5.68
N ASP C 188 50.50 31.34 -6.38
CA ASP C 188 50.39 31.16 -7.82
C ASP C 188 51.70 31.52 -8.51
N SER C 189 52.36 32.58 -8.03
CA SER C 189 53.61 33.00 -8.64
C SER C 189 54.70 31.93 -8.47
N HIS C 190 54.81 31.36 -7.28
CA HIS C 190 55.89 30.40 -7.00
C HIS C 190 55.51 28.95 -7.26
N TRP C 191 54.27 28.68 -7.70
CA TRP C 191 53.79 27.31 -7.85
C TRP C 191 54.53 26.53 -8.93
N PHE C 192 54.98 27.20 -10.00
CA PHE C 192 55.59 26.47 -11.11
C PHE C 192 56.77 25.62 -10.64
N TRP C 193 57.48 26.09 -9.62
CA TRP C 193 58.57 25.32 -9.03
C TRP C 193 58.20 24.66 -7.71
N LEU C 194 57.22 25.20 -6.98
CA LEU C 194 56.86 24.59 -5.69
C LEU C 194 56.03 23.32 -5.83
N LYS C 195 55.40 23.10 -6.99
CA LYS C 195 54.56 21.92 -7.16
C LYS C 195 55.39 20.65 -7.07
N TRP C 196 56.59 20.66 -7.65
CA TRP C 196 57.45 19.48 -7.61
C TRP C 196 57.86 19.17 -6.18
N VAL C 197 58.18 20.18 -5.39
CA VAL C 197 58.57 19.96 -4.00
C VAL C 197 57.43 19.34 -3.23
N ILE C 198 56.22 19.89 -3.38
CA ILE C 198 55.08 19.38 -2.63
C ILE C 198 54.78 17.95 -3.04
N TRP C 199 54.77 17.66 -4.34
CA TRP C 199 54.48 16.31 -4.81
C TRP C 199 55.52 15.32 -4.33
N GLY C 200 56.80 15.70 -4.38
CA GLY C 200 57.84 14.81 -3.89
C GLY C 200 57.71 14.52 -2.41
N CYS C 201 57.37 15.55 -1.62
CA CYS C 201 57.16 15.32 -0.19
C CYS C 201 56.01 14.34 0.04
N LEU C 202 54.91 14.49 -0.71
CA LEU C 202 53.79 13.59 -0.55
C LEU C 202 54.18 12.15 -0.92
N ILE C 203 54.89 11.98 -2.03
CA ILE C 203 55.31 10.64 -2.45
C ILE C 203 56.23 10.01 -1.41
N LEU C 204 57.17 10.81 -0.89
CA LEU C 204 58.07 10.31 0.13
C LEU C 204 57.30 9.88 1.38
N GLY C 205 56.31 10.69 1.79
CA GLY C 205 55.50 10.31 2.93
C GLY C 205 54.76 9.00 2.71
N VAL C 206 54.22 8.81 1.50
CA VAL C 206 53.53 7.56 1.21
C VAL C 206 54.49 6.38 1.31
N ILE C 207 55.68 6.53 0.72
CA ILE C 207 56.66 5.43 0.76
C ILE C 207 57.04 5.11 2.20
N LEU C 208 57.28 6.14 3.00
CA LEU C 208 57.66 5.92 4.40
C LEU C 208 56.53 5.24 5.16
N TRP C 209 55.29 5.68 4.96
CA TRP C 209 54.19 5.04 5.65
C TRP C 209 54.12 3.56 5.28
N LEU C 210 54.21 3.25 4.00
CA LEU C 210 54.20 1.85 3.60
C LEU C 210 55.30 1.09 4.32
N VAL C 211 56.55 1.55 4.20
CA VAL C 211 57.69 0.78 4.69
C VAL C 211 57.58 0.55 6.19
N PHE C 212 57.20 1.58 6.95
CA PHE C 212 57.31 1.50 8.40
C PHE C 212 56.03 1.10 9.12
N ASP C 213 54.87 1.10 8.44
CA ASP C 213 53.66 0.58 9.06
C ASP C 213 53.07 -0.59 8.29
N THR C 214 52.85 -0.43 6.98
CA THR C 214 52.10 -1.44 6.23
C THR C 214 52.89 -2.73 6.14
N ALA C 215 54.20 -2.63 5.89
CA ALA C 215 55.04 -3.82 5.88
C ALA C 215 55.09 -4.48 7.24
N LYS C 216 55.12 -3.68 8.31
CA LYS C 216 55.09 -4.23 9.66
C LYS C 216 53.80 -5.01 9.92
N LEU C 217 52.67 -4.47 9.45
CA LEU C 217 51.39 -5.13 9.68
C LEU C 217 51.34 -6.49 9.01
N GLY C 218 51.78 -6.58 7.76
CA GLY C 218 51.87 -7.86 7.09
C GLY C 218 51.65 -7.75 5.61
N GLN C 219 51.60 -8.92 4.97
CA GLN C 219 51.47 -9.02 3.52
C GLN C 219 50.09 -8.57 3.06
N GLN C 220 49.04 -8.91 3.82
CA GLN C 220 47.68 -8.64 3.36
C GLN C 220 47.43 -7.14 3.20
N GLN C 221 48.04 -6.32 4.05
CA GLN C 221 47.85 -4.87 3.94
C GLN C 221 48.53 -4.33 2.69
N LEU C 222 49.71 -4.85 2.37
CA LEU C 222 50.35 -4.49 1.11
C LEU C 222 49.51 -4.92 -0.08
N VAL C 223 48.87 -6.08 0.02
CA VAL C 223 47.98 -6.52 -1.05
C VAL C 223 46.78 -5.58 -1.15
N SER C 224 46.32 -5.05 -0.03
CA SER C 224 45.24 -4.06 -0.07
C SER C 224 45.67 -2.81 -0.83
N PHE C 225 46.89 -2.33 -0.56
CA PHE C 225 47.39 -1.18 -1.31
C PHE C 225 47.52 -1.48 -2.80
N GLY C 226 48.05 -2.66 -3.12
CA GLY C 226 48.14 -3.06 -4.51
C GLY C 226 46.78 -3.13 -5.18
N GLY C 227 45.78 -3.62 -4.46
CA GLY C 227 44.43 -3.66 -5.00
C GLY C 227 43.85 -2.28 -5.23
N LEU C 228 44.16 -1.35 -4.33
CA LEU C 228 43.79 0.05 -4.57
C LEU C 228 44.35 0.53 -5.91
N ILE C 229 45.65 0.30 -6.11
CA ILE C 229 46.27 0.73 -7.36
C ILE C 229 45.61 0.05 -8.56
N ILE C 230 45.34 -1.25 -8.44
CA ILE C 230 44.84 -2.01 -9.58
C ILE C 230 43.42 -1.58 -9.94
N TYR C 231 42.56 -1.34 -8.94
CA TYR C 231 41.22 -0.86 -9.25
C TYR C 231 41.28 0.50 -9.91
N THR C 232 42.15 1.39 -9.43
CA THR C 232 42.25 2.70 -10.08
C THR C 232 42.73 2.55 -11.53
N SER C 233 43.71 1.68 -11.76
CA SER C 233 44.23 1.50 -13.11
C SER C 233 43.16 0.92 -14.03
N LEU C 234 42.39 -0.05 -13.55
CA LEU C 234 41.32 -0.61 -14.36
C LEU C 234 40.26 0.44 -14.66
N THR C 235 39.97 1.31 -13.70
CA THR C 235 39.04 2.40 -13.96
C THR C 235 39.56 3.30 -15.07
N PHE C 236 40.86 3.59 -15.05
CA PHE C 236 41.43 4.46 -16.06
C PHE C 236 41.39 3.82 -17.45
N LEU C 237 41.80 2.55 -17.53
CA LEU C 237 41.93 1.89 -18.82
C LEU C 237 40.59 1.82 -19.55
N PHE C 238 39.51 1.52 -18.83
CA PHE C 238 38.18 1.42 -19.40
C PHE C 238 37.39 2.72 -19.31
N SER C 239 38.10 3.85 -19.27
CA SER C 239 37.45 5.14 -19.11
C SER C 239 36.75 5.56 -20.40
N LYS C 240 35.70 6.37 -20.24
CA LYS C 240 34.98 6.90 -21.39
C LYS C 240 35.88 7.80 -22.23
N HIS C 241 36.64 8.67 -21.58
CA HIS C 241 37.53 9.62 -22.24
C HIS C 241 38.90 9.54 -21.59
N PRO C 242 39.69 8.52 -21.90
CA PRO C 242 40.98 8.35 -21.22
C PRO C 242 41.93 9.52 -21.42
N THR C 243 41.78 10.29 -22.50
CA THR C 243 42.66 11.41 -22.79
C THR C 243 42.20 12.72 -22.18
N LYS C 244 41.01 12.76 -21.58
CA LYS C 244 40.44 13.98 -21.03
C LYS C 244 40.43 13.97 -19.50
N VAL C 245 41.28 13.17 -18.88
CA VAL C 245 41.21 12.94 -17.44
C VAL C 245 41.82 14.12 -16.70
N TYR C 246 41.08 14.64 -15.73
CA TYR C 246 41.57 15.66 -14.80
C TYR C 246 41.92 14.96 -13.50
N TRP C 247 43.21 14.89 -13.18
CA TRP C 247 43.71 14.00 -12.14
C TRP C 247 43.63 14.58 -10.73
N ARG C 248 43.32 15.86 -10.58
CA ARG C 248 43.23 16.46 -9.24
C ARG C 248 42.17 15.79 -8.38
N PRO C 249 40.91 15.65 -8.83
CA PRO C 249 39.90 15.03 -7.96
C PRO C 249 40.22 13.59 -7.59
N VAL C 250 40.87 12.84 -8.48
CA VAL C 250 41.15 11.44 -8.20
C VAL C 250 42.06 11.32 -6.98
N PHE C 251 43.21 12.01 -7.04
CA PHE C 251 44.19 11.95 -5.97
C PHE C 251 43.64 12.59 -4.70
N TRP C 252 42.89 13.69 -4.85
CA TRP C 252 42.36 14.34 -3.64
C TRP C 252 41.33 13.45 -2.95
N GLY C 253 40.50 12.74 -3.71
CA GLY C 253 39.55 11.84 -3.08
C GLY C 253 40.22 10.67 -2.40
N ILE C 254 41.21 10.07 -3.05
CA ILE C 254 41.92 8.97 -2.41
C ILE C 254 42.62 9.47 -1.15
N GLY C 255 43.22 10.65 -1.20
CA GLY C 255 43.87 11.20 -0.03
C GLY C 255 42.89 11.50 1.10
N LEU C 256 41.71 12.03 0.76
CA LEU C 256 40.72 12.30 1.80
C LEU C 256 40.26 11.00 2.45
N GLN C 257 40.06 9.95 1.66
CA GLN C 257 39.72 8.66 2.23
C GLN C 257 40.82 8.18 3.17
N PHE C 258 42.07 8.29 2.75
CA PHE C 258 43.19 7.86 3.58
C PHE C 258 43.25 8.66 4.88
N LEU C 259 43.04 9.98 4.80
CA LEU C 259 43.09 10.81 6.00
C LEU C 259 41.97 10.46 6.97
N LEU C 260 40.75 10.28 6.45
CA LEU C 260 39.64 9.86 7.31
C LEU C 260 39.95 8.52 7.96
N GLY C 261 40.50 7.58 7.19
CA GLY C 261 40.86 6.29 7.74
C GLY C 261 41.89 6.39 8.85
N LEU C 262 42.92 7.20 8.64
CA LEU C 262 43.93 7.41 9.68
C LEU C 262 43.29 8.01 10.92
N LEU C 263 42.42 9.01 10.74
CA LEU C 263 41.84 9.70 11.87
C LEU C 263 40.93 8.78 12.68
N ILE C 264 40.14 7.96 12.02
CA ILE C 264 39.10 7.18 12.70
C ILE C 264 39.61 5.83 13.16
N LEU C 265 40.45 5.16 12.36
CA LEU C 265 40.90 3.81 12.65
C LEU C 265 42.25 3.75 13.36
N ARG C 266 43.01 4.84 13.39
CA ARG C 266 44.38 4.80 13.86
C ARG C 266 44.68 5.86 14.91
N THR C 267 43.65 6.49 15.47
CA THR C 267 43.83 7.48 16.53
C THR C 267 42.77 7.24 17.60
N GLU C 268 43.18 7.39 18.86
CA GLU C 268 42.24 7.19 19.96
C GLU C 268 41.09 8.20 19.90
N PRO C 269 41.31 9.49 19.65
CA PRO C 269 40.18 10.42 19.59
C PRO C 269 39.10 10.01 18.60
N GLY C 270 39.48 9.74 17.34
CA GLY C 270 38.48 9.42 16.34
C GLY C 270 37.82 8.08 16.59
N PHE C 271 38.61 7.09 17.02
CA PHE C 271 38.06 5.78 17.34
C PHE C 271 37.00 5.90 18.43
N MET C 272 37.32 6.63 19.50
CA MET C 272 36.35 6.84 20.57
C MET C 272 35.14 7.61 20.07
N ALA C 273 35.36 8.66 19.27
CA ALA C 273 34.23 9.46 18.79
C ALA C 273 33.26 8.62 18.00
N PHE C 274 33.76 7.80 17.07
CA PHE C 274 32.86 7.01 16.25
C PHE C 274 32.30 5.80 16.98
N ASP C 275 33.00 5.24 17.96
CA ASP C 275 32.39 4.20 18.79
C ASP C 275 31.23 4.76 19.58
N TRP C 276 31.41 5.96 20.16
CA TRP C 276 30.33 6.62 20.87
C TRP C 276 29.17 6.93 19.93
N LEU C 277 29.47 7.43 18.73
CA LEU C 277 28.43 7.74 17.76
C LEU C 277 27.66 6.50 17.37
N GLY C 278 28.35 5.37 17.17
CA GLY C 278 27.67 4.12 16.89
C GLY C 278 26.80 3.66 18.04
N LYS C 279 27.28 3.82 19.27
CA LYS C 279 26.51 3.39 20.43
C LYS C 279 25.24 4.21 20.60
N GLN C 280 25.29 5.51 20.27
CA GLN C 280 24.09 6.33 20.38
C GLN C 280 22.99 5.84 19.43
N VAL C 281 23.39 5.40 18.24
CA VAL C 281 22.42 4.91 17.26
C VAL C 281 21.72 3.66 17.78
N GLN C 282 22.48 2.76 18.42
CA GLN C 282 21.89 1.56 18.98
C GLN C 282 20.85 1.90 20.05
N THR C 283 21.16 2.87 20.90
CA THR C 283 20.16 3.34 21.86
C THR C 283 18.96 3.94 21.14
N PHE C 284 19.21 4.70 20.08
CA PHE C 284 18.13 5.38 19.38
C PHE C 284 17.16 4.40 18.73
N LEU C 285 17.65 3.30 18.18
CA LEU C 285 16.77 2.37 17.48
C LEU C 285 15.88 1.57 18.43
N GLY C 286 16.11 1.64 19.74
CA GLY C 286 15.29 0.91 20.69
C GLY C 286 13.96 1.58 21.00
N TYR C 287 13.82 2.86 20.69
CA TYR C 287 12.57 3.57 20.97
C TYR C 287 11.41 3.09 20.12
N SER C 288 11.68 2.53 18.94
CA SER C 288 10.61 2.04 18.07
C SER C 288 9.84 0.89 18.70
N ASP C 289 10.44 0.21 19.68
CA ASP C 289 9.77 -0.91 20.33
C ASP C 289 8.50 -0.47 21.04
N ALA C 290 8.44 0.78 21.48
CA ALA C 290 7.25 1.26 22.16
C ALA C 290 6.03 1.21 21.24
N GLY C 291 6.19 1.68 20.00
CA GLY C 291 5.09 1.60 19.06
C GLY C 291 4.86 0.19 18.55
N ALA C 292 5.94 -0.55 18.31
CA ALA C 292 5.78 -1.91 17.81
C ALA C 292 5.05 -2.80 18.82
N SER C 293 5.28 -2.57 20.11
CA SER C 293 4.64 -3.38 21.14
C SER C 293 3.14 -3.10 21.23
N PHE C 294 2.71 -1.88 20.91
CA PHE C 294 1.28 -1.59 20.92
C PHE C 294 0.61 -2.08 19.64
N VAL C 295 1.16 -1.71 18.48
CA VAL C 295 0.50 -2.08 17.23
C VAL C 295 0.46 -3.58 17.07
N PHE C 296 1.55 -4.27 17.42
CA PHE C 296 1.66 -5.71 17.20
C PHE C 296 1.70 -6.53 18.49
N GLY C 297 1.55 -5.89 19.65
CA GLY C 297 1.42 -6.59 20.89
C GLY C 297 2.75 -6.98 21.50
N GLU C 298 2.66 -7.57 22.71
CA GLU C 298 3.84 -8.05 23.41
C GLU C 298 4.47 -9.25 22.74
N LYS C 299 3.77 -9.88 21.79
CA LYS C 299 4.31 -10.99 21.02
C LYS C 299 4.91 -10.54 19.70
N TYR C 300 5.19 -9.24 19.56
CA TYR C 300 5.78 -8.74 18.32
C TYR C 300 7.14 -9.35 18.05
N THR C 301 7.79 -9.93 19.07
CA THR C 301 9.06 -10.60 18.89
C THR C 301 8.91 -12.00 18.32
N ASP C 302 7.69 -12.52 18.22
CA ASP C 302 7.47 -13.79 17.53
C ASP C 302 7.79 -13.68 16.05
N HIS C 303 7.72 -12.47 15.49
CA HIS C 303 8.02 -12.20 14.09
C HIS C 303 9.03 -11.05 14.11
N PHE C 304 10.31 -11.42 14.20
CA PHE C 304 11.33 -10.43 14.54
C PHE C 304 11.47 -9.39 13.45
N PHE C 305 11.71 -9.81 12.22
CA PHE C 305 11.99 -8.84 11.16
C PHE C 305 10.78 -7.95 10.92
N ALA C 306 9.61 -8.53 10.69
CA ALA C 306 8.47 -7.76 10.22
C ALA C 306 7.97 -6.79 11.28
N PHE C 307 7.93 -7.23 12.54
CA PHE C 307 7.31 -6.46 13.60
C PHE C 307 8.31 -5.79 14.54
N LYS C 308 9.61 -5.92 14.29
CA LYS C 308 10.60 -5.20 15.09
C LYS C 308 11.60 -4.43 14.26
N VAL C 309 11.98 -4.93 13.09
CA VAL C 309 13.03 -4.29 12.30
C VAL C 309 12.47 -3.21 11.40
N LEU C 310 11.39 -3.49 10.69
CA LEU C 310 10.78 -2.47 9.84
C LEU C 310 10.30 -1.26 10.61
N PRO C 311 9.71 -1.39 11.80
CA PRO C 311 9.39 -0.19 12.60
C PRO C 311 10.60 0.71 12.84
N ILE C 312 11.79 0.14 12.93
CA ILE C 312 13.00 0.95 13.03
C ILE C 312 13.16 1.82 11.79
N VAL C 313 12.91 1.24 10.61
CA VAL C 313 12.98 2.00 9.37
C VAL C 313 11.95 3.12 9.40
N ILE C 314 10.74 2.83 9.86
CA ILE C 314 9.69 3.84 9.92
C ILE C 314 10.12 5.00 10.80
N PHE C 315 10.63 4.68 11.99
CA PHE C 315 11.04 5.70 12.95
C PHE C 315 12.19 6.53 12.41
N PHE C 316 13.17 5.88 11.78
CA PHE C 316 14.30 6.62 11.25
C PHE C 316 13.89 7.54 10.11
N SER C 317 12.98 7.09 9.23
CA SER C 317 12.47 7.97 8.19
C SER C 317 11.74 9.17 8.79
N THR C 318 10.94 8.93 9.83
CA THR C 318 10.27 10.05 10.50
C THR C 318 11.27 11.06 11.02
N VAL C 319 12.31 10.59 11.70
CA VAL C 319 13.30 11.50 12.28
C VAL C 319 14.03 12.26 11.20
N MET C 320 14.38 11.59 10.09
CA MET C 320 15.06 12.27 9.00
C MET C 320 14.19 13.36 8.39
N SER C 321 12.89 13.09 8.25
CA SER C 321 12.00 14.12 7.74
C SER C 321 11.93 15.30 8.70
N MET C 322 11.88 15.04 10.00
CA MET C 322 11.86 16.14 10.97
C MET C 322 13.14 16.97 10.87
N LEU C 323 14.29 16.32 10.76
CA LEU C 323 15.55 17.03 10.66
C LEU C 323 15.63 17.84 9.37
N TYR C 324 15.12 17.29 8.27
CA TYR C 324 15.09 18.05 7.02
C TYR C 324 14.22 19.28 7.17
N TYR C 325 13.10 19.17 7.88
CA TYR C 325 12.28 20.35 8.16
C TYR C 325 13.06 21.38 8.96
N LEU C 326 13.78 20.95 9.99
CA LEU C 326 14.49 21.91 10.85
C LEU C 326 15.69 22.54 10.16
N GLY C 327 16.20 21.94 9.08
CA GLY C 327 17.31 22.51 8.35
C GLY C 327 18.68 22.14 8.83
N LEU C 328 18.81 21.14 9.72
CA LEU C 328 20.12 20.72 10.19
C LEU C 328 20.85 19.90 9.13
N MET C 329 20.11 19.03 8.45
CA MET C 329 20.71 18.13 7.49
C MET C 329 21.34 18.91 6.34
N GLN C 330 20.65 19.94 5.87
CA GLN C 330 21.20 20.77 4.81
C GLN C 330 22.46 21.49 5.28
N TRP C 331 22.52 21.89 6.55
CA TRP C 331 23.69 22.54 7.10
C TRP C 331 24.91 21.62 7.05
N ILE C 332 24.76 20.39 7.54
CA ILE C 332 25.87 19.45 7.52
C ILE C 332 26.28 19.15 6.07
N ILE C 333 25.28 19.00 5.20
CA ILE C 333 25.54 18.70 3.80
C ILE C 333 26.35 19.82 3.17
N ARG C 334 25.97 21.08 3.45
CA ARG C 334 26.68 22.20 2.86
C ARG C 334 28.13 22.23 3.33
N LYS C 335 28.37 21.96 4.62
CA LYS C 335 29.74 21.96 5.10
C LYS C 335 30.59 20.91 4.37
N VAL C 336 30.09 19.67 4.33
CA VAL C 336 30.89 18.60 3.74
C VAL C 336 31.09 18.84 2.24
N GLY C 337 30.03 19.28 1.56
CA GLY C 337 30.14 19.58 0.15
C GLY C 337 31.11 20.71 -0.12
N TRP C 338 31.16 21.71 0.75
CA TRP C 338 32.13 22.78 0.56
C TRP C 338 33.55 22.25 0.69
N VAL C 339 33.80 21.38 1.67
CA VAL C 339 35.14 20.82 1.80
C VAL C 339 35.52 20.09 0.52
N MET C 340 34.64 19.20 0.05
CA MET C 340 34.97 18.42 -1.14
C MET C 340 35.12 19.30 -2.37
N LEU C 341 34.28 20.34 -2.48
CA LEU C 341 34.37 21.26 -3.61
C LEU C 341 35.69 22.00 -3.61
N VAL C 342 36.15 22.47 -2.44
CA VAL C 342 37.34 23.28 -2.43
C VAL C 342 38.60 22.45 -2.60
N THR C 343 38.58 21.18 -2.18
CA THR C 343 39.78 20.37 -2.35
C THR C 343 39.85 19.70 -3.71
N MET C 344 38.81 18.98 -4.09
CA MET C 344 38.82 18.17 -5.30
C MET C 344 38.48 18.97 -6.55
N GLY C 345 37.97 20.19 -6.42
CA GLY C 345 37.63 20.97 -7.58
C GLY C 345 36.43 20.48 -8.34
N THR C 346 35.56 19.72 -7.68
CA THR C 346 34.37 19.20 -8.33
C THR C 346 33.29 20.27 -8.43
N SER C 347 32.33 20.02 -9.33
CA SER C 347 31.27 20.97 -9.55
C SER C 347 30.35 21.06 -8.33
N PRO C 348 29.72 22.22 -8.09
CA PRO C 348 28.87 22.35 -6.91
C PRO C 348 27.74 21.33 -6.84
N VAL C 349 27.10 21.03 -7.96
CA VAL C 349 25.93 20.17 -7.94
C VAL C 349 26.31 18.76 -7.52
N GLU C 350 27.35 18.21 -8.13
CA GLU C 350 27.74 16.85 -7.80
C GLU C 350 28.33 16.76 -6.41
N SER C 351 29.02 17.81 -5.94
CA SER C 351 29.51 17.82 -4.57
C SER C 351 28.34 17.81 -3.59
N VAL C 352 27.31 18.62 -3.85
CA VAL C 352 26.16 18.67 -2.95
C VAL C 352 25.45 17.33 -2.94
N VAL C 353 25.27 16.71 -4.11
CA VAL C 353 24.57 15.44 -4.17
C VAL C 353 25.39 14.33 -3.51
N ALA C 354 26.71 14.35 -3.68
CA ALA C 354 27.58 13.35 -3.06
C ALA C 354 27.54 13.47 -1.55
N SER C 355 27.62 14.70 -1.02
CA SER C 355 27.51 14.90 0.41
C SER C 355 26.13 14.50 0.93
N GLY C 356 25.07 14.82 0.17
CA GLY C 356 23.74 14.45 0.59
C GLY C 356 23.51 12.96 0.62
N ASN C 357 24.12 12.23 -0.32
CA ASN C 357 23.91 10.80 -0.39
C ASN C 357 24.46 10.05 0.81
N ILE C 358 25.30 10.70 1.63
CA ILE C 358 25.77 10.08 2.87
C ILE C 358 24.58 9.75 3.76
N PHE C 359 23.57 10.62 3.78
CA PHE C 359 22.42 10.48 4.67
C PHE C 359 21.15 10.06 3.94
N ILE C 360 21.03 10.35 2.66
CA ILE C 360 19.78 10.24 1.92
C ILE C 360 19.91 9.18 0.84
N GLY C 361 18.79 8.53 0.51
CA GLY C 361 18.80 7.49 -0.50
C GLY C 361 19.01 8.02 -1.90
N GLN C 362 19.45 7.13 -2.80
CA GLN C 362 19.73 7.52 -4.18
C GLN C 362 18.52 8.15 -4.85
N THR C 363 17.32 7.65 -4.57
CA THR C 363 16.12 8.12 -5.24
C THR C 363 15.63 9.47 -4.72
N GLU C 364 16.14 9.94 -3.60
CA GLU C 364 15.68 11.19 -3.00
C GLU C 364 16.76 12.27 -2.91
N SER C 365 18.02 11.92 -3.10
CA SER C 365 19.11 12.87 -3.01
C SER C 365 19.10 13.87 -4.17
N PRO C 366 18.78 13.44 -5.38
CA PRO C 366 18.70 14.41 -6.49
C PRO C 366 17.66 15.50 -6.29
N LEU C 367 16.66 15.26 -5.44
CA LEU C 367 15.67 16.29 -5.16
C LEU C 367 16.29 17.54 -4.53
N LEU C 368 17.50 17.42 -3.99
CA LEU C 368 18.19 18.58 -3.45
C LEU C 368 18.52 19.59 -4.54
N VAL C 369 18.65 19.15 -5.79
CA VAL C 369 19.01 20.02 -6.90
C VAL C 369 18.00 19.86 -8.02
N ARG C 370 16.76 19.54 -7.67
CA ARG C 370 15.76 19.20 -8.69
C ARG C 370 15.63 20.27 -9.76
N PRO C 371 15.55 21.56 -9.43
CA PRO C 371 15.35 22.57 -10.48
C PRO C 371 16.44 22.58 -11.53
N TYR C 372 17.68 22.25 -11.16
CA TYR C 372 18.84 22.44 -12.02
C TYR C 372 19.24 21.17 -12.76
N LEU C 373 18.49 20.09 -12.61
CA LEU C 373 18.84 18.82 -13.24
C LEU C 373 18.84 18.89 -14.76
N PRO C 374 17.88 19.57 -15.38
CA PRO C 374 17.86 19.59 -16.86
C PRO C 374 19.10 20.20 -17.48
N TYR C 375 19.85 21.01 -16.74
CA TYR C 375 20.99 21.73 -17.29
C TYR C 375 22.34 21.15 -16.88
N VAL C 376 22.36 20.01 -16.18
CA VAL C 376 23.62 19.40 -15.80
C VAL C 376 24.23 18.69 -17.01
N THR C 377 25.55 18.52 -16.96
CA THR C 377 26.28 17.85 -18.02
C THR C 377 26.13 16.33 -17.87
N LYS C 378 26.71 15.60 -18.84
CA LYS C 378 26.70 14.15 -18.76
C LYS C 378 27.54 13.64 -17.60
N SER C 379 28.70 14.27 -17.37
CA SER C 379 29.58 13.84 -16.29
C SER C 379 28.95 14.04 -14.93
N GLU C 380 28.29 15.18 -14.73
CA GLU C 380 27.63 15.44 -13.45
C GLU C 380 26.49 14.45 -13.20
N LEU C 381 25.74 14.12 -14.25
CA LEU C 381 24.69 13.12 -14.12
C LEU C 381 25.26 11.76 -13.76
N HIS C 382 26.36 11.38 -14.41
CA HIS C 382 27.04 10.13 -14.07
C HIS C 382 27.51 10.13 -12.63
N ALA C 383 28.06 11.27 -12.18
CA ALA C 383 28.50 11.39 -10.79
C ALA C 383 27.33 11.29 -9.83
N ILE C 384 26.19 11.85 -10.19
CA ILE C 384 25.01 11.77 -9.33
C ILE C 384 24.58 10.33 -9.17
N MET C 385 24.48 9.60 -10.28
CA MET C 385 24.05 8.21 -10.19
C MET C 385 25.08 7.36 -9.46
N THR C 386 26.36 7.62 -9.69
CA THR C 386 27.42 6.88 -8.99
C THR C 386 27.38 7.12 -7.49
N ALA C 387 27.23 8.38 -7.07
CA ALA C 387 27.05 8.68 -5.66
C ALA C 387 25.82 8.00 -5.10
N GLY C 388 24.74 7.95 -5.87
CA GLY C 388 23.58 7.20 -5.43
C GLY C 388 23.87 5.74 -5.20
N PHE C 389 24.70 5.15 -6.07
CA PHE C 389 24.96 3.72 -6.01
C PHE C 389 25.99 3.33 -4.96
N SER C 390 26.84 4.27 -4.54
CA SER C 390 27.96 3.95 -3.66
C SER C 390 27.66 4.17 -2.19
N THR C 391 26.41 4.46 -1.82
CA THR C 391 26.10 4.81 -0.44
C THR C 391 24.78 4.15 -0.05
N ILE C 392 24.45 4.28 1.23
CA ILE C 392 23.18 3.80 1.76
C ILE C 392 22.44 5.01 2.33
N ALA C 393 21.26 4.79 2.92
CA ALA C 393 20.44 5.86 3.47
C ALA C 393 20.34 5.65 4.99
N GLY C 394 20.07 6.75 5.69
CA GLY C 394 19.94 6.71 7.14
C GLY C 394 18.70 6.02 7.65
N SER C 395 17.76 5.70 6.76
CA SER C 395 16.56 4.99 7.16
C SER C 395 16.80 3.49 7.35
N VAL C 396 17.75 2.92 6.61
CA VAL C 396 18.02 1.49 6.66
C VAL C 396 19.25 1.15 7.47
N LEU C 397 19.90 2.14 8.08
CA LEU C 397 21.07 1.88 8.91
C LEU C 397 20.70 1.04 10.13
N GLY C 398 19.58 1.37 10.77
CA GLY C 398 19.20 0.67 11.99
C GLY C 398 18.91 -0.79 11.77
N ALA C 399 18.38 -1.15 10.59
CA ALA C 399 18.14 -2.56 10.29
C ALA C 399 19.45 -3.34 10.23
N TYR C 400 20.44 -2.80 9.52
CA TYR C 400 21.73 -3.47 9.44
C TYR C 400 22.38 -3.59 10.82
N ILE C 401 22.25 -2.54 11.64
CA ILE C 401 22.77 -2.61 13.01
C ILE C 401 22.01 -3.66 13.82
N SER C 402 20.70 -3.77 13.59
CA SER C 402 19.89 -4.77 14.28
C SER C 402 20.31 -6.18 13.92
N PHE C 403 20.76 -6.38 12.67
CA PHE C 403 21.29 -7.70 12.31
C PHE C 403 22.50 -8.06 13.15
N GLY C 404 23.37 -7.09 13.39
CA GLY C 404 24.59 -7.33 14.16
C GLY C 404 25.83 -6.74 13.50
N VAL C 405 25.62 -5.94 12.45
CA VAL C 405 26.73 -5.33 11.75
C VAL C 405 27.23 -4.11 12.53
N SER C 406 28.54 -3.92 12.54
CA SER C 406 29.14 -2.85 13.32
C SER C 406 28.62 -1.49 12.88
N SER C 407 28.20 -0.68 13.86
CA SER C 407 27.71 0.66 13.56
C SER C 407 28.84 1.60 13.16
N SER C 408 29.96 1.53 13.88
CA SER C 408 31.08 2.41 13.58
C SER C 408 31.60 2.18 12.17
N HIS C 409 31.72 0.93 11.76
CA HIS C 409 32.19 0.63 10.41
C HIS C 409 31.21 1.14 9.36
N LEU C 410 29.90 0.98 9.62
CA LEU C 410 28.91 1.49 8.68
C LEU C 410 29.00 3.01 8.53
N LEU C 411 29.11 3.72 9.64
CA LEU C 411 29.22 5.17 9.58
C LEU C 411 30.49 5.59 8.85
N THR C 412 31.61 4.94 9.17
CA THR C 412 32.88 5.29 8.55
C THR C 412 32.84 5.04 7.05
N ALA C 413 32.27 3.91 6.63
CA ALA C 413 32.15 3.62 5.21
C ALA C 413 31.24 4.61 4.51
N SER C 414 30.12 4.96 5.14
CA SER C 414 29.22 5.94 4.55
C SER C 414 29.91 7.28 4.35
N VAL C 415 30.72 7.70 5.32
CA VAL C 415 31.45 8.95 5.16
C VAL C 415 32.51 8.83 4.08
N MET C 416 33.26 7.73 4.05
CA MET C 416 34.36 7.57 3.11
C MET C 416 33.88 7.37 1.69
N SER C 417 32.62 7.00 1.48
CA SER C 417 32.16 6.64 0.14
C SER C 417 32.06 7.84 -0.79
N ALA C 418 31.74 9.02 -0.26
CA ALA C 418 31.50 10.17 -1.14
C ALA C 418 32.73 10.58 -1.92
N PRO C 419 33.88 10.89 -1.31
CA PRO C 419 35.06 11.22 -2.12
C PRO C 419 35.47 10.11 -3.05
N ALA C 420 35.31 8.85 -2.63
CA ALA C 420 35.59 7.72 -3.52
C ALA C 420 34.66 7.74 -4.71
N ALA C 421 33.37 7.99 -4.48
CA ALA C 421 32.41 8.03 -5.57
C ALA C 421 32.77 9.12 -6.56
N LEU C 422 33.13 10.31 -6.05
CA LEU C 422 33.45 11.41 -6.95
C LEU C 422 34.74 11.15 -7.73
N ALA C 423 35.77 10.60 -7.07
CA ALA C 423 37.02 10.29 -7.76
C ALA C 423 36.80 9.26 -8.86
N ILE C 424 36.08 8.18 -8.54
CA ILE C 424 35.87 7.12 -9.53
C ILE C 424 34.99 7.64 -10.66
N SER C 425 34.01 8.50 -10.35
CA SER C 425 33.17 9.07 -11.40
C SER C 425 33.98 9.95 -12.34
N LYS C 426 34.83 10.82 -11.79
CA LYS C 426 35.62 11.71 -12.64
C LYS C 426 36.64 10.93 -13.46
N LEU C 427 37.15 9.81 -12.93
CA LEU C 427 38.10 9.01 -13.69
C LEU C 427 37.40 8.18 -14.75
N PHE C 428 36.22 7.65 -14.44
CA PHE C 428 35.49 6.80 -15.37
C PHE C 428 34.83 7.62 -16.47
N TRP C 429 34.33 8.80 -16.13
CA TRP C 429 33.62 9.67 -17.06
C TRP C 429 34.02 11.11 -16.78
N PRO C 430 35.16 11.55 -17.29
CA PRO C 430 35.62 12.92 -17.02
C PRO C 430 34.83 13.95 -17.80
N GLU C 431 35.02 15.21 -17.38
CA GLU C 431 34.21 16.30 -17.89
C GLU C 431 34.80 16.87 -19.17
N THR C 432 33.96 16.96 -20.21
CA THR C 432 34.35 17.52 -21.50
C THR C 432 33.48 18.70 -21.90
N GLU C 433 32.65 19.21 -21.01
CA GLU C 433 31.75 20.32 -21.28
C GLU C 433 31.97 21.42 -20.25
N THR C 434 31.17 22.47 -20.36
CA THR C 434 31.26 23.60 -19.45
C THR C 434 30.08 23.58 -18.50
N PRO C 435 30.29 23.44 -17.18
CA PRO C 435 29.14 23.43 -16.26
C PRO C 435 28.47 24.79 -16.23
N LYS C 436 27.15 24.76 -16.07
CA LYS C 436 26.33 25.98 -16.07
C LYS C 436 25.95 26.44 -14.68
N ILE C 437 25.65 25.51 -13.78
CA ILE C 437 25.12 25.85 -12.46
C ILE C 437 26.26 26.33 -11.57
N ASN C 438 25.96 27.27 -10.69
CA ASN C 438 26.94 27.90 -9.82
C ASN C 438 26.69 27.48 -8.37
N LEU C 439 27.59 27.95 -7.49
CA LEU C 439 27.60 27.47 -6.12
C LEU C 439 26.34 27.88 -5.35
N LYS C 440 25.91 29.14 -5.52
CA LYS C 440 24.77 29.63 -4.75
C LYS C 440 23.51 28.84 -5.11
N ASN C 441 23.31 28.57 -6.39
CA ASN C 441 22.12 27.82 -6.81
C ASN C 441 22.16 26.38 -6.29
N ALA C 442 23.34 25.75 -6.34
CA ALA C 442 23.44 24.36 -5.89
C ALA C 442 23.23 24.26 -4.38
N MET C 443 23.78 25.20 -3.61
CA MET C 443 23.73 25.08 -2.16
C MET C 443 22.34 25.35 -1.60
N LYS C 444 21.52 26.13 -2.30
CA LYS C 444 20.15 26.35 -1.85
C LYS C 444 19.33 25.10 -2.11
N MET C 445 18.71 24.57 -1.06
CA MET C 445 17.94 23.33 -1.13
C MET C 445 16.50 23.67 -0.78
N GLU C 446 15.62 23.67 -1.78
CA GLU C 446 14.21 23.95 -1.55
C GLU C 446 13.64 22.95 -0.56
N SER C 447 13.27 23.43 0.63
CA SER C 447 12.72 22.55 1.65
C SER C 447 11.30 22.13 1.28
N GLY C 448 10.82 21.10 1.97
CA GLY C 448 9.52 20.54 1.68
C GLY C 448 8.39 21.42 2.16
N ASP C 449 7.18 20.99 1.86
CA ASP C 449 5.97 21.73 2.20
C ASP C 449 5.36 21.17 3.49
N SER C 450 6.01 21.49 4.60
CA SER C 450 5.55 21.13 5.93
C SER C 450 5.40 22.40 6.76
N ARG C 451 4.21 22.63 7.29
CA ARG C 451 3.95 23.84 8.06
C ARG C 451 4.54 23.77 9.46
N ASN C 452 4.69 22.57 10.01
CA ASN C 452 5.23 22.43 11.36
C ASN C 452 5.93 21.08 11.49
N LEU C 453 6.51 20.86 12.67
CA LEU C 453 7.34 19.69 12.91
C LEU C 453 6.50 18.40 12.89
N LEU C 454 5.30 18.45 13.45
CA LEU C 454 4.48 17.25 13.55
C LEU C 454 3.94 16.83 12.19
N GLU C 455 3.66 17.81 11.32
CA GLU C 455 3.33 17.47 9.94
C GLU C 455 4.49 16.82 9.23
N ALA C 456 5.71 17.28 9.49
CA ALA C 456 6.89 16.62 8.93
C ALA C 456 7.00 15.19 9.44
N ALA C 457 6.70 14.97 10.71
CA ALA C 457 6.73 13.61 11.26
C ALA C 457 5.71 12.72 10.56
N THR C 458 4.49 13.23 10.34
CA THR C 458 3.48 12.42 9.67
C THR C 458 3.85 12.15 8.21
N GLN C 459 4.41 13.14 7.53
CA GLN C 459 4.84 12.94 6.15
C GLN C 459 5.98 11.94 6.07
N GLY C 460 6.91 11.98 7.02
CA GLY C 460 7.97 11.00 7.05
C GLY C 460 7.44 9.60 7.30
N ALA C 461 6.47 9.47 8.18
CA ALA C 461 5.89 8.17 8.46
C ALA C 461 5.16 7.61 7.25
N SER C 462 4.35 8.43 6.58
CA SER C 462 3.55 7.94 5.47
C SER C 462 4.43 7.45 4.33
N SER C 463 5.53 8.17 4.06
CA SER C 463 6.43 7.77 2.98
C SER C 463 7.06 6.41 3.24
N SER C 464 7.19 6.01 4.50
CA SER C 464 7.87 4.77 4.83
C SER C 464 7.05 3.53 4.51
N ILE C 465 5.77 3.68 4.17
CA ILE C 465 4.92 2.53 3.94
C ILE C 465 5.41 1.73 2.74
N SER C 466 5.63 2.41 1.62
CA SER C 466 6.07 1.75 0.40
C SER C 466 7.48 1.20 0.54
N LEU C 467 8.32 1.90 1.29
CA LEU C 467 9.69 1.45 1.48
C LEU C 467 9.72 0.07 2.15
N VAL C 468 9.03 -0.06 3.28
CA VAL C 468 9.03 -1.32 4.00
C VAL C 468 8.28 -2.40 3.21
N ALA C 469 7.20 -2.02 2.53
CA ALA C 469 6.47 -2.99 1.71
C ALA C 469 7.37 -3.59 0.64
N ASN C 470 8.08 -2.73 -0.10
CA ASN C 470 8.98 -3.21 -1.14
C ASN C 470 10.14 -4.02 -0.56
N ILE C 471 10.68 -3.59 0.58
CA ILE C 471 11.76 -4.35 1.21
C ILE C 471 11.29 -5.78 1.48
N ALA C 472 10.13 -5.91 2.11
CA ALA C 472 9.64 -7.23 2.50
C ALA C 472 9.37 -8.10 1.29
N VAL C 473 8.68 -7.56 0.29
CA VAL C 473 8.31 -8.36 -0.87
C VAL C 473 9.56 -8.76 -1.67
N ASN C 474 10.50 -7.83 -1.83
CA ASN C 474 11.74 -8.14 -2.54
C ASN C 474 12.52 -9.23 -1.83
N LEU C 475 12.59 -9.17 -0.50
CA LEU C 475 13.29 -10.23 0.23
C LEU C 475 12.62 -11.57 0.04
N ILE C 476 11.28 -11.61 0.12
CA ILE C 476 10.57 -12.87 -0.08
C ILE C 476 10.91 -13.45 -1.44
N ALA C 477 10.78 -12.64 -2.49
CA ALA C 477 10.99 -13.13 -3.84
C ALA C 477 12.42 -13.59 -4.06
N PHE C 478 13.39 -12.79 -3.59
CA PHE C 478 14.79 -13.13 -3.81
C PHE C 478 15.16 -14.42 -3.10
N LEU C 479 14.69 -14.61 -1.85
CA LEU C 479 15.07 -15.82 -1.14
C LEU C 479 14.38 -17.06 -1.72
N ALA C 480 13.14 -16.92 -2.21
CA ALA C 480 12.52 -18.06 -2.87
C ALA C 480 13.25 -18.42 -4.16
N LEU C 481 13.67 -17.39 -4.93
CA LEU C 481 14.44 -17.66 -6.14
C LEU C 481 15.76 -18.33 -5.80
N LEU C 482 16.41 -17.90 -4.72
CA LEU C 482 17.66 -18.53 -4.30
C LEU C 482 17.45 -20.01 -3.99
N SER C 483 16.38 -20.33 -3.26
CA SER C 483 16.11 -21.74 -2.97
C SER C 483 15.88 -22.54 -4.24
N PHE C 484 15.09 -21.98 -5.17
CA PHE C 484 14.81 -22.71 -6.41
C PHE C 484 16.09 -22.91 -7.22
N MET C 485 16.93 -21.88 -7.32
CA MET C 485 18.16 -21.99 -8.08
C MET C 485 19.10 -23.02 -7.47
N ASN C 486 19.20 -23.04 -6.14
CA ASN C 486 20.07 -24.03 -5.50
C ASN C 486 19.54 -25.45 -5.72
N SER C 487 18.22 -25.64 -5.65
CA SER C 487 17.67 -26.97 -5.91
C SER C 487 17.94 -27.40 -7.34
N ALA C 488 17.75 -26.49 -8.30
CA ALA C 488 18.00 -26.83 -9.69
C ALA C 488 19.46 -27.17 -9.93
N LEU C 489 20.39 -26.41 -9.32
CA LEU C 489 21.80 -26.68 -9.52
C LEU C 489 22.22 -27.99 -8.88
N SER C 490 21.66 -28.33 -7.73
CA SER C 490 21.91 -29.65 -7.16
C SER C 490 21.36 -30.75 -8.05
N TRP C 491 20.20 -30.52 -8.65
CA TRP C 491 19.64 -31.49 -9.59
C TRP C 491 20.56 -31.69 -10.78
N LEU C 492 21.12 -30.61 -11.32
CA LEU C 492 22.05 -30.73 -12.44
C LEU C 492 23.38 -31.33 -11.98
N GLY C 493 23.89 -30.89 -10.83
CA GLY C 493 25.18 -31.38 -10.37
C GLY C 493 25.20 -32.86 -10.09
N ASN C 494 24.08 -33.40 -9.60
CA ASN C 494 24.04 -34.83 -9.28
C ASN C 494 24.29 -35.69 -10.50
N MET C 495 24.10 -35.16 -11.71
CA MET C 495 24.37 -35.90 -12.92
C MET C 495 25.87 -36.09 -13.16
N PHE C 496 26.72 -35.37 -12.42
CA PHE C 496 28.17 -35.54 -12.47
C PHE C 496 28.73 -35.96 -11.11
N ASP C 497 27.91 -36.54 -10.25
CA ASP C 497 28.32 -36.96 -8.91
C ASP C 497 28.79 -35.77 -8.08
N TYR C 498 28.23 -34.59 -8.32
CA TYR C 498 28.54 -33.38 -7.55
C TYR C 498 27.24 -32.69 -7.17
N PRO C 499 26.47 -33.29 -6.26
CA PRO C 499 25.22 -32.66 -5.80
C PRO C 499 25.43 -31.47 -4.88
N GLN C 500 26.67 -31.09 -4.58
CA GLN C 500 26.95 -29.93 -3.76
C GLN C 500 26.95 -28.63 -4.56
N LEU C 501 26.77 -28.70 -5.88
CA LEU C 501 26.77 -27.50 -6.70
C LEU C 501 25.72 -26.52 -6.21
N SER C 502 26.09 -25.26 -6.11
CA SER C 502 25.18 -24.24 -5.60
C SER C 502 25.60 -22.87 -6.10
N PHE C 503 24.70 -21.90 -5.91
CA PHE C 503 25.02 -20.51 -6.20
C PHE C 503 26.21 -20.04 -5.37
N GLU C 504 26.25 -20.42 -4.10
CA GLU C 504 27.36 -20.02 -3.23
C GLU C 504 28.68 -20.58 -3.73
N VAL C 505 28.70 -21.85 -4.15
CA VAL C 505 29.93 -22.46 -4.63
C VAL C 505 30.46 -21.72 -5.85
N ILE C 506 29.59 -21.41 -6.81
CA ILE C 506 30.03 -20.72 -8.01
C ILE C 506 30.54 -19.33 -7.69
N CYS C 507 29.81 -18.60 -6.83
CA CYS C 507 30.25 -17.26 -6.48
C CYS C 507 31.54 -17.27 -5.67
N SER C 508 31.80 -18.33 -4.93
CA SER C 508 33.04 -18.40 -4.15
C SER C 508 34.27 -18.39 -5.06
N TYR C 509 34.12 -18.82 -6.30
CA TYR C 509 35.21 -18.82 -7.26
C TYR C 509 35.16 -17.64 -8.22
N VAL C 510 33.96 -17.19 -8.61
CA VAL C 510 33.87 -16.09 -9.57
C VAL C 510 34.41 -14.79 -8.98
N PHE C 511 34.00 -14.45 -7.75
CA PHE C 511 34.33 -13.18 -7.15
C PHE C 511 35.54 -13.23 -6.22
N MET C 512 36.19 -14.38 -6.10
CA MET C 512 37.32 -14.48 -5.19
C MET C 512 38.44 -13.50 -5.51
N PRO C 513 38.84 -13.30 -6.77
CA PRO C 513 39.92 -12.34 -7.05
C PRO C 513 39.64 -10.93 -6.54
N PHE C 514 38.40 -10.47 -6.63
CA PHE C 514 38.08 -9.14 -6.12
C PHE C 514 38.33 -9.06 -4.62
N ALA C 515 37.92 -10.09 -3.88
CA ALA C 515 38.14 -10.09 -2.44
C ALA C 515 39.62 -10.20 -2.11
N PHE C 516 40.38 -10.99 -2.88
CA PHE C 516 41.80 -11.12 -2.59
C PHE C 516 42.53 -9.79 -2.76
N MET C 517 42.20 -9.03 -3.81
CA MET C 517 42.82 -7.74 -4.01
C MET C 517 42.47 -6.74 -2.92
N MET C 518 41.34 -6.93 -2.23
CA MET C 518 40.99 -6.06 -1.11
C MET C 518 41.78 -6.38 0.14
N GLY C 519 42.62 -7.41 0.11
CA GLY C 519 43.46 -7.76 1.23
C GLY C 519 42.95 -8.87 2.11
N VAL C 520 41.88 -9.55 1.73
CA VAL C 520 41.38 -10.68 2.48
C VAL C 520 42.27 -11.89 2.22
N ASP C 521 42.62 -12.60 3.28
CA ASP C 521 43.52 -13.73 3.15
C ASP C 521 42.90 -14.81 2.26
N TRP C 522 43.74 -15.79 1.90
CA TRP C 522 43.34 -16.78 0.91
C TRP C 522 42.11 -17.56 1.35
N GLN C 523 42.09 -18.00 2.61
CA GLN C 523 40.98 -18.82 3.10
C GLN C 523 39.67 -18.05 3.11
N ASP C 524 39.69 -16.84 3.66
CA ASP C 524 38.48 -16.06 3.84
C ASP C 524 38.02 -15.36 2.57
N SER C 525 38.85 -15.29 1.53
CA SER C 525 38.43 -14.66 0.29
C SER C 525 37.28 -15.40 -0.35
N PHE C 526 37.27 -16.73 -0.25
CA PHE C 526 36.18 -17.52 -0.83
C PHE C 526 34.87 -17.26 -0.11
N MET C 527 34.93 -16.97 1.19
CA MET C 527 33.72 -16.67 1.94
C MET C 527 33.23 -15.26 1.65
N VAL C 528 34.14 -14.31 1.47
CA VAL C 528 33.74 -12.94 1.13
C VAL C 528 33.14 -12.90 -0.28
N ALA C 529 33.64 -13.75 -1.18
CA ALA C 529 33.10 -13.77 -2.54
C ALA C 529 31.62 -14.11 -2.55
N LYS C 530 31.18 -14.99 -1.65
CA LYS C 530 29.75 -15.31 -1.59
C LYS C 530 28.93 -14.10 -1.21
N LEU C 531 29.42 -13.29 -0.26
CA LEU C 531 28.72 -12.06 0.10
C LEU C 531 28.69 -11.09 -1.06
N ILE C 532 29.79 -10.98 -1.79
CA ILE C 532 29.82 -10.12 -2.98
C ILE C 532 28.77 -10.58 -3.98
N GLY C 533 28.64 -11.90 -4.17
CA GLY C 533 27.62 -12.41 -5.08
C GLY C 533 26.22 -12.10 -4.61
N TYR C 534 25.95 -12.30 -3.32
CA TYR C 534 24.64 -11.98 -2.78
C TYR C 534 24.29 -10.51 -3.03
N LYS C 535 25.24 -9.61 -2.76
CA LYS C 535 24.98 -8.19 -2.96
C LYS C 535 24.77 -7.88 -4.44
N THR C 536 25.62 -8.44 -5.30
CA THR C 536 25.54 -8.12 -6.72
C THR C 536 24.22 -8.56 -7.33
N PHE C 537 23.76 -9.77 -6.99
CA PHE C 537 22.64 -10.35 -7.70
C PHE C 537 21.29 -10.10 -7.04
N PHE C 538 21.23 -9.97 -5.72
CA PHE C 538 19.94 -9.71 -5.07
C PHE C 538 19.89 -8.34 -4.41
N ASN C 539 20.71 -8.08 -3.39
CA ASN C 539 20.78 -6.77 -2.75
C ASN C 539 21.66 -6.85 -1.50
N GLU C 540 21.81 -5.72 -0.81
CA GLU C 540 22.67 -5.67 0.37
C GLU C 540 21.99 -6.10 1.66
N PHE C 541 20.66 -6.25 1.68
CA PHE C 541 20.00 -6.80 2.86
C PHE C 541 20.37 -8.26 3.06
N VAL C 542 20.32 -9.04 1.98
CA VAL C 542 20.64 -10.47 2.02
C VAL C 542 22.09 -10.66 2.46
N ALA C 543 22.99 -9.88 1.86
CA ALA C 543 24.40 -9.99 2.16
C ALA C 543 24.69 -9.67 3.61
N TYR C 544 24.07 -8.62 4.14
CA TYR C 544 24.31 -8.25 5.53
C TYR C 544 23.70 -9.25 6.48
N GLN C 545 22.59 -9.87 6.11
CA GLN C 545 22.05 -10.96 6.93
C GLN C 545 23.04 -12.13 7.02
N GLN C 546 23.62 -12.53 5.88
CA GLN C 546 24.58 -13.62 5.91
C GLN C 546 25.83 -13.24 6.71
N LEU C 547 26.28 -12.00 6.55
CA LEU C 547 27.43 -11.53 7.32
C LEU C 547 27.13 -11.55 8.81
N SER C 548 25.90 -11.19 9.20
CA SER C 548 25.53 -11.25 10.60
C SER C 548 25.55 -12.68 11.12
N LYS C 549 25.11 -13.63 10.29
CA LYS C 549 25.24 -15.04 10.67
C LYS C 549 26.69 -15.38 10.96
N LEU C 550 27.60 -15.01 10.06
CA LEU C 550 29.01 -15.33 10.25
C LEU C 550 29.55 -14.68 11.51
N ILE C 551 29.18 -13.42 11.76
CA ILE C 551 29.65 -12.71 12.94
C ILE C 551 29.18 -13.41 14.21
N SER C 552 27.90 -13.81 14.25
CA SER C 552 27.39 -14.49 15.44
C SER C 552 28.11 -15.81 15.65
N LEU C 553 28.34 -16.56 14.57
CA LEU C 553 29.08 -17.81 14.71
C LEU C 553 30.47 -17.58 15.28
N ARG C 554 31.17 -16.54 14.81
CA ARG C 554 32.48 -16.24 15.38
C ARG C 554 32.36 -15.89 16.86
N GLN C 555 31.36 -15.09 17.21
CA GLN C 555 31.24 -14.63 18.59
C GLN C 555 30.90 -15.77 19.53
N VAL C 556 30.23 -16.81 19.05
CA VAL C 556 29.90 -17.94 19.93
C VAL C 556 31.17 -18.64 20.41
N GLY C 557 32.13 -18.85 19.51
CA GLY C 557 33.37 -19.50 19.86
C GLY C 557 33.47 -20.95 19.49
N GLY C 558 32.51 -21.48 18.72
CA GLY C 558 32.55 -22.87 18.34
C GLY C 558 33.71 -23.17 17.40
N PRO C 559 33.76 -24.41 16.93
CA PRO C 559 34.85 -24.80 16.02
C PRO C 559 34.83 -23.98 14.74
N LYS C 560 36.02 -23.66 14.24
CA LYS C 560 36.15 -22.90 13.01
C LYS C 560 35.97 -23.78 11.78
N PHE C 561 36.27 -25.06 11.89
CA PHE C 561 36.08 -26.03 10.81
C PHE C 561 35.29 -27.21 11.34
N VAL C 562 34.25 -27.60 10.61
CA VAL C 562 33.50 -28.83 10.90
C VAL C 562 33.41 -29.63 9.61
N ASP C 563 33.96 -30.84 9.63
CA ASP C 563 33.97 -31.72 8.46
C ASP C 563 34.64 -31.05 7.27
N GLY C 564 35.65 -30.23 7.53
CA GLY C 564 36.40 -29.56 6.48
C GLY C 564 35.77 -28.31 5.93
N VAL C 565 34.67 -27.84 6.50
CA VAL C 565 33.97 -26.66 6.03
C VAL C 565 34.22 -25.53 7.03
N GLN C 566 34.75 -24.41 6.53
CA GLN C 566 34.99 -23.25 7.39
C GLN C 566 33.66 -22.62 7.79
N GLN C 567 33.50 -22.35 9.08
CA GLN C 567 32.24 -21.84 9.61
C GLN C 567 32.23 -20.33 9.73
N TYR C 568 33.35 -19.72 10.14
CA TYR C 568 33.43 -18.28 10.27
C TYR C 568 34.84 -17.83 9.95
N MET C 569 34.98 -16.54 9.69
CA MET C 569 36.24 -15.93 9.28
C MET C 569 36.68 -14.90 10.31
N SER C 570 37.83 -14.27 10.05
CA SER C 570 38.43 -13.35 10.99
C SER C 570 37.61 -12.07 11.09
N MET C 571 37.97 -11.25 12.08
CA MET C 571 37.29 -9.97 12.29
C MET C 571 37.69 -8.93 11.27
N ARG C 572 38.95 -8.95 10.83
CA ARG C 572 39.39 -8.04 9.78
C ARG C 572 38.63 -8.28 8.50
N SER C 573 38.42 -9.54 8.14
CA SER C 573 37.64 -9.86 6.96
C SER C 573 36.20 -9.38 7.10
N GLU C 574 35.64 -9.47 8.31
CA GLU C 574 34.30 -8.96 8.54
C GLU C 574 34.24 -7.45 8.33
N ALA C 575 35.25 -6.72 8.82
CA ALA C 575 35.28 -5.28 8.58
C ALA C 575 35.39 -4.97 7.09
N ILE C 576 36.28 -5.68 6.39
CA ILE C 576 36.45 -5.43 4.96
C ILE C 576 35.14 -5.70 4.21
N SER C 577 34.44 -6.77 4.60
CA SER C 577 33.16 -7.06 4.00
C SER C 577 32.12 -6.00 4.32
N THR C 578 32.17 -5.44 5.53
CA THR C 578 31.25 -4.38 5.89
C THR C 578 31.45 -3.17 5.00
N TYR C 579 32.70 -2.82 4.72
CA TYR C 579 32.97 -1.69 3.83
C TYR C 579 32.57 -2.00 2.39
N ALA C 580 32.86 -3.22 1.92
CA ALA C 580 32.58 -3.57 0.53
C ALA C 580 31.10 -3.61 0.23
N LEU C 581 30.27 -3.96 1.20
CA LEU C 581 28.85 -4.22 0.99
C LEU C 581 27.98 -2.99 1.19
N CYS C 582 28.54 -1.85 1.55
CA CYS C 582 27.76 -0.68 1.93
C CYS C 582 27.41 0.11 0.68
N GLY C 583 26.29 -0.26 0.06
CA GLY C 583 25.86 0.40 -1.15
C GLY C 583 24.59 -0.20 -1.70
N PHE C 584 23.90 0.59 -2.50
CA PHE C 584 22.66 0.20 -3.17
C PHE C 584 22.88 -0.25 -4.61
N ALA C 585 24.10 -0.66 -4.95
CA ALA C 585 24.43 -1.03 -6.32
C ALA C 585 24.06 -2.49 -6.55
N ASN C 586 23.00 -2.71 -7.34
CA ASN C 586 22.63 -4.04 -7.79
C ASN C 586 21.91 -3.90 -9.12
N PHE C 587 21.92 -4.98 -9.89
CA PHE C 587 21.39 -4.93 -11.24
C PHE C 587 19.90 -4.60 -11.27
N GLY C 588 19.18 -4.91 -10.20
CA GLY C 588 17.75 -4.69 -10.18
C GLY C 588 17.28 -3.27 -9.89
N SER C 589 18.14 -2.42 -9.33
CA SER C 589 17.77 -1.06 -8.99
C SER C 589 18.05 -0.07 -10.12
N LEU C 590 18.61 -0.56 -11.23
CA LEU C 590 18.88 0.29 -12.38
C LEU C 590 17.60 0.89 -12.92
N GLY C 591 16.54 0.07 -13.00
CA GLY C 591 15.28 0.55 -13.54
C GLY C 591 14.64 1.62 -12.69
N ILE C 592 14.59 1.42 -11.36
CA ILE C 592 13.97 2.42 -10.51
C ILE C 592 14.79 3.70 -10.51
N VAL C 593 16.12 3.60 -10.52
CA VAL C 593 16.94 4.79 -10.58
C VAL C 593 16.63 5.58 -11.85
N ILE C 594 16.66 4.89 -13.00
CA ILE C 594 16.42 5.55 -14.26
C ILE C 594 15.03 6.18 -14.28
N GLY C 595 14.03 5.44 -13.81
CA GLY C 595 12.67 5.95 -13.84
C GLY C 595 12.51 7.19 -13.01
N GLY C 596 13.03 7.20 -11.79
CA GLY C 596 12.90 8.38 -10.95
C GLY C 596 13.64 9.56 -11.53
N LEU C 597 14.85 9.33 -12.06
CA LEU C 597 15.64 10.45 -12.56
C LEU C 597 15.00 11.03 -13.82
N THR C 598 14.42 10.18 -14.66
CA THR C 598 13.65 10.68 -15.80
C THR C 598 12.42 11.45 -15.34
N SER C 599 11.74 10.97 -14.30
CA SER C 599 10.58 11.68 -13.78
C SER C 599 10.96 13.09 -13.34
N MET C 600 12.10 13.23 -12.66
CA MET C 600 12.54 14.56 -12.26
C MET C 600 12.94 15.41 -13.48
N ALA C 601 13.59 14.80 -14.46
CA ALA C 601 14.08 15.49 -15.66
C ALA C 601 13.69 14.69 -16.90
N PRO C 602 12.47 14.84 -17.39
CA PRO C 602 12.05 14.08 -18.58
C PRO C 602 12.92 14.35 -19.81
N SER C 603 13.42 15.57 -19.96
CA SER C 603 14.17 15.92 -21.15
C SER C 603 15.47 15.14 -21.29
N ARG C 604 16.01 14.62 -20.19
CA ARG C 604 17.32 13.99 -20.18
C ARG C 604 17.23 12.46 -20.19
N LYS C 605 16.10 11.90 -20.60
CA LYS C 605 15.95 10.45 -20.58
C LYS C 605 17.03 9.76 -21.40
N ARG C 606 17.38 10.32 -22.56
CA ARG C 606 18.39 9.70 -23.40
C ARG C 606 19.74 9.65 -22.70
N ASP C 607 20.12 10.74 -22.01
CA ASP C 607 21.41 10.77 -21.35
C ASP C 607 21.42 9.88 -20.11
N ILE C 608 20.31 9.83 -19.37
CA ILE C 608 20.27 9.06 -18.14
C ILE C 608 20.51 7.58 -18.42
N THR C 609 19.84 7.05 -19.44
CA THR C 609 19.97 5.63 -19.75
C THR C 609 21.39 5.26 -20.14
N ALA C 610 22.09 6.17 -20.81
CA ALA C 610 23.42 5.86 -21.33
C ALA C 610 24.43 5.60 -20.21
N GLY C 611 24.39 6.42 -19.16
CA GLY C 611 25.41 6.36 -18.12
C GLY C 611 25.08 5.53 -16.91
N ALA C 612 23.92 4.88 -16.86
CA ALA C 612 23.48 4.21 -15.65
C ALA C 612 24.33 2.99 -15.32
N MET C 613 24.63 2.17 -16.34
CA MET C 613 25.41 0.96 -16.10
C MET C 613 26.84 1.30 -15.68
N ARG C 614 27.44 2.28 -16.35
CA ARG C 614 28.77 2.73 -15.95
C ARG C 614 28.74 3.28 -14.53
N ALA C 615 27.66 3.97 -14.16
CA ALA C 615 27.54 4.49 -12.81
C ALA C 615 27.46 3.38 -11.77
N LEU C 616 26.72 2.31 -12.08
CA LEU C 616 26.63 1.18 -11.17
C LEU C 616 27.98 0.51 -10.97
N ILE C 617 28.72 0.31 -12.07
CA ILE C 617 30.03 -0.30 -11.97
C ILE C 617 30.97 0.59 -11.15
N ALA C 618 30.90 1.90 -11.37
CA ALA C 618 31.73 2.83 -10.63
C ALA C 618 31.41 2.80 -9.14
N GLY C 619 30.13 2.71 -8.79
CA GLY C 619 29.76 2.62 -7.38
C GLY C 619 30.35 1.39 -6.71
N THR C 620 30.25 0.24 -7.38
CA THR C 620 30.87 -0.96 -6.85
C THR C 620 32.37 -0.75 -6.64
N ILE C 621 33.05 -0.17 -7.63
CA ILE C 621 34.49 0.07 -7.51
C ILE C 621 34.79 1.00 -6.34
N ALA C 622 33.94 2.01 -6.11
CA ALA C 622 34.15 2.92 -5.00
C ALA C 622 34.05 2.21 -3.66
N CYS C 623 33.05 1.35 -3.50
CA CYS C 623 32.96 0.56 -2.28
C CYS C 623 34.20 -0.31 -2.10
N PHE C 624 34.70 -0.89 -3.18
CA PHE C 624 35.90 -1.71 -3.06
C PHE C 624 37.13 -0.88 -2.70
N LEU C 625 37.21 0.37 -3.17
CA LEU C 625 38.33 1.23 -2.78
C LEU C 625 38.27 1.58 -1.29
N THR C 626 37.08 1.87 -0.78
CA THR C 626 36.94 2.09 0.65
C THR C 626 37.40 0.86 1.44
N ALA C 627 37.00 -0.32 0.95
CA ALA C 627 37.39 -1.56 1.61
C ALA C 627 38.90 -1.78 1.55
N CYS C 628 39.52 -1.43 0.43
CA CYS C 628 40.97 -1.56 0.30
C CYS C 628 41.69 -0.69 1.31
N ILE C 629 41.24 0.55 1.49
CA ILE C 629 41.90 1.41 2.47
C ILE C 629 41.70 0.85 3.88
N ALA C 630 40.48 0.44 4.21
CA ALA C 630 40.24 -0.13 5.53
C ALA C 630 41.14 -1.34 5.77
N GLY C 631 41.30 -2.18 4.75
CA GLY C 631 42.15 -3.34 4.89
C GLY C 631 43.61 -2.98 5.11
N MET C 632 44.11 -1.98 4.38
CA MET C 632 45.51 -1.63 4.54
C MET C 632 45.79 -0.91 5.85
N LEU C 633 44.75 -0.40 6.54
CA LEU C 633 44.99 0.23 7.83
C LEU C 633 44.67 -0.66 9.03
N THR C 634 43.87 -1.72 8.86
CA THR C 634 43.58 -2.61 9.97
C THR C 634 44.67 -3.67 10.12
N ASN C 635 44.84 -4.14 11.35
CA ASN C 635 45.86 -5.11 11.70
C ASN C 635 45.27 -6.50 11.84
N THR C 636 46.13 -7.50 11.73
CA THR C 636 45.73 -8.88 11.87
C THR C 636 45.73 -9.28 13.34
N PRO C 637 44.59 -9.71 13.90
CA PRO C 637 44.59 -10.12 15.31
C PRO C 637 45.04 -11.56 15.52
NA NA D . -7.40 -15.00 -17.08
NA NA E . -12.82 -21.49 -16.52
C1 LBN F . -24.50 -22.54 -41.74
P1 LBN F . -22.28 -21.16 -41.24
C2 LBN F . -24.35 -23.48 -40.53
C3 LBN F . -25.72 -23.90 -40.04
C5 LBN F . -20.72 -31.24 -33.45
O1 LBN F . -23.22 -22.16 -42.20
C8 LBN F . -19.18 -31.22 -33.38
O2 LBN F . -21.48 -21.99 -40.29
C11 LBN F . -18.75 -30.90 -31.94
O3 LBN F . -23.18 -20.23 -40.46
C14 LBN F . -18.56 -32.22 -31.16
O4 LBN F . -21.28 -20.28 -42.20
C17 LBN F . -18.81 -31.99 -29.68
C20 LBN F . -19.09 -33.30 -28.96
C22 LBN F . -19.34 -33.07 -27.48
C23 LBN F . -19.82 -34.31 -26.74
C24 LBN F . -19.78 -35.59 -27.56
C25 LBN F . -26.89 -24.36 -38.05
O5 LBN F . -25.67 -24.04 -38.66
C26 LBN F . -27.29 -25.82 -37.85
O6 LBN F . -27.63 -23.49 -37.72
C27 LBN F . -27.15 -26.28 -36.39
C28 LBN F . -27.40 -27.80 -36.25
C29 LBN F . -26.16 -28.64 -36.59
C30 LBN F . -25.89 -29.75 -35.57
C31 LBN F . -24.71 -30.64 -35.97
C34 LBN F . -23.12 -25.36 -39.78
O7 LBN F . -23.63 -24.64 -40.90
C35 LBN F . -23.78 -26.70 -39.33
O8 LBN F . -22.19 -24.93 -39.18
C36 LBN F . -22.83 -27.91 -39.55
C37 LBN F . -22.30 -28.47 -38.22
C38 LBN F . -21.40 -29.69 -38.45
C39 LBN F . -20.86 -30.29 -37.15
C40 LBN F . -21.24 -31.76 -37.00
C41 LBN F . -20.61 -32.35 -35.71
C42 LBN F . -21.37 -31.74 -34.51
H1 LBN F . -25.02 -23.05 -42.53
H2 LBN F . -25.07 -21.66 -41.45
H3 LBN F . -23.83 -22.97 -39.74
H4 LBN F . -26.00 -24.85 -40.50
H5 LBN F . -26.46 -23.15 -40.30
H8 LBN F . -21.29 -30.82 -32.63
H13 LBN F . -18.78 -30.47 -34.05
H14 LBN F . -18.79 -32.19 -33.66
H19 LBN F . -17.81 -30.37 -31.94
H25 LBN F . -19.26 -32.95 -31.54
H32 LBN F . -17.93 -31.52 -29.23
H33 LBN F . -19.67 -31.35 -29.56
H39 LBN F . -18.23 -33.95 -29.09
H40 LBN F . -19.96 -33.76 -29.42
H44 LBN F . -20.12 -32.31 -27.40
H45 LBN F . -18.43 -32.71 -27.02
H46 LBN F . -19.19 -34.43 -25.86
H47 LBN F . -20.83 -34.13 -26.42
H48 LBN F . -19.99 -36.44 -26.93
H49 LBN F . -18.79 -35.73 -28.00
H50 LBN F . -20.52 -35.54 -28.35
H51 LBN F . -26.66 -26.44 -38.48
H52 LBN F . -28.32 -25.96 -38.17
H53 LBN F . -26.14 -26.05 -36.03
H54 LBN F . -27.87 -25.75 -35.79
H55 LBN F . -28.20 -28.07 -36.94
H56 LBN F . -27.73 -28.01 -35.24
H57 LBN F . -25.30 -27.99 -36.65
H58 LBN F . -26.31 -29.10 -37.56
H59 LBN F . -25.67 -29.29 -34.61
H60 LBN F . -26.78 -30.36 -35.47
H61 LBN F . -23.79 -30.19 -35.64
H62 LBN F . -24.70 -30.72 -37.06
H67 LBN F . -24.69 -26.86 -39.92
H68 LBN F . -24.05 -26.64 -38.29
H69 LBN F . -21.99 -27.60 -40.15
H70 LBN F . -23.37 -28.70 -40.06
H71 LBN F . -21.74 -27.71 -37.70
H72 LBN F . -23.14 -28.78 -37.61
H73 LBN F . -20.55 -29.39 -39.08
H74 LBN F . -21.97 -30.45 -38.98
H75 LBN F . -21.29 -29.73 -36.32
H76 LBN F . -22.32 -31.84 -36.95
H77 LBN F . -19.56 -32.10 -35.69
H78 LBN F . -20.74 -33.42 -35.71
H79 LBN F . -22.45 -31.74 -34.52
H80 LBN F . -19.51 -30.32 -31.45
H81 LBN F . -17.55 -32.58 -31.31
H82 LBN F . -19.79 -30.19 -37.13
H83 LBN F . -20.89 -32.30 -37.88
C1 LBN G . 14.50 -30.06 -8.32
P1 LBN G . 13.24 -32.00 -7.05
C2 LBN G . 13.78 -29.15 -9.32
C3 LBN G . 14.49 -29.21 -10.65
C5 LBN G . 5.39 -21.70 -12.41
O1 LBN G . 13.60 -30.40 -7.29
C8 LBN G . 4.07 -21.83 -11.63
O2 LBN G . 14.52 -32.79 -6.89
O3 LBN G . 12.46 -32.52 -8.24
O4 LBN G . 12.33 -32.16 -5.69
C25 LBN G . 14.74 -27.91 -12.60
O5 LBN G . 14.51 -27.93 -11.21
C26 LBN G . 14.32 -26.68 -13.42
O6 LBN G . 15.24 -28.84 -13.14
C27 LBN G . 15.49 -26.05 -14.19
C28 LBN G . 15.23 -24.57 -14.53
C34 LBN G . 11.52 -28.56 -9.74
O7 LBN G . 12.45 -29.60 -9.47
C35 LBN G . 11.12 -28.24 -11.20
O8 LBN G . 11.06 -27.92 -8.84
C36 LBN G . 9.61 -27.89 -11.31
C37 LBN G . 9.33 -26.40 -11.09
C38 LBN G . 8.64 -25.77 -12.30
C39 LBN G . 7.20 -26.26 -12.46
C40 LBN G . 6.31 -25.26 -13.21
C41 LBN G . 5.66 -24.19 -12.30
C42 LBN G . 6.12 -22.79 -12.72
H1 LBN G . 14.82 -30.96 -8.83
H2 LBN G . 15.37 -29.56 -7.90
H3 LBN G . 13.78 -28.13 -8.95
H4 LBN G . 13.96 -29.89 -11.31
H5 LBN G . 15.50 -29.57 -10.51
H8 LBN G . 5.73 -20.72 -12.72
H13 LBN G . 4.20 -22.52 -10.81
H14 LBN G . 3.31 -22.22 -12.30
H51 LBN G . 13.90 -25.95 -12.75
H52 LBN G . 13.56 -26.99 -14.14
H53 LBN G . 16.39 -26.12 -13.59
H54 LBN G . 15.65 -26.60 -15.11
H55 LBN G . 15.50 -23.96 -13.68
H56 LBN G . 14.18 -24.43 -14.74
H67 LBN G . 11.33 -29.10 -11.82
H68 LBN G . 11.71 -27.40 -11.56
H69 LBN G . 9.08 -28.48 -10.59
H70 LBN G . 9.27 -28.17 -12.31
H71 LBN G . 8.69 -26.31 -10.23
H72 LBN G . 10.26 -25.90 -10.91
H73 LBN G . 9.21 -26.02 -13.19
H74 LBN G . 8.63 -24.70 -12.17
H75 LBN G . 7.21 -27.20 -13.02
H76 LBN G . 6.93 -24.74 -13.95
H77 LBN G . 5.94 -24.37 -11.26
H78 LBN G . 4.59 -24.26 -12.39
H79 LBN G . 7.05 -22.67 -13.27
H82 LBN G . 6.77 -26.46 -11.49
H83 LBN G . 5.53 -25.79 -13.74
NA NA H . -16.25 14.15 10.58
NA NA I . -16.78 16.57 18.69
C1 LBN J . -28.96 41.54 17.33
P1 LBN J . -28.93 39.84 15.28
C2 LBN J . -28.71 40.47 18.40
C3 LBN J . -27.94 41.07 19.55
C5 LBN J . -29.85 31.76 25.20
O1 LBN J . -29.67 40.98 16.24
C8 LBN J . -30.54 30.60 24.47
O2 LBN J . -29.13 38.47 15.87
C11 LBN J . -29.59 29.39 24.46
O3 LBN J . -27.46 40.14 15.18
C14 LBN J . -29.86 28.50 25.68
O4 LBN J . -29.61 39.89 13.77
C17 LBN J . -28.60 27.74 26.08
C20 LBN J . -28.68 27.23 27.50
C22 LBN J . -27.43 26.50 27.90
C23 LBN J . -27.37 26.13 29.38
C24 LBN J . -28.64 26.41 30.15
C25 LBN J . -26.26 40.54 21.11
O5 LBN J . -27.10 40.08 20.07
C26 LBN J . -26.73 40.42 22.56
O6 LBN J . -25.21 40.99 20.86
C27 LBN J . -26.05 39.27 23.32
C28 LBN J . -26.65 39.11 24.73
C29 LBN J . -27.94 38.26 24.72
C30 LBN J . -27.97 37.20 25.82
C31 LBN J . -29.32 36.45 25.86
C34 LBN J . -29.82 38.73 19.58
O7 LBN J . -29.94 39.97 18.89
C35 LBN J . -29.93 38.68 21.13
O8 LBN J . -29.63 37.73 18.97
C36 LBN J . -31.18 37.91 21.60
C37 LBN J . -30.84 36.55 22.22
C38 LBN J . -32.10 35.82 22.70
C39 LBN J . -31.79 34.47 23.34
C40 LBN J . -32.31 34.39 24.78
C41 LBN J . -32.06 32.98 25.36
C42 LBN J . -30.54 32.84 25.60
H1 LBN J . -29.52 42.35 17.75
H2 LBN J . -28.01 41.92 16.96
H3 LBN J . -28.14 39.65 17.96
H4 LBN J . -28.64 41.40 20.32
H5 LBN J . -27.35 41.92 19.21
H8 LBN J . -28.78 31.71 25.39
H13 LBN J . -30.79 30.87 23.45
H14 LBN J . -31.44 30.32 25.01
H19 LBN J . -29.75 28.79 23.56
H25 LBN J . -30.18 29.13 26.50
H32 LBN J . -28.47 26.90 25.40
H33 LBN J . -27.75 28.40 26.00
H39 LBN J . -29.54 26.58 27.59
H40 LBN J . -28.82 28.09 28.16
H44 LBN J . -26.57 27.13 27.68
H45 LBN J . -27.36 25.59 27.31
H46 LBN J . -27.14 25.07 29.45
H47 LBN J . -26.55 26.69 29.83
H48 LBN J . -28.57 26.00 31.15
H49 LBN J . -29.49 25.96 29.65
H50 LBN J . -28.80 27.48 30.23
H51 LBN J . -27.80 40.27 22.57
H52 LBN J . -26.52 41.36 23.07
H53 LBN J . -26.16 38.36 22.76
H54 LBN J . -25.00 39.51 23.42
H55 LBN J . -26.88 40.09 25.12
H56 LBN J . -25.92 38.63 25.37
H57 LBN J . -28.05 37.79 23.75
H58 LBN J . -28.79 38.93 24.87
H59 LBN J . -27.18 36.48 25.64
H60 LBN J . -27.81 37.68 26.78
H61 LBN J . -29.29 35.63 25.15
H62 LBN J . -30.12 37.14 25.57
H67 LBN J . -29.97 39.70 21.51
H68 LBN J . -29.04 38.20 21.53
H69 LBN J . -31.84 37.76 20.75
H70 LBN J . -31.70 38.51 22.34
H71 LBN J . -30.34 35.94 21.48
H72 LBN J . -30.18 36.71 23.06
H73 LBN J . -32.77 35.67 21.87
H74 LBN J . -32.60 36.45 23.45
H75 LBN J . -30.71 34.33 23.35
H76 LBN J . -31.80 35.13 25.39
H77 LBN J . -32.41 32.24 24.66
H78 LBN J . -32.57 32.87 26.30
H79 LBN J . -30.01 33.65 26.11
H80 LBN J . -28.56 29.72 24.50
H81 LBN J . -30.65 27.79 25.46
H82 LBN J . -32.24 33.69 22.76
H83 LBN J . -33.37 34.60 24.78
C1 LBN K . -29.08 -10.33 15.11
P1 LBN K . -28.65 -10.58 17.70
C2 LBN K . -28.92 -8.98 14.39
C3 LBN K . -30.20 -8.62 13.69
C5 LBN K . -22.90 0.53 11.36
O1 LBN K . -28.11 -10.40 16.13
C8 LBN K . -21.80 0.95 12.36
O2 LBN K . -29.59 -11.76 17.78
O3 LBN K . -29.37 -9.33 18.13
O4 LBN K . -27.36 -10.84 18.69
C25 LBN K . -30.94 -7.29 11.90
O5 LBN K . -29.89 -8.04 12.46
C26 LBN K . -30.64 -6.22 10.84
O6 LBN K . -32.07 -7.47 12.24
C27 LBN K . -31.39 -6.46 9.52
C28 LBN K . -30.69 -5.78 8.32
C34 LBN K . -27.78 -6.94 14.87
O7 LBN K . -28.62 -7.98 15.36
C35 LBN K . -28.41 -5.62 14.34
O8 LBN K . -26.60 -7.08 14.85
C36 LBN K . -27.58 -4.40 14.76
C37 LBN K . -26.48 -4.07 13.74
C38 LBN K . -26.61 -2.65 13.18
C39 LBN K . -26.30 -1.57 14.22
C40 LBN K . -25.84 -0.26 13.58
C41 LBN K . -24.32 -0.20 13.32
C42 LBN K . -24.06 -0.01 11.81
H1 LBN K . -30.06 -10.38 15.54
H2 LBN K . -28.93 -11.14 14.40
H3 LBN K . -28.11 -9.04 13.67
H4 LBN K . -30.76 -7.92 14.29
H5 LBN K . -30.80 -9.52 13.55
H8 LBN K . -22.75 0.66 10.31
H13 LBN K . -21.69 0.18 13.11
H14 LBN K . -22.10 1.88 12.83
H51 LBN K . -29.57 -6.22 10.65
H52 LBN K . -30.92 -5.26 11.24
H53 LBN K . -31.45 -7.53 9.33
H54 LBN K . -32.39 -6.06 9.61
H55 LBN K . -29.91 -6.43 7.96
H56 LBN K . -30.25 -4.85 8.66
H67 LBN K . -29.41 -5.53 14.76
H68 LBN K . -28.49 -5.67 13.26
H69 LBN K . -27.13 -4.59 15.72
H70 LBN K . -28.24 -3.53 14.84
H71 LBN K . -25.52 -4.15 14.23
H72 LBN K . -26.53 -4.78 12.93
H73 LBN K . -27.64 -2.52 12.83
H74 LBN K . -25.95 -2.54 12.34
H75 LBN K . -27.20 -1.39 14.81
H76 LBN K . -26.36 -0.13 12.65
H77 LBN K . -23.84 -1.12 13.65
H78 LBN K . -23.90 0.63 13.85
H79 LBN K . -24.82 -0.30 11.10
H82 LBN K . -25.53 -1.94 14.89
H83 LBN K . -26.12 0.57 14.25
NA NA L . 22.78 7.29 -0.55
NA NA M . 29.90 2.74 0.24
C1 LBN N . 48.47 16.85 -14.91
P1 LBN N . 46.14 17.90 -14.16
C2 LBN N . 48.50 15.78 -13.81
C3 LBN N . 49.24 14.55 -14.31
C5 LBN N . 48.97 10.60 -3.99
O1 LBN N . 47.78 17.99 -14.43
C8 LBN N . 48.18 11.39 -2.93
O2 LBN N . 45.89 17.41 -12.76
C11 LBN N . 47.06 10.50 -2.39
O3 LBN N . 45.52 16.93 -15.14
C14 LBN N . 47.54 9.74 -1.15
O4 LBN N . 45.46 19.38 -14.35
C17 LBN N . 46.78 8.42 -1.00
C20 LBN N . 47.52 7.46 -0.10
C22 LBN N . 46.78 6.14 0.03
C23 LBN N . 47.56 5.06 0.76
C24 LBN N . 48.86 5.53 1.38
C25 LBN N . 49.19 12.20 -14.19
O5 LBN N . 48.65 13.42 -13.73
C26 LBN N . 50.36 11.57 -13.42
O6 LBN N . 48.75 11.67 -15.15
C27 LBN N . 49.91 10.37 -12.56
C28 LBN N . 51.08 9.85 -11.69
C29 LBN N . 51.25 10.66 -10.40
C30 LBN N . 51.42 9.77 -9.15
C31 LBN N . 51.71 10.60 -7.88
C34 LBN N . 48.90 15.50 -11.48
O7 LBN N . 49.17 16.26 -12.66
C35 LBN N . 50.00 14.54 -10.91
O8 LBN N . 47.85 15.60 -10.94
C36 LBN N . 50.51 15.02 -9.53
C37 LBN N . 50.02 14.13 -8.38
C38 LBN N . 50.58 14.60 -7.04
C39 LBN N . 50.13 13.72 -5.87
C40 LBN N . 51.32 13.14 -5.11
C41 LBN N . 50.83 12.33 -3.89
C42 LBN N . 50.17 11.03 -4.42
H1 LBN N . 49.48 17.12 -15.16
H2 LBN N . 47.96 16.46 -15.78
H3 LBN N . 47.49 15.50 -13.54
H4 LBN N . 50.28 14.61 -14.02
H5 LBN N . 49.18 14.49 -15.39
H8 LBN N . 48.55 9.69 -4.40
H13 LBN N . 47.75 12.29 -3.35
H14 LBN N . 48.84 11.65 -2.10
H19 LBN N . 46.19 11.10 -2.10
H25 LBN N . 48.59 9.53 -1.26
H32 LBN N . 45.80 8.63 -0.58
H33 LBN N . 46.68 7.96 -1.98
H39 LBN N . 47.64 7.91 0.87
H40 LBN N . 48.50 7.28 -0.53
H44 LBN N . 46.55 5.78 -0.96
H45 LBN N . 45.85 6.32 0.55
H46 LBN N . 46.92 4.66 1.55
H47 LBN N . 47.77 4.27 0.05
H48 LBN N . 49.28 4.75 2.00
H49 LBN N . 48.70 6.41 2.00
H50 LBN N . 49.57 5.78 0.60
H51 LBN N . 50.79 12.32 -12.77
H52 LBN N . 51.10 11.25 -14.13
H53 LBN N . 49.09 10.66 -11.93
H54 LBN N . 49.60 9.57 -13.22
H55 LBN N . 52.00 9.93 -12.27
H56 LBN N . 50.91 8.81 -11.45
H57 LBN N . 50.38 11.29 -10.25
H58 LBN N . 52.12 11.29 -10.50
H59 LBN N . 50.53 9.18 -9.00
H60 LBN N . 52.27 9.10 -9.32
H61 LBN N . 50.77 10.90 -7.44
H62 LBN N . 52.27 11.49 -8.16
H67 LBN N . 50.82 14.51 -11.60
H68 LBN N . 49.57 13.56 -10.81
H69 LBN N . 50.16 16.03 -9.36
H70 LBN N . 51.59 15.02 -9.54
H71 LBN N . 48.94 14.15 -8.35
H72 LBN N . 50.36 13.11 -8.56
H73 LBN N . 50.26 15.62 -6.84
H74 LBN N . 51.67 14.59 -7.08
H75 LBN N . 49.54 12.90 -6.26
H76 LBN N . 51.88 12.50 -5.77
H77 LBN N . 50.12 12.92 -3.33
H78 LBN N . 51.66 12.06 -3.25
H79 LBN N . 50.70 10.45 -5.17
H80 LBN N . 46.75 9.78 -3.14
H81 LBN N . 47.39 10.34 -0.27
H82 LBN N . 49.52 14.31 -5.19
H83 LBN N . 51.95 13.95 -4.77
C1 LBN O . 18.87 9.45 27.08
P1 LBN O . 20.29 7.37 27.91
C2 LBN O . 19.03 10.03 25.68
C3 LBN O . 19.37 11.50 25.78
C5 LBN O . 19.19 9.28 14.06
O1 LBN O . 19.05 8.06 27.02
C8 LBN O . 19.55 7.90 13.49
O2 LBN O . 20.16 7.81 29.34
O3 LBN O . 21.61 7.83 27.36
O4 LBN O . 20.20 5.73 27.82
C25 LBN O . 19.24 13.46 24.48
O5 LBN O . 18.70 12.19 24.77
C26 LBN O . 18.94 14.11 23.13
O6 LBN O . 19.92 14.01 25.27
C27 LBN O . 18.27 15.49 23.26
C28 LBN O . 17.49 15.89 22.00
C34 LBN O . 19.90 9.24 23.61
O7 LBN O . 20.08 9.35 25.02
C35 LBN O . 20.57 10.28 22.67
O8 LBN O . 19.23 8.36 23.17
C36 LBN O . 21.11 9.61 21.39
C37 LBN O . 20.05 9.53 20.28
C38 LBN O . 20.51 10.25 19.01
C39 LBN O . 21.65 9.51 18.30
C40 LBN O . 21.71 9.83 16.80
C41 LBN O . 20.81 8.90 15.93
C42 LBN O . 19.76 9.74 15.19
H1 LBN O . 19.61 9.87 27.74
H2 LBN O . 17.87 9.66 27.47
H3 LBN O . 18.10 9.91 25.13
H4 LBN O . 20.43 11.63 25.66
H5 LBN O . 19.07 11.87 26.76
H8 LBN O . 18.45 9.89 13.56
H13 LBN O . 19.59 7.18 14.31
H14 LBN O . 20.53 7.96 13.03
H51 LBN O . 18.29 13.47 22.56
H52 LBN O . 19.88 14.23 22.59
H53 LBN O . 17.60 15.48 24.11
H54 LBN O . 19.04 16.24 23.45
H55 LBN O . 16.51 15.45 22.05
H56 LBN O . 18.01 15.51 21.14
H67 LBN O . 21.39 10.76 23.19
H68 LBN O . 19.84 11.04 22.41
H69 LBN O . 21.44 8.61 21.64
H70 LBN O . 21.96 10.19 21.02
H71 LBN O . 19.88 8.49 20.05
H72 LBN O . 19.14 9.98 20.63
H73 LBN O . 20.84 11.25 19.28
H74 LBN O . 19.67 10.33 18.33
H75 LBN O . 22.59 9.82 18.76
H76 LBN O . 21.39 10.85 16.64
H77 LBN O . 20.31 8.17 16.57
H78 LBN O . 21.43 8.38 15.22
H79 LBN O . 19.49 10.72 15.57
H82 LBN O . 21.53 8.45 18.45
H83 LBN O . 22.73 9.74 16.46
#